data_2PM7
#
_entry.id   2PM7
#
_cell.length_a   128.190
_cell.length_b   52.500
_cell.length_c   133.090
_cell.angle_alpha   90.00
_cell.angle_beta   108.34
_cell.angle_gamma   90.00
#
_symmetry.space_group_name_H-M   'P 1 21 1'
#
loop_
_entity.id
_entity.type
_entity.pdbx_description
1 polymer 'Protein transport protein SEC31'
2 polymer 'Protein transport protein SEC13'
3 water water
#
loop_
_entity_poly.entity_id
_entity_poly.type
_entity_poly.pdbx_seq_one_letter_code
_entity_poly.pdbx_strand_id
1 'polypeptide(L)'
;GA(MSE)GSHLQAPTWYGEPSPAAHWAFGGKLVQITPDGKGVSITNPKISGLESNTTLSEALKTKDFKPLINQRLVKVID
DVNEEDWN(MSE)LEKLS(MSE)DGTEEFLKEALAFDNDESDAQDDANNEKEDDGEEFFQQIETNFQPEGDFSLSGNIEQ
TISKNLVSGNIKSAVKNSLENDL(MSE)(MSE)EA(MSE)VIALDSNNERLKESVKNAYFAKYGSKSSLSRILYSISKRE
VDDLVENLDVSQWKFISKAIQNLYPNDIAQRNE(MSE)(MSE)IKLGDR(MSE)KENGHRQDSLTLYLAAGSLDKVASIW
LSEFPDLEDKLKKDNKTIYEAHSEC(MSE)TEFIERFTVFSNFINGSSTINNEQLIAKFLEFINLTTSTGNFELATEFLN
SLPSDNEEVKTEKARVLIASGKSLPAQNPATATTSKAKY
;
A,C
2 'polypeptide(L)'
;(MSE)VVIANAHNE(MSE)IHDAV(MSE)DYYGKR(MSE)ATCSSDKTIKIFEVEGETHKLIDTLTGHEGPVWRVDWAHP
KFGTILASCSYDGKV(MSE)IWKEENGRWSQIAVHAVHSASVNSVQWAPHEYGP(MSE)LLVASSDGKVSVVEFKENGTT
SPIIIDAHAIGVNSASWAPATIEEDGEHNGTKESRKFVTGGADNLVKIWKYNSDAQTYVLESTLEGHSDWVRDVAWSPTV
LLRSY(MSE)ASVSQDRTCIIWTQDNEQGPWKKTLLKEEKFPDVLWRASWSLSGNVLALSGGDNKVTLWKENLEGKWEPA
GEVHQ
;
B,D
#
# COMPACT_ATOMS: atom_id res chain seq x y z
N ALA A 9 105.31 -30.06 -22.74
CA ALA A 9 105.76 -30.24 -21.33
C ALA A 9 104.83 -29.51 -20.38
N PRO A 10 104.61 -30.05 -19.16
CA PRO A 10 103.74 -29.44 -18.16
C PRO A 10 104.52 -28.53 -17.23
N THR A 11 103.92 -27.41 -16.81
CA THR A 11 104.60 -26.52 -15.89
C THR A 11 103.68 -26.09 -14.76
N TRP A 12 104.26 -25.93 -13.56
CA TRP A 12 103.48 -25.54 -12.41
C TRP A 12 102.79 -24.17 -12.49
N TYR A 13 103.50 -23.15 -12.97
CA TYR A 13 102.92 -21.81 -13.02
C TYR A 13 103.22 -20.90 -14.22
N GLY A 14 102.50 -19.77 -14.24
CA GLY A 14 102.69 -18.77 -15.28
C GLY A 14 102.20 -19.12 -16.66
N GLU A 15 101.29 -20.07 -16.75
CA GLU A 15 100.80 -20.45 -18.05
C GLU A 15 99.76 -19.42 -18.52
N PRO A 16 99.58 -19.29 -19.84
CA PRO A 16 98.63 -18.35 -20.42
C PRO A 16 97.21 -18.88 -20.26
N SER A 17 96.25 -17.98 -20.07
CA SER A 17 94.86 -18.38 -19.90
C SER A 17 93.87 -17.22 -19.79
N PRO A 18 92.68 -17.38 -20.40
CA PRO A 18 91.62 -16.36 -20.38
C PRO A 18 91.14 -16.07 -18.95
N ALA A 19 91.24 -17.06 -18.08
CA ALA A 19 90.80 -16.91 -16.69
C ALA A 19 89.43 -16.26 -16.57
N ALA A 20 88.45 -16.75 -17.33
CA ALA A 20 87.11 -16.16 -17.28
C ALA A 20 86.38 -16.23 -15.93
N HIS A 21 85.52 -15.23 -15.71
CA HIS A 21 84.70 -15.11 -14.51
C HIS A 21 83.40 -14.44 -14.95
N TRP A 22 82.28 -14.76 -14.30
CA TRP A 22 81.02 -14.11 -14.63
C TRP A 22 80.93 -12.94 -13.65
N ALA A 23 80.35 -11.85 -14.10
CA ALA A 23 80.21 -10.68 -13.25
C ALA A 23 78.76 -10.22 -13.31
N PHE A 24 78.26 -9.74 -12.17
CA PHE A 24 76.90 -9.27 -12.06
C PHE A 24 76.44 -8.56 -13.32
N GLY A 25 75.17 -8.70 -13.65
CA GLY A 25 74.64 -8.06 -14.86
C GLY A 25 74.80 -8.91 -16.09
N GLY A 26 75.24 -10.15 -15.90
CA GLY A 26 75.42 -11.07 -17.02
C GLY A 26 76.65 -10.72 -17.82
N LYS A 27 77.70 -10.30 -17.13
CA LYS A 27 78.93 -9.92 -17.78
C LYS A 27 79.99 -11.02 -17.70
N LEU A 28 80.75 -11.16 -18.79
CA LEU A 28 81.82 -12.16 -18.88
C LEU A 28 83.19 -11.50 -19.03
N VAL A 29 83.98 -11.54 -17.95
CA VAL A 29 85.32 -10.96 -17.95
C VAL A 29 86.36 -12.00 -18.32
N GLN A 30 87.30 -11.62 -19.19
CA GLN A 30 88.35 -12.54 -19.61
C GLN A 30 89.62 -11.80 -20.03
N ILE A 31 90.66 -12.56 -20.37
CA ILE A 31 91.94 -12.00 -20.79
C ILE A 31 92.18 -12.29 -22.26
N THR A 32 92.71 -11.30 -22.98
CA THR A 32 92.97 -11.44 -24.40
C THR A 32 94.19 -12.30 -24.72
N PRO A 33 94.21 -12.90 -25.92
CA PRO A 33 95.29 -13.77 -26.41
C PRO A 33 96.71 -13.24 -26.25
N ASP A 34 96.84 -11.93 -25.97
CA ASP A 34 98.17 -11.35 -25.79
C ASP A 34 98.63 -11.44 -24.35
N GLY A 35 97.71 -11.84 -23.47
CA GLY A 35 98.04 -11.98 -22.06
C GLY A 35 98.18 -10.66 -21.33
N LYS A 36 97.97 -9.56 -22.04
CA LYS A 36 98.10 -8.26 -21.40
C LYS A 36 96.83 -7.42 -21.45
N GLY A 37 95.75 -7.98 -22.00
CA GLY A 37 94.50 -7.23 -22.09
C GLY A 37 93.33 -7.90 -21.40
N VAL A 38 92.38 -7.07 -20.95
CA VAL A 38 91.17 -7.53 -20.28
C VAL A 38 89.96 -7.20 -21.16
N SER A 39 88.97 -8.09 -21.19
CA SER A 39 87.79 -7.87 -22.03
C SER A 39 86.47 -8.17 -21.31
N ILE A 40 85.65 -7.15 -21.13
CA ILE A 40 84.36 -7.29 -20.45
C ILE A 40 83.22 -7.24 -21.46
N THR A 41 82.48 -8.34 -21.61
CA THR A 41 81.35 -8.36 -22.54
C THR A 41 80.11 -9.03 -21.98
N ASN A 42 79.04 -9.02 -22.77
CA ASN A 42 77.77 -9.65 -22.38
C ASN A 42 77.41 -10.76 -23.36
N PRO A 43 77.84 -11.99 -23.07
CA PRO A 43 77.60 -13.17 -23.89
C PRO A 43 76.15 -13.35 -24.32
N LYS A 44 75.96 -13.91 -25.51
CA LYS A 44 74.63 -14.17 -26.02
C LYS A 44 74.17 -15.52 -25.48
N ILE A 45 73.34 -15.48 -24.46
CA ILE A 45 72.83 -16.71 -23.85
C ILE A 45 71.47 -17.05 -24.45
N SER A 46 71.50 -17.91 -25.46
CA SER A 46 70.29 -18.34 -26.14
C SER A 46 69.22 -18.72 -25.11
N GLY A 47 67.99 -18.25 -25.33
CA GLY A 47 66.92 -18.55 -24.40
C GLY A 47 66.79 -17.47 -23.36
N LEU A 48 67.86 -16.70 -23.17
CA LEU A 48 67.84 -15.62 -22.19
C LEU A 48 67.99 -14.29 -22.91
N GLU A 49 66.88 -13.57 -23.03
CA GLU A 49 66.86 -12.27 -23.69
C GLU A 49 66.28 -11.25 -22.73
N SER A 50 66.60 -9.98 -22.94
CA SER A 50 66.08 -8.93 -22.07
C SER A 50 64.60 -8.77 -22.40
N ASN A 51 63.78 -8.48 -21.39
CA ASN A 51 62.34 -8.31 -21.58
C ASN A 51 61.99 -6.88 -22.00
N THR A 52 62.08 -6.61 -23.30
CA THR A 52 61.76 -5.28 -23.81
C THR A 52 60.29 -4.96 -23.63
N THR A 53 59.45 -5.73 -24.30
CA THR A 53 58.01 -5.55 -24.25
C THR A 53 57.54 -5.06 -22.90
N LEU A 54 57.85 -5.83 -21.85
CA LEU A 54 57.45 -5.47 -20.50
C LEU A 54 57.97 -4.09 -20.09
N SER A 55 59.17 -3.76 -20.55
CA SER A 55 59.76 -2.45 -20.22
C SER A 55 59.06 -1.32 -20.96
N GLU A 56 58.72 -1.57 -22.23
CA GLU A 56 58.06 -0.58 -23.07
C GLU A 56 56.57 -0.39 -22.71
N ALA A 57 55.93 -1.47 -22.30
CA ALA A 57 54.52 -1.39 -21.93
C ALA A 57 54.44 -0.84 -20.50
N LEU A 58 55.46 -1.09 -19.71
CA LEU A 58 55.49 -0.61 -18.33
C LEU A 58 55.66 0.90 -18.31
N LYS A 59 56.11 1.45 -19.43
CA LYS A 59 56.32 2.89 -19.58
C LYS A 59 55.15 3.49 -20.37
N THR A 60 54.90 2.95 -21.56
CA THR A 60 53.80 3.43 -22.40
C THR A 60 52.46 2.99 -21.84
N LYS A 61 52.50 1.99 -20.97
CA LYS A 61 51.30 1.43 -20.34
C LYS A 61 50.24 0.94 -21.31
N ASP A 62 50.69 0.40 -22.43
CA ASP A 62 49.82 -0.16 -23.44
C ASP A 62 50.20 -1.64 -23.49
N PHE A 63 49.44 -2.46 -22.77
CA PHE A 63 49.74 -3.88 -22.70
C PHE A 63 49.11 -4.66 -23.85
N LYS A 64 48.65 -3.94 -24.88
CA LYS A 64 48.04 -4.57 -26.05
C LYS A 64 48.97 -5.67 -26.59
N PRO A 65 50.25 -5.33 -26.83
CA PRO A 65 51.21 -6.32 -27.36
C PRO A 65 51.54 -7.42 -26.37
N LEU A 66 51.91 -7.03 -25.15
CA LEU A 66 52.26 -7.99 -24.11
C LEU A 66 51.14 -9.01 -23.91
N ILE A 67 49.91 -8.53 -23.83
CA ILE A 67 48.75 -9.40 -23.66
C ILE A 67 48.70 -10.34 -24.86
N ASN A 68 48.88 -9.75 -26.04
CA ASN A 68 48.84 -10.47 -27.29
C ASN A 68 49.86 -11.61 -27.36
N GLN A 69 51.10 -11.32 -26.98
CA GLN A 69 52.16 -12.33 -27.00
C GLN A 69 51.79 -13.56 -26.19
N ARG A 70 51.48 -13.36 -24.91
CA ARG A 70 51.10 -14.44 -24.02
C ARG A 70 49.94 -15.24 -24.60
N LEU A 71 48.90 -14.52 -25.00
CA LEU A 71 47.71 -15.12 -25.58
C LEU A 71 48.10 -16.07 -26.72
N VAL A 72 48.93 -15.57 -27.63
CA VAL A 72 49.38 -16.35 -28.77
C VAL A 72 50.14 -17.62 -28.35
N LYS A 73 51.04 -17.48 -27.39
CA LYS A 73 51.83 -18.61 -26.90
C LYS A 73 51.38 -19.04 -25.49
N VAL A 74 50.07 -19.15 -25.29
CA VAL A 74 49.51 -19.55 -24.00
C VAL A 74 49.62 -21.05 -23.78
N ILE A 75 49.71 -21.44 -22.51
CA ILE A 75 49.83 -22.84 -22.12
C ILE A 75 48.49 -23.55 -21.94
N ASP A 76 48.22 -24.08 -20.74
CA ASP A 76 46.97 -24.79 -20.50
C ASP A 76 45.72 -23.94 -20.74
N ASP A 77 44.56 -24.60 -20.77
CA ASP A 77 43.28 -23.94 -21.02
C ASP A 77 42.91 -22.82 -20.03
N VAL A 78 43.12 -23.08 -18.74
CA VAL A 78 42.81 -22.11 -17.70
C VAL A 78 43.57 -20.82 -17.90
N ASN A 79 44.89 -20.94 -18.04
CA ASN A 79 45.75 -19.78 -18.24
C ASN A 79 45.26 -18.92 -19.39
N GLU A 80 44.75 -19.57 -20.44
CA GLU A 80 44.24 -18.85 -21.61
C GLU A 80 43.08 -17.94 -21.25
N GLU A 81 42.22 -18.41 -20.35
CA GLU A 81 41.08 -17.62 -19.90
C GLU A 81 41.57 -16.36 -19.22
N ASP A 82 42.54 -16.51 -18.32
CA ASP A 82 43.10 -15.37 -17.60
C ASP A 82 43.54 -14.26 -18.55
N TRP A 83 44.35 -14.62 -19.54
CA TRP A 83 44.82 -13.62 -20.49
C TRP A 83 43.72 -12.99 -21.31
N ASN A 84 42.75 -13.79 -21.74
CA ASN A 84 41.65 -13.24 -22.52
C ASN A 84 40.90 -12.24 -21.66
N MSE A 85 40.73 -12.58 -20.38
CA MSE A 85 40.06 -11.69 -19.44
C MSE A 85 40.79 -10.37 -19.43
O MSE A 85 40.19 -9.32 -19.24
CB MSE A 85 40.07 -12.27 -18.04
CG MSE A 85 39.40 -11.35 -17.03
SE MSE A 85 40.42 -11.10 -15.42
CE MSE A 85 39.77 -12.61 -14.42
N LEU A 86 42.10 -10.42 -19.63
CA LEU A 86 42.91 -9.21 -19.65
C LEU A 86 42.97 -8.60 -21.05
N GLU A 87 42.76 -9.44 -22.08
CA GLU A 87 42.78 -8.96 -23.46
C GLU A 87 41.60 -8.02 -23.68
N LYS A 88 40.42 -8.44 -23.25
CA LYS A 88 39.22 -7.62 -23.40
C LYS A 88 39.28 -6.51 -22.37
N LEU A 89 39.68 -6.86 -21.15
CA LEU A 89 39.79 -5.88 -20.06
C LEU A 89 40.67 -4.74 -20.55
N SER A 90 41.54 -5.05 -21.51
CA SER A 90 42.44 -4.06 -22.08
C SER A 90 41.68 -3.10 -22.98
N MSE A 91 40.81 -3.66 -23.82
CA MSE A 91 40.02 -2.85 -24.76
C MSE A 91 38.89 -2.08 -24.08
O MSE A 91 38.92 -0.85 -24.01
CB MSE A 91 39.43 -3.76 -25.85
CG MSE A 91 40.43 -4.64 -26.54
SE MSE A 91 39.58 -5.67 -27.93
CE MSE A 91 38.82 -7.08 -26.85
N ASP A 92 37.90 -2.82 -23.60
CA ASP A 92 36.72 -2.25 -22.96
C ASP A 92 36.97 -1.49 -21.66
N GLY A 93 38.02 -1.85 -20.93
CA GLY A 93 38.30 -1.17 -19.68
C GLY A 93 37.64 -1.83 -18.49
N THR A 94 38.14 -1.53 -17.30
CA THR A 94 37.62 -2.10 -16.05
C THR A 94 36.11 -1.89 -15.82
N GLU A 95 35.70 -0.63 -15.73
CA GLU A 95 34.28 -0.32 -15.49
C GLU A 95 33.34 -1.03 -16.47
N GLU A 96 33.63 -0.92 -17.76
CA GLU A 96 32.80 -1.56 -18.78
C GLU A 96 32.88 -3.07 -18.70
N PHE A 97 34.00 -3.57 -18.18
CA PHE A 97 34.20 -5.00 -18.06
C PHE A 97 33.26 -5.58 -17.00
N LEU A 98 33.35 -5.05 -15.78
CA LEU A 98 32.52 -5.52 -14.68
C LEU A 98 31.03 -5.41 -14.98
N LYS A 99 30.66 -4.47 -15.85
CA LYS A 99 29.26 -4.28 -16.23
C LYS A 99 28.82 -5.52 -17.01
N GLU A 100 29.42 -5.68 -18.18
CA GLU A 100 29.12 -6.78 -19.08
C GLU A 100 29.18 -8.15 -18.38
N ALA A 101 30.00 -8.25 -17.33
CA ALA A 101 30.15 -9.51 -16.63
C ALA A 101 29.23 -9.71 -15.43
N LEU A 102 28.63 -8.63 -14.94
CA LEU A 102 27.73 -8.72 -13.80
C LEU A 102 26.28 -8.44 -14.19
N ALA A 103 26.01 -8.42 -15.48
CA ALA A 103 24.66 -8.17 -15.98
C ALA A 103 23.95 -9.50 -16.18
N PHE A 104 22.74 -9.45 -16.72
CA PHE A 104 21.96 -10.65 -16.97
C PHE A 104 21.88 -10.99 -18.46
N ASP A 105 21.10 -12.02 -18.78
CA ASP A 105 20.93 -12.48 -20.15
C ASP A 105 20.41 -11.37 -21.05
N GLU A 131 -4.93 -7.81 -13.82
CA GLU A 131 -6.32 -7.55 -14.17
C GLU A 131 -7.06 -6.81 -13.06
N THR A 132 -7.55 -5.61 -13.37
CA THR A 132 -8.26 -4.77 -12.42
C THR A 132 -9.77 -4.74 -12.78
N ASN A 133 -10.52 -3.88 -12.08
CA ASN A 133 -11.96 -3.69 -12.27
C ASN A 133 -12.78 -4.25 -11.11
N PHE A 134 -13.65 -5.22 -11.43
CA PHE A 134 -14.54 -5.87 -10.46
C PHE A 134 -15.83 -5.11 -10.26
N GLN A 135 -16.94 -5.76 -10.60
CA GLN A 135 -18.26 -5.18 -10.46
C GLN A 135 -19.09 -6.07 -9.54
N PRO A 136 -19.47 -5.56 -8.36
CA PRO A 136 -20.27 -6.34 -7.41
C PRO A 136 -21.62 -6.68 -8.04
N GLU A 137 -22.10 -7.89 -7.76
CA GLU A 137 -23.37 -8.37 -8.32
C GLU A 137 -24.25 -9.14 -7.34
N GLY A 138 -25.55 -8.93 -7.47
CA GLY A 138 -26.53 -9.63 -6.65
C GLY A 138 -26.39 -9.60 -5.14
N ASP A 139 -27.26 -10.36 -4.49
CA ASP A 139 -27.31 -10.47 -3.03
C ASP A 139 -26.12 -11.24 -2.49
N PHE A 140 -25.74 -10.91 -1.25
CA PHE A 140 -24.66 -11.62 -0.57
C PHE A 140 -24.87 -11.38 0.92
N SER A 141 -24.07 -11.99 1.76
CA SER A 141 -24.23 -11.77 3.18
C SER A 141 -23.03 -12.23 3.97
N LEU A 142 -22.85 -11.62 5.14
CA LEU A 142 -21.75 -11.95 6.01
C LEU A 142 -22.02 -13.25 6.72
N SER A 143 -21.44 -14.33 6.20
CA SER A 143 -21.62 -15.65 6.78
C SER A 143 -20.46 -16.01 7.70
N GLY A 144 -20.78 -16.39 8.93
CA GLY A 144 -19.75 -16.75 9.88
C GLY A 144 -19.43 -15.63 10.86
N ASN A 145 -18.95 -16.01 12.03
CA ASN A 145 -18.61 -15.04 13.07
C ASN A 145 -17.35 -14.27 12.73
N ILE A 146 -16.42 -14.93 12.04
CA ILE A 146 -15.16 -14.31 11.64
C ILE A 146 -15.39 -13.10 10.76
N GLU A 147 -16.04 -13.31 9.63
CA GLU A 147 -16.33 -12.22 8.71
C GLU A 147 -17.02 -11.08 9.46
N GLN A 148 -18.19 -11.37 10.01
CA GLN A 148 -18.97 -10.38 10.75
C GLN A 148 -18.15 -9.57 11.74
N THR A 149 -17.30 -10.25 12.50
CA THR A 149 -16.46 -9.56 13.47
C THR A 149 -15.56 -8.55 12.76
N ILE A 150 -14.79 -9.02 11.78
CA ILE A 150 -13.88 -8.15 11.02
C ILE A 150 -14.64 -7.02 10.33
N SER A 151 -15.75 -7.35 9.68
CA SER A 151 -16.57 -6.36 8.99
C SER A 151 -16.92 -5.23 9.95
N LYS A 152 -17.50 -5.59 11.10
CA LYS A 152 -17.87 -4.60 12.09
C LYS A 152 -16.70 -3.72 12.48
N ASN A 153 -15.53 -4.32 12.66
CA ASN A 153 -14.34 -3.55 13.02
C ASN A 153 -14.05 -2.48 11.97
N LEU A 154 -14.15 -2.89 10.71
CA LEU A 154 -13.89 -1.97 9.61
C LEU A 154 -14.77 -0.73 9.72
N VAL A 155 -16.08 -0.92 9.59
CA VAL A 155 -17.01 0.20 9.67
C VAL A 155 -16.84 1.04 10.95
N SER A 156 -16.67 0.38 12.08
CA SER A 156 -16.48 1.09 13.33
C SER A 156 -15.16 1.85 13.27
N GLY A 157 -14.66 2.04 12.04
CA GLY A 157 -13.40 2.73 11.84
C GLY A 157 -12.29 2.20 12.73
N ASN A 158 -12.36 0.91 13.05
CA ASN A 158 -11.37 0.29 13.92
C ASN A 158 -10.35 -0.56 13.16
N ILE A 159 -9.80 0.00 12.09
CA ILE A 159 -8.81 -0.67 11.24
C ILE A 159 -7.78 -1.51 12.01
N LYS A 160 -7.30 -0.99 13.13
CA LYS A 160 -6.30 -1.71 13.91
C LYS A 160 -6.73 -3.12 14.34
N SER A 161 -7.90 -3.22 14.95
CA SER A 161 -8.39 -4.52 15.42
C SER A 161 -8.81 -5.43 14.28
N ALA A 162 -9.21 -4.85 13.15
CA ALA A 162 -9.63 -5.61 11.99
C ALA A 162 -8.52 -6.54 11.57
N VAL A 163 -7.28 -6.02 11.60
CA VAL A 163 -6.11 -6.79 11.22
C VAL A 163 -5.85 -7.94 12.19
N LYS A 164 -6.05 -7.67 13.48
CA LYS A 164 -5.84 -8.69 14.50
C LYS A 164 -6.76 -9.88 14.26
N ASN A 165 -8.06 -9.59 14.18
CA ASN A 165 -9.06 -10.63 13.94
C ASN A 165 -8.83 -11.41 12.66
N SER A 166 -8.18 -10.77 11.69
CA SER A 166 -7.89 -11.44 10.43
C SER A 166 -6.75 -12.43 10.61
N LEU A 167 -5.62 -11.95 11.11
CA LEU A 167 -4.45 -12.80 11.33
C LEU A 167 -4.71 -13.99 12.24
N GLU A 168 -5.52 -13.78 13.28
CA GLU A 168 -5.87 -14.86 14.21
C GLU A 168 -6.81 -15.82 13.50
N ASN A 169 -6.71 -15.81 12.19
CA ASN A 169 -7.51 -16.65 11.30
C ASN A 169 -6.75 -16.69 9.98
N ASP A 170 -7.04 -17.66 9.13
CA ASP A 170 -6.34 -17.74 7.86
C ASP A 170 -6.88 -16.71 6.88
N LEU A 171 -6.83 -15.45 7.27
CA LEU A 171 -7.29 -14.35 6.44
C LEU A 171 -6.18 -13.32 6.37
N MSE A 172 -5.03 -13.74 5.88
CA MSE A 172 -3.87 -12.85 5.78
C MSE A 172 -3.89 -11.93 4.58
O MSE A 172 -3.40 -10.80 4.67
CB MSE A 172 -2.58 -13.68 5.77
CG MSE A 172 -1.32 -12.85 5.83
SE MSE A 172 0.21 -13.97 6.10
CE MSE A 172 0.19 -13.99 8.03
N MSE A 173 -4.42 -12.39 3.46
CA MSE A 173 -4.49 -11.54 2.27
C MSE A 173 -5.33 -10.30 2.62
O MSE A 173 -5.03 -9.20 2.18
CB MSE A 173 -5.14 -12.26 1.10
CG MSE A 173 -4.19 -12.87 0.11
SE MSE A 173 -5.09 -13.18 -1.56
CE MSE A 173 -6.11 -14.71 -1.02
N GLU A 174 -6.38 -10.51 3.41
CA GLU A 174 -7.24 -9.43 3.80
C GLU A 174 -6.48 -8.53 4.78
N ALA A 175 -5.80 -9.15 5.75
CA ALA A 175 -5.01 -8.42 6.73
C ALA A 175 -4.09 -7.47 5.98
N MSE A 176 -3.51 -7.96 4.89
CA MSE A 176 -2.60 -7.15 4.08
C MSE A 176 -3.32 -6.04 3.32
O MSE A 176 -2.83 -4.92 3.27
CB MSE A 176 -1.86 -8.05 3.09
CG MSE A 176 -0.92 -9.05 3.74
SE MSE A 176 0.06 -10.12 2.45
CE MSE A 176 -0.81 -11.81 2.75
N VAL A 177 -4.46 -6.36 2.71
CA VAL A 177 -5.23 -5.38 1.95
C VAL A 177 -5.68 -4.23 2.86
N ILE A 178 -6.13 -4.58 4.05
CA ILE A 178 -6.57 -3.57 4.99
C ILE A 178 -5.33 -2.74 5.32
N ALA A 179 -4.25 -3.43 5.68
CA ALA A 179 -2.99 -2.79 6.04
C ALA A 179 -2.36 -2.00 4.90
N LEU A 180 -2.76 -2.29 3.67
CA LEU A 180 -2.24 -1.60 2.51
C LEU A 180 -3.10 -0.36 2.30
N ASP A 181 -4.00 -0.11 3.24
CA ASP A 181 -4.92 1.02 3.15
C ASP A 181 -4.74 2.08 4.24
N SER A 182 -3.83 1.84 5.18
CA SER A 182 -3.61 2.80 6.25
C SER A 182 -2.25 3.46 6.10
N ASN A 183 -1.72 3.98 7.20
CA ASN A 183 -0.42 4.63 7.21
C ASN A 183 0.38 4.05 8.36
N ASN A 184 -0.31 3.79 9.46
CA ASN A 184 0.29 3.22 10.66
C ASN A 184 1.36 2.19 10.31
N GLU A 185 2.62 2.58 10.43
CA GLU A 185 3.73 1.69 10.12
C GLU A 185 3.70 0.39 10.92
N ARG A 186 3.81 0.50 12.25
CA ARG A 186 3.80 -0.67 13.11
C ARG A 186 2.78 -1.71 12.68
N LEU A 187 1.57 -1.24 12.38
CA LEU A 187 0.53 -2.14 11.91
C LEU A 187 0.90 -2.54 10.49
N LYS A 188 1.21 -1.54 9.66
CA LYS A 188 1.59 -1.76 8.28
C LYS A 188 2.84 -2.63 8.20
N GLU A 189 3.37 -3.06 9.34
CA GLU A 189 4.55 -3.92 9.36
C GLU A 189 4.34 -5.21 10.14
N SER A 190 3.43 -5.17 11.10
CA SER A 190 3.13 -6.35 11.92
C SER A 190 2.59 -7.43 10.99
N VAL A 191 2.05 -7.01 9.86
CA VAL A 191 1.49 -7.93 8.87
C VAL A 191 2.61 -8.66 8.12
N LYS A 192 3.57 -7.90 7.61
CA LYS A 192 4.70 -8.49 6.89
C LYS A 192 5.34 -9.56 7.73
N ASN A 193 5.73 -9.21 8.94
CA ASN A 193 6.36 -10.12 9.87
C ASN A 193 5.53 -11.38 10.05
N ALA A 194 4.21 -11.24 9.94
CA ALA A 194 3.31 -12.38 10.07
C ALA A 194 3.41 -13.24 8.80
N TYR A 195 3.60 -12.56 7.66
CA TYR A 195 3.73 -13.24 6.38
C TYR A 195 4.95 -14.12 6.42
N PHE A 196 6.11 -13.49 6.59
CA PHE A 196 7.38 -14.19 6.64
C PHE A 196 7.39 -15.24 7.75
N ALA A 197 6.62 -14.99 8.80
CA ALA A 197 6.55 -15.90 9.93
C ALA A 197 6.18 -17.33 9.54
N LYS A 198 5.34 -17.50 8.53
CA LYS A 198 4.94 -18.84 8.10
C LYS A 198 5.08 -19.13 6.61
N TYR A 199 5.74 -18.25 5.87
CA TYR A 199 5.90 -18.46 4.44
C TYR A 199 7.35 -18.45 3.97
N GLY A 200 8.16 -17.56 4.55
CA GLY A 200 9.56 -17.48 4.15
C GLY A 200 10.30 -18.80 4.10
N SER A 201 9.77 -19.82 4.76
CA SER A 201 10.41 -21.13 4.80
C SER A 201 9.80 -22.12 3.83
N LYS A 202 8.64 -21.77 3.26
CA LYS A 202 7.96 -22.65 2.33
C LYS A 202 8.02 -22.10 0.90
N SER A 203 8.91 -21.13 0.68
CA SER A 203 9.08 -20.52 -0.63
C SER A 203 10.36 -19.71 -0.68
N SER A 204 11.22 -20.01 -1.66
CA SER A 204 12.48 -19.31 -1.82
C SER A 204 12.29 -17.83 -2.12
N LEU A 205 11.28 -17.50 -2.92
CA LEU A 205 11.01 -16.12 -3.25
C LEU A 205 10.61 -15.35 -1.99
N SER A 206 9.87 -16.03 -1.12
CA SER A 206 9.42 -15.43 0.13
C SER A 206 10.66 -15.11 0.98
N ARG A 207 11.55 -16.08 1.10
CA ARG A 207 12.77 -15.91 1.88
C ARG A 207 13.63 -14.78 1.32
N ILE A 208 13.56 -14.57 0.01
CA ILE A 208 14.33 -13.51 -0.65
C ILE A 208 13.70 -12.15 -0.35
N LEU A 209 12.37 -12.09 -0.34
CA LEU A 209 11.67 -10.84 -0.04
C LEU A 209 12.02 -10.43 1.38
N TYR A 210 11.99 -11.41 2.29
CA TYR A 210 12.31 -11.19 3.70
C TYR A 210 13.63 -10.45 3.84
N SER A 211 14.60 -10.81 3.01
CA SER A 211 15.91 -10.19 3.06
C SER A 211 15.93 -8.80 2.43
N ILE A 212 15.14 -8.60 1.38
CA ILE A 212 15.11 -7.30 0.72
C ILE A 212 14.33 -6.32 1.60
N SER A 213 13.33 -6.85 2.30
CA SER A 213 12.49 -6.06 3.17
C SER A 213 13.34 -5.51 4.31
N LYS A 214 13.78 -6.40 5.19
CA LYS A 214 14.58 -6.02 6.35
C LYS A 214 15.99 -5.53 6.01
N ARG A 215 16.18 -5.06 4.78
CA ARG A 215 17.47 -4.53 4.31
C ARG A 215 18.68 -5.35 4.78
N GLU A 216 18.90 -6.51 4.16
CA GLU A 216 20.02 -7.38 4.52
C GLU A 216 20.36 -8.30 3.36
N VAL A 217 21.60 -8.80 3.37
CA VAL A 217 22.07 -9.71 2.33
C VAL A 217 22.74 -10.94 2.91
N ASP A 218 23.31 -10.79 4.10
CA ASP A 218 23.98 -11.89 4.77
C ASP A 218 23.32 -13.25 4.53
N ASP A 219 22.00 -13.29 4.47
CA ASP A 219 21.31 -14.55 4.24
C ASP A 219 21.55 -15.04 2.83
N LEU A 220 21.34 -14.15 1.86
CA LEU A 220 21.54 -14.47 0.46
C LEU A 220 23.00 -14.84 0.19
N VAL A 221 23.87 -13.85 0.37
CA VAL A 221 25.30 -14.01 0.14
C VAL A 221 25.88 -15.31 0.73
N GLU A 222 25.32 -15.77 1.84
CA GLU A 222 25.83 -16.97 2.48
C GLU A 222 25.03 -18.26 2.27
N ASN A 223 23.76 -18.17 1.91
CA ASN A 223 22.98 -19.40 1.74
C ASN A 223 22.26 -19.56 0.41
N LEU A 224 22.13 -18.49 -0.37
CA LEU A 224 21.46 -18.61 -1.66
C LEU A 224 22.38 -19.41 -2.56
N ASP A 225 21.79 -20.28 -3.36
CA ASP A 225 22.55 -21.11 -4.27
C ASP A 225 23.54 -20.30 -5.11
N VAL A 226 24.78 -20.76 -5.09
CA VAL A 226 25.86 -20.11 -5.83
C VAL A 226 25.46 -19.86 -7.29
N SER A 227 24.64 -20.76 -7.84
CA SER A 227 24.19 -20.67 -9.21
C SER A 227 23.45 -19.37 -9.49
N GLN A 228 23.04 -18.69 -8.42
CA GLN A 228 22.33 -17.42 -8.58
C GLN A 228 23.21 -16.33 -7.98
N TRP A 229 24.51 -16.39 -8.25
CA TRP A 229 25.44 -15.40 -7.73
C TRP A 229 25.21 -14.00 -8.30
N LYS A 230 25.04 -13.90 -9.62
CA LYS A 230 24.82 -12.59 -10.24
C LYS A 230 23.64 -11.86 -9.60
N PHE A 231 22.83 -12.59 -8.87
CA PHE A 231 21.67 -12.00 -8.20
C PHE A 231 22.12 -11.54 -6.82
N ILE A 232 23.00 -12.34 -6.21
CA ILE A 232 23.53 -12.04 -4.89
C ILE A 232 24.50 -10.85 -5.01
N SER A 233 24.94 -10.57 -6.23
CA SER A 233 25.85 -9.46 -6.46
C SER A 233 25.05 -8.18 -6.58
N LYS A 234 23.96 -8.23 -7.33
CA LYS A 234 23.09 -7.07 -7.51
C LYS A 234 22.46 -6.67 -6.18
N ALA A 235 22.30 -7.64 -5.29
CA ALA A 235 21.71 -7.41 -3.98
C ALA A 235 22.65 -6.65 -3.04
N ILE A 236 23.93 -6.65 -3.38
CA ILE A 236 24.93 -5.96 -2.57
C ILE A 236 25.10 -4.54 -3.09
N GLN A 237 25.09 -4.39 -4.42
CA GLN A 237 25.22 -3.09 -5.04
C GLN A 237 23.93 -2.30 -4.79
N ASN A 238 22.85 -3.04 -4.56
CA ASN A 238 21.52 -2.48 -4.32
C ASN A 238 21.28 -2.02 -2.89
N LEU A 239 21.76 -2.79 -1.93
CA LEU A 239 21.58 -2.48 -0.51
C LEU A 239 22.67 -1.58 0.09
N TYR A 240 23.81 -1.46 -0.57
CA TYR A 240 24.92 -0.64 -0.07
C TYR A 240 25.47 0.27 -1.16
N PRO A 241 24.62 1.12 -1.74
CA PRO A 241 25.11 2.02 -2.80
C PRO A 241 25.93 3.21 -2.28
N ASN A 242 25.69 3.59 -1.04
CA ASN A 242 26.40 4.72 -0.43
C ASN A 242 27.33 4.26 0.70
N ASP A 243 27.88 3.07 0.57
CA ASP A 243 28.77 2.52 1.58
C ASP A 243 29.65 1.43 0.98
N ILE A 244 30.68 1.88 0.27
CA ILE A 244 31.63 1.00 -0.42
C ILE A 244 32.42 0.01 0.46
N ALA A 245 32.78 0.41 1.68
CA ALA A 245 33.54 -0.47 2.57
C ALA A 245 32.78 -1.76 2.86
N GLN A 246 31.49 -1.62 3.08
CA GLN A 246 30.62 -2.76 3.37
C GLN A 246 30.38 -3.54 2.09
N ARG A 247 30.09 -2.81 1.02
CA ARG A 247 29.85 -3.38 -0.30
C ARG A 247 30.91 -4.40 -0.66
N ASN A 248 32.17 -3.99 -0.57
CA ASN A 248 33.29 -4.87 -0.91
C ASN A 248 33.50 -5.99 0.09
N GLU A 249 33.11 -5.79 1.35
CA GLU A 249 33.26 -6.86 2.33
C GLU A 249 32.40 -8.02 1.85
N MSE A 250 31.09 -7.77 1.73
CA MSE A 250 30.15 -8.78 1.27
C MSE A 250 30.59 -9.32 -0.08
O MSE A 250 30.60 -10.54 -0.30
CB MSE A 250 28.75 -8.20 1.15
CG MSE A 250 28.12 -7.82 2.46
SE MSE A 250 28.31 -9.24 3.71
CE MSE A 250 26.53 -9.98 3.61
N MSE A 251 30.94 -8.42 -0.98
CA MSE A 251 31.37 -8.79 -2.33
C MSE A 251 32.53 -9.79 -2.26
O MSE A 251 32.55 -10.78 -2.98
CB MSE A 251 31.81 -7.53 -3.08
CG MSE A 251 31.65 -7.63 -4.58
SE MSE A 251 29.82 -7.50 -5.15
CE MSE A 251 30.15 -6.64 -6.85
N ILE A 252 33.49 -9.51 -1.38
CA ILE A 252 34.65 -10.36 -1.16
C ILE A 252 34.18 -11.66 -0.50
N LYS A 253 33.28 -11.51 0.46
CA LYS A 253 32.73 -12.66 1.19
C LYS A 253 32.10 -13.61 0.18
N LEU A 254 31.49 -13.04 -0.85
CA LEU A 254 30.86 -13.85 -1.88
C LEU A 254 31.91 -14.48 -2.76
N GLY A 255 32.86 -13.66 -3.21
CA GLY A 255 33.93 -14.14 -4.07
C GLY A 255 34.59 -15.43 -3.58
N ASP A 256 34.78 -15.53 -2.27
CA ASP A 256 35.40 -16.72 -1.68
C ASP A 256 34.50 -17.92 -1.85
N ARG A 257 33.20 -17.72 -1.57
CA ARG A 257 32.23 -18.79 -1.67
C ARG A 257 32.22 -19.35 -3.09
N MSE A 258 32.44 -18.49 -4.07
CA MSE A 258 32.48 -18.90 -5.47
C MSE A 258 33.69 -19.81 -5.69
O MSE A 258 33.55 -20.97 -6.07
CB MSE A 258 32.61 -17.68 -6.39
CG MSE A 258 31.42 -16.75 -6.36
SE MSE A 258 29.81 -17.65 -6.90
CE MSE A 258 30.02 -17.52 -8.82
N LYS A 259 34.87 -19.25 -5.46
CA LYS A 259 36.13 -19.95 -5.63
C LYS A 259 36.13 -21.31 -4.94
N GLU A 260 35.62 -21.35 -3.72
CA GLU A 260 35.58 -22.59 -2.94
C GLU A 260 34.42 -23.51 -3.33
N ASN A 261 33.84 -23.27 -4.51
CA ASN A 261 32.75 -24.07 -5.02
C ASN A 261 32.84 -24.22 -6.53
N GLY A 262 34.08 -24.28 -7.02
CA GLY A 262 34.31 -24.46 -8.44
C GLY A 262 34.18 -23.27 -9.38
N HIS A 263 33.71 -22.13 -8.87
CA HIS A 263 33.56 -20.96 -9.74
C HIS A 263 34.73 -20.01 -9.60
N ARG A 264 35.86 -20.44 -10.11
CA ARG A 264 37.11 -19.68 -10.08
C ARG A 264 37.06 -18.46 -10.98
N GLN A 265 36.68 -18.66 -12.24
CA GLN A 265 36.63 -17.55 -13.19
C GLN A 265 35.70 -16.42 -12.74
N ASP A 266 34.61 -16.76 -12.08
CA ASP A 266 33.67 -15.73 -11.61
C ASP A 266 34.09 -15.09 -10.30
N SER A 267 34.78 -15.86 -9.45
CA SER A 267 35.22 -15.33 -8.16
C SER A 267 36.23 -14.19 -8.35
N LEU A 268 37.00 -14.24 -9.44
CA LEU A 268 37.98 -13.21 -9.71
C LEU A 268 37.24 -11.94 -10.08
N THR A 269 36.16 -12.10 -10.84
CA THR A 269 35.34 -10.96 -11.26
C THR A 269 34.92 -10.20 -10.00
N LEU A 270 34.27 -10.91 -9.08
CA LEU A 270 33.82 -10.33 -7.83
C LEU A 270 34.95 -9.57 -7.14
N TYR A 271 36.11 -10.21 -7.04
CA TYR A 271 37.30 -9.63 -6.42
C TYR A 271 37.70 -8.35 -7.17
N LEU A 272 37.83 -8.48 -8.48
CA LEU A 272 38.19 -7.35 -9.33
C LEU A 272 37.31 -6.12 -9.06
N ALA A 273 36.10 -6.36 -8.57
CA ALA A 273 35.16 -5.29 -8.28
C ALA A 273 35.21 -4.87 -6.82
N ALA A 274 35.84 -5.71 -6.00
CA ALA A 274 35.97 -5.40 -4.59
C ALA A 274 37.33 -4.75 -4.41
N GLY A 275 38.05 -4.60 -5.52
CA GLY A 275 39.37 -4.00 -5.49
C GLY A 275 40.33 -4.75 -4.60
N SER A 276 40.11 -6.05 -4.45
CA SER A 276 40.97 -6.89 -3.61
C SER A 276 42.00 -7.64 -4.44
N LEU A 277 43.09 -6.96 -4.79
CA LEU A 277 44.16 -7.55 -5.58
C LEU A 277 44.79 -8.68 -4.77
N ASP A 278 44.61 -8.61 -3.46
CA ASP A 278 45.16 -9.60 -2.55
C ASP A 278 44.55 -10.98 -2.80
N LYS A 279 43.26 -11.03 -3.07
CA LYS A 279 42.56 -12.28 -3.32
C LYS A 279 42.97 -12.93 -4.63
N VAL A 280 43.05 -12.12 -5.69
CA VAL A 280 43.44 -12.62 -7.00
C VAL A 280 44.86 -13.16 -6.89
N ALA A 281 45.73 -12.39 -6.24
CA ALA A 281 47.11 -12.79 -6.06
C ALA A 281 47.18 -14.16 -5.38
N SER A 282 46.68 -14.24 -4.16
CA SER A 282 46.69 -15.48 -3.39
C SER A 282 46.24 -16.68 -4.19
N ILE A 283 45.20 -16.51 -5.00
CA ILE A 283 44.72 -17.61 -5.81
C ILE A 283 45.87 -18.00 -6.74
N TRP A 284 46.38 -17.02 -7.47
CA TRP A 284 47.47 -17.25 -8.42
C TRP A 284 48.77 -17.80 -7.84
N LEU A 285 49.03 -17.53 -6.57
CA LEU A 285 50.26 -18.02 -5.94
C LEU A 285 50.11 -19.48 -5.48
N SER A 286 48.88 -19.96 -5.43
CA SER A 286 48.62 -21.34 -5.03
C SER A 286 48.63 -22.19 -6.30
N GLU A 287 48.26 -21.55 -7.40
CA GLU A 287 48.22 -22.22 -8.70
C GLU A 287 49.59 -22.22 -9.35
N PHE A 288 50.55 -21.55 -8.71
CA PHE A 288 51.92 -21.44 -9.22
C PHE A 288 52.59 -22.80 -9.45
N PRO A 289 52.69 -23.64 -8.40
CA PRO A 289 53.33 -24.95 -8.56
C PRO A 289 52.91 -25.69 -9.83
N ASP A 290 51.67 -26.15 -9.85
CA ASP A 290 51.15 -26.88 -11.00
C ASP A 290 51.46 -26.23 -12.34
N LEU A 291 51.30 -24.93 -12.45
CA LEU A 291 51.55 -24.24 -13.71
C LEU A 291 53.03 -24.36 -14.14
N GLU A 292 53.91 -24.56 -13.17
CA GLU A 292 55.34 -24.70 -13.46
C GLU A 292 55.66 -26.14 -13.88
N ASP A 293 54.89 -27.10 -13.35
CA ASP A 293 55.09 -28.51 -13.68
C ASP A 293 54.58 -28.84 -15.08
N LYS A 294 53.52 -28.15 -15.51
CA LYS A 294 52.98 -28.39 -16.83
C LYS A 294 54.01 -27.97 -17.87
N LEU A 295 54.85 -26.99 -17.51
CA LEU A 295 55.88 -26.50 -18.41
C LEU A 295 57.03 -27.50 -18.46
N LYS A 296 57.43 -27.98 -17.29
CA LYS A 296 58.52 -28.94 -17.17
C LYS A 296 58.29 -30.20 -18.01
N LYS A 297 57.04 -30.66 -18.07
CA LYS A 297 56.70 -31.84 -18.84
C LYS A 297 56.75 -31.50 -20.32
N ASP A 298 56.55 -30.24 -20.65
CA ASP A 298 56.56 -29.79 -22.04
C ASP A 298 57.98 -29.74 -22.59
N ASN A 299 58.84 -30.63 -22.09
CA ASN A 299 60.21 -30.71 -22.56
C ASN A 299 61.01 -29.44 -22.28
N LYS A 300 61.03 -29.05 -21.01
CA LYS A 300 61.76 -27.86 -20.59
C LYS A 300 62.58 -28.19 -19.35
N THR A 301 63.80 -27.69 -19.31
CA THR A 301 64.70 -27.92 -18.18
C THR A 301 64.17 -27.27 -16.90
N ILE A 302 64.75 -27.64 -15.77
CA ILE A 302 64.32 -27.08 -14.50
C ILE A 302 64.37 -25.57 -14.55
N TYR A 303 65.41 -25.02 -15.18
CA TYR A 303 65.57 -23.58 -15.28
C TYR A 303 64.62 -22.95 -16.30
N GLU A 304 64.45 -23.59 -17.46
CA GLU A 304 63.56 -23.06 -18.49
C GLU A 304 62.13 -22.95 -17.96
N ALA A 305 61.73 -23.90 -17.15
CA ALA A 305 60.39 -23.89 -16.57
C ALA A 305 60.27 -22.80 -15.51
N HIS A 306 61.28 -22.71 -14.64
CA HIS A 306 61.32 -21.70 -13.57
C HIS A 306 61.22 -20.32 -14.18
N SER A 307 62.18 -19.98 -15.03
CA SER A 307 62.20 -18.70 -15.70
C SER A 307 60.88 -18.42 -16.42
N GLU A 308 60.49 -19.34 -17.29
CA GLU A 308 59.27 -19.19 -18.07
C GLU A 308 58.05 -18.91 -17.20
N CYS A 309 57.78 -19.78 -16.24
CA CYS A 309 56.65 -19.65 -15.34
C CYS A 309 56.70 -18.30 -14.63
N MSE A 310 57.80 -18.06 -13.92
CA MSE A 310 58.01 -16.82 -13.18
C MSE A 310 57.77 -15.58 -14.04
O MSE A 310 57.35 -14.54 -13.54
CB MSE A 310 59.43 -16.79 -12.61
CG MSE A 310 59.73 -15.60 -11.72
SE MSE A 310 58.54 -15.51 -10.20
CE MSE A 310 59.41 -16.79 -9.05
N THR A 311 58.02 -15.69 -15.35
CA THR A 311 57.82 -14.57 -16.25
C THR A 311 56.32 -14.34 -16.50
N GLU A 312 55.66 -15.34 -17.09
CA GLU A 312 54.23 -15.27 -17.39
C GLU A 312 53.44 -14.82 -16.16
N PHE A 313 53.82 -15.33 -15.00
CA PHE A 313 53.14 -14.96 -13.78
C PHE A 313 53.28 -13.46 -13.53
N ILE A 314 54.53 -13.00 -13.43
CA ILE A 314 54.80 -11.59 -13.18
C ILE A 314 54.09 -10.66 -14.16
N GLU A 315 54.17 -10.96 -15.46
CA GLU A 315 53.53 -10.11 -16.46
C GLU A 315 52.02 -10.07 -16.19
N ARG A 316 51.41 -11.24 -16.05
CA ARG A 316 49.99 -11.35 -15.79
C ARG A 316 49.61 -10.49 -14.59
N PHE A 317 50.40 -10.57 -13.53
CA PHE A 317 50.15 -9.80 -12.32
C PHE A 317 50.32 -8.31 -12.58
N THR A 318 51.23 -7.97 -13.48
CA THR A 318 51.49 -6.58 -13.81
C THR A 318 50.28 -5.99 -14.49
N VAL A 319 49.89 -6.61 -15.61
CA VAL A 319 48.75 -6.15 -16.38
C VAL A 319 47.47 -6.10 -15.54
N PHE A 320 47.23 -7.14 -14.76
CA PHE A 320 46.03 -7.17 -13.93
C PHE A 320 46.04 -6.06 -12.89
N SER A 321 47.17 -5.89 -12.20
CA SER A 321 47.29 -4.85 -11.18
C SER A 321 47.12 -3.47 -11.79
N ASN A 322 47.23 -3.40 -13.11
CA ASN A 322 47.10 -2.15 -13.86
C ASN A 322 45.65 -1.73 -14.06
N PHE A 323 44.72 -2.65 -13.83
CA PHE A 323 43.30 -2.35 -14.02
C PHE A 323 42.48 -2.37 -12.73
N ILE A 324 43.06 -2.83 -11.64
CA ILE A 324 42.33 -2.89 -10.38
C ILE A 324 42.73 -1.76 -9.42
N ASN A 325 41.90 -1.55 -8.41
CA ASN A 325 42.15 -0.52 -7.41
C ASN A 325 43.06 -1.06 -6.31
N GLY A 326 44.30 -1.39 -6.68
CA GLY A 326 45.25 -1.92 -5.73
C GLY A 326 45.99 -0.83 -4.95
N ILE A 330 52.70 -3.82 -1.75
CA ILE A 330 52.72 -5.28 -1.64
C ILE A 330 52.98 -5.69 -0.18
N ASN A 331 52.06 -6.45 0.41
CA ASN A 331 52.20 -6.90 1.79
C ASN A 331 52.09 -8.43 1.89
N ASN A 332 52.33 -9.11 0.76
CA ASN A 332 52.27 -10.57 0.70
C ASN A 332 53.69 -11.13 0.63
N GLU A 333 54.09 -11.87 1.67
CA GLU A 333 55.43 -12.45 1.73
C GLU A 333 55.85 -13.21 0.47
N GLN A 334 55.15 -14.30 0.17
CA GLN A 334 55.48 -15.11 -1.01
C GLN A 334 55.55 -14.28 -2.29
N LEU A 335 54.56 -13.41 -2.47
CA LEU A 335 54.52 -12.57 -3.66
C LEU A 335 55.81 -11.76 -3.77
N ILE A 336 56.23 -11.17 -2.66
CA ILE A 336 57.45 -10.37 -2.61
C ILE A 336 58.63 -11.26 -2.99
N ALA A 337 58.81 -12.33 -2.22
CA ALA A 337 59.89 -13.27 -2.44
C ALA A 337 60.02 -13.62 -3.91
N LYS A 338 58.88 -13.98 -4.51
CA LYS A 338 58.89 -14.34 -5.91
C LYS A 338 59.17 -13.14 -6.79
N PHE A 339 58.95 -11.94 -6.26
CA PHE A 339 59.24 -10.73 -7.01
C PHE A 339 60.74 -10.59 -7.02
N LEU A 340 61.34 -10.80 -5.86
CA LEU A 340 62.78 -10.72 -5.73
C LEU A 340 63.43 -11.68 -6.72
N GLU A 341 62.83 -12.87 -6.86
CA GLU A 341 63.35 -13.87 -7.78
C GLU A 341 63.39 -13.39 -9.23
N PHE A 342 62.34 -12.70 -9.66
CA PHE A 342 62.26 -12.21 -11.02
C PHE A 342 63.27 -11.09 -11.25
N ILE A 343 63.60 -10.37 -10.20
CA ILE A 343 64.57 -9.29 -10.31
C ILE A 343 65.90 -9.88 -10.77
N ASN A 344 66.31 -10.96 -10.10
CA ASN A 344 67.56 -11.62 -10.41
C ASN A 344 67.60 -12.17 -11.83
N LEU A 345 66.49 -12.73 -12.30
CA LEU A 345 66.46 -13.25 -13.65
C LEU A 345 66.54 -12.04 -14.58
N THR A 346 66.06 -10.90 -14.07
CA THR A 346 66.05 -9.66 -14.83
C THR A 346 67.45 -9.08 -14.96
N THR A 347 68.11 -8.84 -13.83
CA THR A 347 69.45 -8.29 -13.89
C THR A 347 70.39 -9.17 -14.72
N SER A 348 70.23 -10.48 -14.63
CA SER A 348 71.07 -11.39 -15.38
C SER A 348 70.95 -11.12 -16.87
N THR A 349 69.96 -10.33 -17.25
CA THR A 349 69.76 -10.00 -18.66
C THR A 349 70.40 -8.64 -18.95
N GLY A 350 70.77 -7.93 -17.89
CA GLY A 350 71.40 -6.63 -18.03
C GLY A 350 70.44 -5.46 -17.92
N ASN A 351 69.14 -5.73 -17.95
CA ASN A 351 68.11 -4.70 -17.87
C ASN A 351 67.95 -4.19 -16.44
N PHE A 352 68.82 -3.28 -16.02
CA PHE A 352 68.75 -2.74 -14.66
C PHE A 352 67.60 -1.76 -14.51
N GLU A 353 67.12 -1.25 -15.64
CA GLU A 353 66.03 -0.28 -15.62
C GLU A 353 64.71 -0.92 -15.24
N LEU A 354 64.50 -2.16 -15.69
CA LEU A 354 63.26 -2.88 -15.38
C LEU A 354 63.37 -3.40 -13.95
N ALA A 355 64.56 -3.85 -13.59
CA ALA A 355 64.82 -4.38 -12.26
C ALA A 355 64.48 -3.33 -11.22
N THR A 356 64.97 -2.12 -11.43
CA THR A 356 64.72 -1.01 -10.52
C THR A 356 63.22 -0.76 -10.52
N GLU A 357 62.63 -0.77 -11.71
CA GLU A 357 61.21 -0.54 -11.88
C GLU A 357 60.44 -1.37 -10.86
N PHE A 358 60.67 -2.68 -10.87
CA PHE A 358 60.00 -3.60 -9.94
C PHE A 358 60.54 -3.45 -8.53
N LEU A 359 61.82 -3.09 -8.42
CA LEU A 359 62.42 -2.93 -7.10
C LEU A 359 61.59 -1.92 -6.30
N ASN A 360 61.34 -0.76 -6.90
CA ASN A 360 60.57 0.29 -6.23
C ASN A 360 59.21 -0.20 -5.76
N SER A 361 58.52 -0.97 -6.61
CA SER A 361 57.21 -1.48 -6.28
C SER A 361 57.21 -2.35 -5.02
N LEU A 362 58.39 -2.77 -4.58
CA LEU A 362 58.50 -3.59 -3.38
C LEU A 362 58.66 -2.72 -2.15
N PRO A 363 58.33 -3.24 -0.96
CA PRO A 363 58.45 -2.44 0.26
C PRO A 363 59.90 -2.09 0.57
N SER A 364 60.17 -0.80 0.70
CA SER A 364 61.52 -0.32 1.01
C SER A 364 61.86 -0.64 2.44
N ASP A 365 61.02 -1.46 3.08
CA ASP A 365 61.22 -1.87 4.45
C ASP A 365 61.92 -3.22 4.47
N ASN A 366 61.94 -3.87 3.31
CA ASN A 366 62.58 -5.18 3.17
C ASN A 366 64.06 -5.02 2.84
N GLU A 367 64.91 -5.45 3.76
CA GLU A 367 66.35 -5.34 3.58
C GLU A 367 66.87 -6.00 2.30
N GLU A 368 66.37 -7.18 1.97
CA GLU A 368 66.81 -7.85 0.74
C GLU A 368 66.47 -6.93 -0.41
N VAL A 369 65.33 -6.26 -0.30
CA VAL A 369 64.86 -5.32 -1.30
C VAL A 369 65.77 -4.09 -1.23
N LYS A 370 66.22 -3.79 -0.01
CA LYS A 370 67.09 -2.67 0.27
C LYS A 370 68.47 -2.88 -0.37
N THR A 371 69.06 -4.04 -0.09
CA THR A 371 70.36 -4.42 -0.60
C THR A 371 70.41 -4.49 -2.13
N GLU A 372 69.37 -5.07 -2.71
CA GLU A 372 69.27 -5.21 -4.16
C GLU A 372 69.09 -3.86 -4.83
N LYS A 373 68.47 -2.93 -4.11
CA LYS A 373 68.25 -1.58 -4.63
C LYS A 373 69.61 -0.93 -4.80
N ALA A 374 70.41 -0.98 -3.73
CA ALA A 374 71.75 -0.41 -3.74
C ALA A 374 72.56 -1.00 -4.87
N ARG A 375 72.62 -2.33 -4.91
CA ARG A 375 73.38 -3.04 -5.92
C ARG A 375 73.04 -2.64 -7.35
N VAL A 376 71.78 -2.79 -7.72
CA VAL A 376 71.35 -2.45 -9.08
C VAL A 376 71.65 -0.99 -9.41
N LEU A 377 71.54 -0.14 -8.40
CA LEU A 377 71.81 1.29 -8.56
C LEU A 377 73.24 1.48 -9.02
N ILE A 378 74.18 1.12 -8.14
CA ILE A 378 75.60 1.23 -8.42
C ILE A 378 75.98 0.51 -9.71
N ALA A 379 75.31 -0.61 -9.97
CA ALA A 379 75.58 -1.39 -11.16
C ALA A 379 75.19 -0.64 -12.43
N SER A 380 74.14 0.15 -12.33
CA SER A 380 73.65 0.90 -13.47
C SER A 380 74.28 2.29 -13.56
N GLY A 381 74.37 2.97 -12.42
CA GLY A 381 74.95 4.31 -12.39
C GLY A 381 76.44 4.38 -12.66
N VAL B 2 84.00 -4.33 -25.21
CA VAL B 2 84.82 -3.48 -24.29
C VAL B 2 86.13 -4.17 -23.95
N VAL B 3 87.25 -3.55 -24.36
CA VAL B 3 88.57 -4.10 -24.10
C VAL B 3 89.42 -3.07 -23.37
N ILE B 4 90.44 -3.55 -22.66
CA ILE B 4 91.37 -2.69 -21.93
C ILE B 4 92.76 -3.23 -22.20
N ALA B 5 93.20 -3.12 -23.45
CA ALA B 5 94.51 -3.61 -23.84
C ALA B 5 95.65 -2.99 -23.02
N ASN B 6 96.76 -3.73 -22.94
CA ASN B 6 97.92 -3.28 -22.19
C ASN B 6 97.57 -2.77 -20.80
N ALA B 7 96.96 -3.62 -19.98
CA ALA B 7 96.60 -3.24 -18.61
C ALA B 7 97.84 -3.45 -17.73
N HIS B 8 98.69 -4.37 -18.16
CA HIS B 8 99.94 -4.71 -17.49
C HIS B 8 100.95 -4.99 -18.61
N ASN B 9 102.23 -5.02 -18.28
CA ASN B 9 103.25 -5.30 -19.29
C ASN B 9 103.70 -6.76 -19.22
N GLU B 10 103.45 -7.39 -18.07
CA GLU B 10 103.78 -8.81 -17.85
C GLU B 10 102.46 -9.58 -17.84
N MSE B 11 102.41 -10.69 -18.57
CA MSE B 11 101.20 -11.52 -18.67
C MSE B 11 100.31 -11.47 -17.43
O MSE B 11 100.77 -11.72 -16.31
CB MSE B 11 101.55 -12.98 -18.95
CG MSE B 11 100.34 -13.88 -19.14
SE MSE B 11 100.73 -15.71 -18.70
CE MSE B 11 101.75 -16.19 -20.25
N ILE B 12 99.03 -11.16 -17.63
CA ILE B 12 98.04 -11.07 -16.56
C ILE B 12 97.50 -12.46 -16.19
N HIS B 13 97.26 -12.69 -14.91
CA HIS B 13 96.79 -13.99 -14.46
C HIS B 13 95.39 -14.02 -13.89
N ASP B 14 94.81 -12.85 -13.65
CA ASP B 14 93.48 -12.81 -13.07
C ASP B 14 92.85 -11.43 -13.28
N ALA B 15 91.55 -11.43 -13.55
CA ALA B 15 90.76 -10.21 -13.76
C ALA B 15 89.39 -10.50 -13.19
N VAL B 16 89.05 -9.83 -12.08
CA VAL B 16 87.78 -10.06 -11.41
C VAL B 16 87.05 -8.79 -11.00
N MSE B 17 85.77 -8.68 -11.37
CA MSE B 17 84.96 -7.52 -11.03
C MSE B 17 84.32 -7.69 -9.66
O MSE B 17 84.27 -8.80 -9.12
CB MSE B 17 83.89 -7.28 -12.09
CG MSE B 17 84.47 -7.11 -13.49
SE MSE B 17 83.25 -6.31 -14.76
CE MSE B 17 83.76 -4.46 -14.55
N ASP B 18 83.83 -6.60 -9.07
CA ASP B 18 83.22 -6.66 -7.75
C ASP B 18 81.73 -6.95 -7.74
N TYR B 19 81.16 -6.90 -6.55
CA TYR B 19 79.74 -7.16 -6.33
C TYR B 19 78.81 -6.34 -7.21
N TYR B 20 79.34 -5.37 -7.94
CA TYR B 20 78.52 -4.51 -8.80
C TYR B 20 78.83 -4.66 -10.28
N GLY B 21 79.91 -5.37 -10.60
CA GLY B 21 80.28 -5.55 -11.99
C GLY B 21 80.66 -4.24 -12.64
N LYS B 22 80.99 -3.24 -11.82
CA LYS B 22 81.38 -1.92 -12.32
C LYS B 22 82.89 -1.74 -12.16
N ARG B 23 83.40 -2.13 -11.01
CA ARG B 23 84.82 -2.03 -10.69
C ARG B 23 85.51 -3.36 -11.02
N MSE B 24 86.82 -3.33 -11.26
CA MSE B 24 87.56 -4.54 -11.60
C MSE B 24 89.00 -4.54 -11.15
O MSE B 24 89.64 -3.50 -11.06
CB MSE B 24 87.51 -4.76 -13.10
CG MSE B 24 88.28 -5.98 -13.54
SE MSE B 24 88.35 -6.07 -15.43
CE MSE B 24 90.10 -5.33 -15.69
N ALA B 25 89.51 -5.75 -10.88
CA ALA B 25 90.90 -5.91 -10.45
C ALA B 25 91.66 -6.88 -11.36
N THR B 26 92.95 -6.62 -11.54
CA THR B 26 93.80 -7.46 -12.37
C THR B 26 95.07 -7.76 -11.59
N CYS B 27 95.81 -8.77 -12.03
CA CYS B 27 97.06 -9.14 -11.37
C CYS B 27 97.93 -9.95 -12.31
N SER B 28 99.23 -9.90 -12.09
CA SER B 28 100.14 -10.64 -12.97
C SER B 28 101.55 -10.76 -12.43
N SER B 29 102.43 -11.17 -13.33
CA SER B 29 103.84 -11.37 -13.02
C SER B 29 104.52 -10.12 -12.46
N ASP B 30 104.13 -8.93 -12.92
CA ASP B 30 104.75 -7.71 -12.43
C ASP B 30 104.58 -7.59 -10.92
N LYS B 31 103.86 -8.55 -10.33
CA LYS B 31 103.64 -8.58 -8.88
C LYS B 31 102.73 -7.49 -8.37
N THR B 32 101.87 -6.97 -9.23
CA THR B 32 100.96 -5.90 -8.82
C THR B 32 99.52 -6.18 -9.23
N ILE B 33 98.60 -5.46 -8.59
CA ILE B 33 97.18 -5.58 -8.87
C ILE B 33 96.66 -4.20 -9.27
N LYS B 34 96.09 -4.10 -10.47
CA LYS B 34 95.55 -2.82 -10.92
C LYS B 34 94.03 -2.78 -10.82
N ILE B 35 93.52 -1.67 -10.30
CA ILE B 35 92.09 -1.48 -10.13
C ILE B 35 91.56 -0.62 -11.29
N PHE B 36 90.50 -1.10 -11.94
CA PHE B 36 89.91 -0.36 -13.05
C PHE B 36 88.43 -0.07 -12.80
N GLU B 37 87.89 0.80 -13.64
CA GLU B 37 86.48 1.17 -13.60
C GLU B 37 86.03 1.09 -15.04
N VAL B 38 85.01 0.30 -15.30
CA VAL B 38 84.50 0.16 -16.66
C VAL B 38 83.11 0.77 -16.75
N GLU B 39 82.78 1.33 -17.90
CA GLU B 39 81.48 1.94 -18.13
C GLU B 39 80.95 1.40 -19.46
N GLY B 40 80.72 2.29 -20.41
CA GLY B 40 80.25 1.85 -21.72
C GLY B 40 81.37 1.09 -22.39
N GLU B 41 82.21 1.82 -23.12
CA GLU B 41 83.36 1.22 -23.80
C GLU B 41 84.61 2.02 -23.48
N THR B 42 84.75 2.40 -22.21
CA THR B 42 85.88 3.17 -21.72
C THR B 42 86.39 2.53 -20.43
N HIS B 43 87.46 3.08 -19.88
CA HIS B 43 88.05 2.60 -18.64
C HIS B 43 89.06 3.60 -18.13
N LYS B 44 89.29 3.59 -16.82
CA LYS B 44 90.25 4.51 -16.22
C LYS B 44 90.92 3.91 -15.00
N LEU B 45 92.17 3.50 -15.16
CA LEU B 45 92.95 2.92 -14.06
C LEU B 45 92.73 3.79 -12.82
N ILE B 46 92.57 3.17 -11.66
CA ILE B 46 92.35 3.89 -10.42
C ILE B 46 93.51 3.74 -9.46
N ASP B 47 94.31 2.68 -9.64
CA ASP B 47 95.43 2.44 -8.73
C ASP B 47 96.24 1.22 -9.17
N THR B 48 97.38 1.00 -8.51
CA THR B 48 98.25 -0.13 -8.78
C THR B 48 98.74 -0.61 -7.41
N LEU B 49 98.27 -1.79 -7.00
CA LEU B 49 98.62 -2.39 -5.72
C LEU B 49 100.01 -3.03 -5.68
N THR B 50 100.81 -2.58 -4.71
CA THR B 50 102.19 -3.06 -4.53
C THR B 50 102.40 -3.76 -3.20
N GLY B 51 103.23 -4.81 -3.21
CA GLY B 51 103.50 -5.54 -2.00
C GLY B 51 104.02 -6.95 -2.22
N HIS B 52 103.33 -7.75 -3.04
CA HIS B 52 103.77 -9.12 -3.29
C HIS B 52 105.20 -9.21 -3.79
N GLU B 53 105.89 -10.29 -3.44
CA GLU B 53 107.27 -10.51 -3.83
C GLU B 53 107.39 -11.47 -5.01
N GLY B 54 106.25 -12.03 -5.43
CA GLY B 54 106.25 -12.96 -6.56
C GLY B 54 105.05 -12.68 -7.43
N PRO B 55 104.96 -13.30 -8.62
CA PRO B 55 103.81 -13.06 -9.50
C PRO B 55 102.50 -13.27 -8.74
N VAL B 56 101.50 -12.43 -9.02
CA VAL B 56 100.21 -12.54 -8.34
C VAL B 56 99.33 -13.49 -9.12
N TRP B 57 98.83 -14.51 -8.44
CA TRP B 57 98.00 -15.55 -9.06
C TRP B 57 96.51 -15.23 -9.16
N ARG B 58 95.90 -14.84 -8.04
CA ARG B 58 94.48 -14.55 -8.08
C ARG B 58 94.04 -13.50 -7.09
N VAL B 59 92.83 -12.99 -7.31
CA VAL B 59 92.23 -11.98 -6.45
C VAL B 59 90.74 -12.27 -6.31
N ASP B 60 90.15 -11.85 -5.20
CA ASP B 60 88.72 -12.04 -4.97
C ASP B 60 88.16 -10.85 -4.21
N TRP B 61 87.00 -10.37 -4.65
CA TRP B 61 86.33 -9.24 -4.01
C TRP B 61 85.45 -9.72 -2.87
N ALA B 62 85.51 -9.02 -1.73
CA ALA B 62 84.68 -9.38 -0.59
C ALA B 62 83.28 -8.77 -0.73
N HIS B 63 82.40 -9.16 0.18
CA HIS B 63 81.03 -8.64 0.17
C HIS B 63 81.02 -7.18 0.61
N PRO B 64 80.22 -6.35 -0.08
CA PRO B 64 80.12 -4.92 0.26
C PRO B 64 79.76 -4.62 1.71
N LYS B 65 79.02 -5.51 2.36
CA LYS B 65 78.63 -5.25 3.75
C LYS B 65 79.81 -5.26 4.72
N PHE B 66 81.02 -5.38 4.18
CA PHE B 66 82.21 -5.38 5.02
C PHE B 66 83.09 -4.19 4.67
N GLY B 67 82.92 -3.69 3.45
CA GLY B 67 83.68 -2.56 2.97
C GLY B 67 84.20 -2.87 1.59
N THR B 68 84.94 -1.94 1.00
CA THR B 68 85.52 -2.18 -0.32
C THR B 68 86.83 -2.93 -0.05
N ILE B 69 86.84 -4.22 -0.36
CA ILE B 69 88.02 -5.06 -0.12
C ILE B 69 88.33 -6.03 -1.26
N LEU B 70 89.61 -6.39 -1.37
CA LEU B 70 90.10 -7.30 -2.39
C LEU B 70 91.16 -8.20 -1.77
N ALA B 71 91.16 -9.47 -2.13
CA ALA B 71 92.15 -10.40 -1.60
C ALA B 71 93.01 -10.85 -2.76
N SER B 72 94.27 -11.10 -2.49
CA SER B 72 95.18 -11.56 -3.52
C SER B 72 96.10 -12.61 -2.91
N CYS B 73 96.68 -13.45 -3.77
CA CYS B 73 97.59 -14.51 -3.34
C CYS B 73 98.67 -14.63 -4.40
N SER B 74 99.87 -15.02 -3.99
CA SER B 74 100.96 -15.12 -4.95
C SER B 74 102.00 -16.21 -4.74
N TYR B 75 102.79 -16.42 -5.78
CA TYR B 75 103.86 -17.40 -5.77
C TYR B 75 104.71 -17.24 -4.52
N ASP B 76 104.68 -16.05 -3.94
CA ASP B 76 105.46 -15.75 -2.74
C ASP B 76 104.93 -16.45 -1.50
N GLY B 77 103.82 -17.18 -1.67
CA GLY B 77 103.23 -17.90 -0.55
C GLY B 77 102.53 -17.09 0.51
N LYS B 78 101.95 -15.95 0.11
CA LYS B 78 101.25 -15.09 1.05
C LYS B 78 99.94 -14.61 0.45
N VAL B 79 98.99 -14.27 1.30
CA VAL B 79 97.71 -13.74 0.87
C VAL B 79 97.65 -12.33 1.41
N MSE B 80 97.35 -11.36 0.55
CA MSE B 80 97.28 -9.97 0.95
C MSE B 80 95.88 -9.40 0.73
O MSE B 80 95.27 -9.62 -0.32
CB MSE B 80 98.30 -9.14 0.17
CG MSE B 80 99.71 -9.14 0.76
SE MSE B 80 101.05 -8.34 -0.37
CE MSE B 80 102.61 -9.20 0.35
N ILE B 81 95.38 -8.69 1.73
CA ILE B 81 94.07 -8.07 1.64
C ILE B 81 94.26 -6.58 1.42
N TRP B 82 93.47 -6.01 0.53
CA TRP B 82 93.58 -4.59 0.23
C TRP B 82 92.25 -3.92 0.59
N LYS B 83 92.28 -2.62 0.84
CA LYS B 83 91.06 -1.91 1.22
C LYS B 83 91.08 -0.46 0.78
N GLU B 84 89.95 0.00 0.25
CA GLU B 84 89.80 1.37 -0.23
C GLU B 84 88.94 2.16 0.75
N GLU B 85 89.56 2.73 1.78
CA GLU B 85 88.84 3.51 2.78
C GLU B 85 89.14 5.00 2.63
N ASN B 86 88.09 5.75 2.30
CA ASN B 86 88.18 7.21 2.11
C ASN B 86 88.76 7.56 0.73
N GLY B 87 88.77 6.58 -0.18
CA GLY B 87 89.28 6.84 -1.51
C GLY B 87 90.67 6.30 -1.81
N ARG B 88 91.30 5.65 -0.85
CA ARG B 88 92.64 5.11 -1.08
C ARG B 88 92.85 3.68 -0.56
N TRP B 89 93.60 2.90 -1.33
CA TRP B 89 93.88 1.51 -1.01
C TRP B 89 95.09 1.28 -0.11
N SER B 90 94.90 0.53 0.98
CA SER B 90 95.98 0.22 1.90
C SER B 90 95.91 -1.24 2.39
N GLN B 91 97.05 -1.92 2.41
CA GLN B 91 97.10 -3.30 2.87
C GLN B 91 96.78 -3.36 4.35
N ILE B 92 95.56 -3.71 4.68
CA ILE B 92 95.13 -3.77 6.06
C ILE B 92 95.63 -4.98 6.86
N ALA B 93 95.89 -6.10 6.17
CA ALA B 93 96.36 -7.31 6.83
C ALA B 93 97.18 -8.20 5.90
N VAL B 94 97.83 -9.22 6.47
CA VAL B 94 98.64 -10.14 5.69
C VAL B 94 98.54 -11.57 6.27
N HIS B 95 98.34 -12.55 5.38
CA HIS B 95 98.22 -13.96 5.78
C HIS B 95 99.30 -14.80 5.09
N ALA B 96 100.17 -15.40 5.88
CA ALA B 96 101.26 -16.22 5.35
C ALA B 96 101.64 -17.36 6.28
N VAL B 97 100.97 -18.50 6.12
CA VAL B 97 101.23 -19.67 6.94
C VAL B 97 101.67 -20.86 6.06
N HIS B 98 101.60 -20.68 4.75
CA HIS B 98 101.97 -21.73 3.83
C HIS B 98 103.45 -21.67 3.44
N SER B 99 104.02 -22.80 3.06
CA SER B 99 105.41 -22.84 2.70
C SER B 99 105.68 -22.97 1.20
N ALA B 100 104.67 -22.68 0.38
CA ALA B 100 104.81 -22.75 -1.06
C ALA B 100 103.79 -21.78 -1.64
N SER B 101 103.77 -21.66 -2.97
CA SER B 101 102.84 -20.77 -3.64
C SER B 101 101.38 -20.95 -3.23
N VAL B 102 100.63 -19.85 -3.17
CA VAL B 102 99.20 -19.87 -2.85
C VAL B 102 98.54 -19.64 -4.20
N ASN B 103 97.72 -20.59 -4.62
CA ASN B 103 97.14 -20.49 -5.94
C ASN B 103 95.72 -20.03 -6.03
N SER B 104 95.06 -19.94 -4.89
CA SER B 104 93.68 -19.46 -4.86
C SER B 104 93.37 -18.93 -3.50
N VAL B 105 92.44 -18.00 -3.48
CA VAL B 105 92.00 -17.38 -2.25
C VAL B 105 90.56 -17.04 -2.61
N GLN B 106 89.63 -17.27 -1.69
CA GLN B 106 88.26 -16.96 -2.03
C GLN B 106 87.44 -16.61 -0.81
N TRP B 107 86.67 -15.52 -0.95
CA TRP B 107 85.83 -15.02 0.11
C TRP B 107 84.62 -15.93 0.28
N ALA B 108 84.36 -16.32 1.52
CA ALA B 108 83.24 -17.17 1.86
C ALA B 108 81.91 -16.43 1.65
N PRO B 109 80.78 -17.14 1.83
CA PRO B 109 79.47 -16.50 1.67
C PRO B 109 79.31 -15.51 2.83
N HIS B 110 78.92 -14.26 2.55
CA HIS B 110 78.80 -13.27 3.62
C HIS B 110 78.14 -13.76 4.92
N GLU B 111 77.16 -14.66 4.82
CA GLU B 111 76.49 -15.17 6.00
C GLU B 111 77.51 -15.76 6.98
N TYR B 112 78.62 -16.24 6.43
CA TYR B 112 79.67 -16.83 7.25
C TYR B 112 80.47 -15.72 7.91
N GLY B 113 80.34 -14.52 7.33
CA GLY B 113 81.08 -13.38 7.83
C GLY B 113 82.25 -13.16 6.89
N PRO B 114 83.20 -12.28 7.24
CA PRO B 114 84.34 -12.06 6.34
C PRO B 114 85.39 -13.17 6.46
N MSE B 115 85.17 -14.27 5.73
CA MSE B 115 86.09 -15.41 5.73
C MSE B 115 86.82 -15.57 4.41
O MSE B 115 86.31 -15.17 3.35
CB MSE B 115 85.37 -16.71 6.05
CG MSE B 115 85.24 -17.05 7.52
SE MSE B 115 85.08 -18.96 7.76
CE MSE B 115 83.21 -19.16 7.43
N LEU B 116 87.99 -16.18 4.47
CA LEU B 116 88.79 -16.38 3.29
C LEU B 116 89.21 -17.83 3.15
N LEU B 117 89.02 -18.40 1.96
CA LEU B 117 89.41 -19.79 1.67
C LEU B 117 90.71 -19.78 0.85
N VAL B 118 91.77 -20.37 1.39
CA VAL B 118 93.06 -20.41 0.72
C VAL B 118 93.68 -21.81 0.52
N ALA B 119 94.28 -22.02 -0.66
CA ALA B 119 94.92 -23.28 -1.05
C ALA B 119 96.34 -23.03 -1.57
N SER B 120 97.29 -23.86 -1.15
CA SER B 120 98.69 -23.73 -1.55
C SER B 120 99.38 -25.01 -2.06
N SER B 121 100.46 -24.80 -2.83
CA SER B 121 101.24 -25.89 -3.41
C SER B 121 101.96 -26.65 -2.29
N ASP B 122 101.70 -26.27 -1.06
CA ASP B 122 102.36 -26.97 0.04
C ASP B 122 101.45 -28.14 0.46
N GLY B 123 100.33 -28.29 -0.24
CA GLY B 123 99.41 -29.38 0.04
C GLY B 123 98.37 -29.06 1.09
N LYS B 124 98.50 -27.89 1.70
CA LYS B 124 97.57 -27.48 2.73
C LYS B 124 96.56 -26.43 2.31
N VAL B 125 95.49 -26.35 3.09
CA VAL B 125 94.43 -25.38 2.87
C VAL B 125 94.25 -24.62 4.19
N SER B 126 94.06 -23.31 4.08
CA SER B 126 93.85 -22.50 5.28
C SER B 126 92.55 -21.73 5.16
N VAL B 127 91.86 -21.59 6.29
CA VAL B 127 90.61 -20.86 6.37
C VAL B 127 90.89 -19.69 7.31
N VAL B 128 90.66 -18.47 6.83
CA VAL B 128 90.97 -17.30 7.65
C VAL B 128 89.83 -16.34 7.96
N GLU B 129 89.61 -16.13 9.24
CA GLU B 129 88.61 -15.19 9.74
C GLU B 129 89.44 -14.19 10.54
N PHE B 130 89.16 -12.91 10.38
CA PHE B 130 89.91 -11.87 11.08
C PHE B 130 89.40 -11.60 12.51
N LYS B 131 90.31 -11.70 13.49
CA LYS B 131 89.96 -11.47 14.89
C LYS B 131 89.36 -10.09 15.13
N GLU B 132 88.76 -9.90 16.29
CA GLU B 132 88.16 -8.61 16.64
C GLU B 132 89.20 -7.51 16.69
N ASN B 133 90.43 -7.86 17.05
CA ASN B 133 91.51 -6.88 17.16
C ASN B 133 92.25 -6.65 15.84
N GLY B 134 92.27 -7.65 14.97
CA GLY B 134 92.95 -7.50 13.69
C GLY B 134 93.75 -8.73 13.29
N THR B 135 94.51 -9.28 14.23
CA THR B 135 95.32 -10.46 13.98
C THR B 135 94.47 -11.60 13.38
N THR B 136 95.13 -12.63 12.87
CA THR B 136 94.44 -13.76 12.27
C THR B 136 94.79 -15.10 12.92
N SER B 137 93.77 -15.86 13.33
CA SER B 137 93.96 -17.17 13.94
C SER B 137 93.31 -18.23 13.04
N PRO B 138 93.94 -18.50 11.88
CA PRO B 138 93.46 -19.48 10.90
C PRO B 138 93.49 -20.97 11.24
N ILE B 139 92.78 -21.73 10.41
CA ILE B 139 92.67 -23.18 10.52
C ILE B 139 93.46 -23.75 9.34
N ILE B 140 94.37 -24.67 9.61
CA ILE B 140 95.18 -25.25 8.55
C ILE B 140 94.96 -26.76 8.51
N ILE B 141 94.69 -27.28 7.32
CA ILE B 141 94.47 -28.71 7.18
C ILE B 141 95.23 -29.28 5.98
N ASP B 142 95.81 -30.46 6.13
CA ASP B 142 96.53 -31.12 5.03
C ASP B 142 95.41 -31.62 4.10
N ALA B 143 95.37 -31.10 2.87
CA ALA B 143 94.30 -31.46 1.94
C ALA B 143 94.61 -32.34 0.72
N HIS B 144 95.84 -32.27 0.22
CA HIS B 144 96.21 -33.02 -0.96
C HIS B 144 97.70 -33.32 -0.94
N ALA B 145 98.10 -34.36 -1.63
CA ALA B 145 99.52 -34.70 -1.76
C ALA B 145 99.95 -33.79 -2.94
N ILE B 146 101.24 -33.60 -3.11
CA ILE B 146 101.77 -32.79 -4.21
C ILE B 146 101.42 -31.30 -4.17
N GLY B 147 100.14 -30.95 -4.08
CA GLY B 147 99.74 -29.55 -4.02
C GLY B 147 98.25 -29.30 -4.24
N VAL B 148 97.74 -28.19 -3.69
CA VAL B 148 96.32 -27.82 -3.85
C VAL B 148 96.28 -26.61 -4.78
N ASN B 149 95.57 -26.73 -5.90
CA ASN B 149 95.53 -25.64 -6.88
C ASN B 149 94.31 -24.75 -6.80
N SER B 150 93.25 -25.24 -6.19
CA SER B 150 92.03 -24.44 -6.10
C SER B 150 91.17 -24.89 -4.93
N ALA B 151 90.26 -24.03 -4.52
CA ALA B 151 89.36 -24.29 -3.40
C ALA B 151 88.20 -23.32 -3.54
N SER B 152 86.97 -23.84 -3.53
CA SER B 152 85.78 -23.03 -3.66
C SER B 152 84.78 -23.42 -2.58
N TRP B 153 83.96 -22.45 -2.17
CA TRP B 153 82.94 -22.66 -1.14
C TRP B 153 81.61 -23.14 -1.70
N ALA B 154 80.89 -23.93 -0.92
CA ALA B 154 79.58 -24.42 -1.28
C ALA B 154 78.62 -23.27 -0.92
N PRO B 155 77.52 -23.12 -1.65
CA PRO B 155 76.60 -22.03 -1.30
C PRO B 155 76.20 -22.17 0.17
N ALA B 156 75.76 -21.08 0.78
CA ALA B 156 75.35 -21.14 2.19
C ALA B 156 74.04 -21.90 2.35
N THR B 157 73.94 -22.69 3.42
CA THR B 157 72.74 -23.48 3.69
C THR B 157 71.46 -22.61 3.65
N SER B 170 77.38 -27.75 8.19
CA SER B 170 76.54 -27.34 7.07
C SER B 170 77.35 -26.48 6.11
N ARG B 171 78.55 -26.10 6.55
CA ARG B 171 79.45 -25.29 5.73
C ARG B 171 80.41 -26.22 5.03
N LYS B 172 80.46 -26.11 3.70
CA LYS B 172 81.34 -26.99 2.91
C LYS B 172 82.13 -26.26 1.84
N PHE B 173 83.23 -26.86 1.43
CA PHE B 173 84.04 -26.32 0.36
C PHE B 173 84.77 -27.46 -0.35
N VAL B 174 85.01 -27.25 -1.64
CA VAL B 174 85.68 -28.26 -2.46
C VAL B 174 87.09 -27.82 -2.86
N THR B 175 88.00 -28.78 -2.91
CA THR B 175 89.39 -28.53 -3.29
C THR B 175 89.76 -29.37 -4.52
N GLY B 176 90.84 -28.96 -5.18
CA GLY B 176 91.33 -29.65 -6.37
C GLY B 176 92.84 -29.65 -6.29
N GLY B 177 93.47 -30.79 -6.52
CA GLY B 177 94.92 -30.83 -6.40
C GLY B 177 95.73 -31.51 -7.48
N ALA B 178 97.04 -31.48 -7.26
CA ALA B 178 98.03 -32.05 -8.16
C ALA B 178 98.12 -33.57 -7.96
N ASP B 179 97.17 -34.12 -7.20
CA ASP B 179 97.13 -35.56 -6.97
C ASP B 179 96.00 -36.13 -7.82
N ASN B 180 95.41 -35.26 -8.64
CA ASN B 180 94.31 -35.60 -9.56
C ASN B 180 92.98 -35.74 -8.88
N LEU B 181 92.94 -35.52 -7.57
CA LEU B 181 91.71 -35.67 -6.81
C LEU B 181 90.93 -34.39 -6.57
N VAL B 182 89.62 -34.53 -6.45
CA VAL B 182 88.69 -33.45 -6.13
C VAL B 182 88.20 -33.88 -4.74
N LYS B 183 88.13 -32.96 -3.78
CA LYS B 183 87.70 -33.32 -2.43
C LYS B 183 86.69 -32.36 -1.80
N ILE B 184 85.66 -32.91 -1.18
CA ILE B 184 84.64 -32.09 -0.50
C ILE B 184 84.94 -32.05 1.00
N TRP B 185 84.85 -30.88 1.61
CA TRP B 185 85.11 -30.74 3.03
C TRP B 185 83.92 -30.16 3.80
N LYS B 186 83.76 -30.59 5.04
CA LYS B 186 82.66 -30.13 5.88
C LYS B 186 83.18 -29.76 7.26
N TYR B 187 82.66 -28.68 7.84
CA TYR B 187 83.11 -28.29 9.17
C TYR B 187 82.49 -29.18 10.25
N ASN B 188 83.34 -29.64 11.16
CA ASN B 188 82.94 -30.52 12.26
C ASN B 188 83.24 -29.91 13.64
N SER B 189 82.27 -30.01 14.55
CA SER B 189 82.42 -29.46 15.91
C SER B 189 83.38 -30.26 16.79
N ASP B 190 83.09 -31.55 16.95
CA ASP B 190 83.92 -32.42 17.77
C ASP B 190 85.34 -32.50 17.21
N ALA B 191 85.62 -31.68 16.20
CA ALA B 191 86.94 -31.66 15.57
C ALA B 191 87.46 -30.23 15.46
N GLN B 192 86.54 -29.26 15.51
CA GLN B 192 86.91 -27.85 15.42
C GLN B 192 87.69 -27.58 14.14
N THR B 193 87.29 -28.23 13.05
CA THR B 193 87.97 -28.05 11.77
C THR B 193 87.16 -28.69 10.66
N TYR B 194 87.59 -28.46 9.41
CA TYR B 194 86.92 -29.03 8.27
C TYR B 194 87.50 -30.42 8.05
N VAL B 195 86.62 -31.42 7.96
CA VAL B 195 87.05 -32.79 7.76
C VAL B 195 86.60 -33.34 6.42
N LEU B 196 87.40 -34.25 5.89
CA LEU B 196 87.16 -34.92 4.62
C LEU B 196 85.84 -35.67 4.57
N GLU B 197 84.95 -35.26 3.68
CA GLU B 197 83.65 -35.90 3.52
C GLU B 197 83.58 -36.80 2.28
N SER B 198 84.23 -36.39 1.19
CA SER B 198 84.23 -37.18 -0.04
C SER B 198 85.48 -36.96 -0.87
N THR B 199 86.00 -38.04 -1.45
CA THR B 199 87.17 -37.97 -2.31
C THR B 199 86.69 -38.40 -3.69
N LEU B 200 86.62 -37.45 -4.64
CA LEU B 200 86.15 -37.75 -5.99
C LEU B 200 87.27 -38.04 -6.98
N GLU B 201 87.24 -39.25 -7.56
CA GLU B 201 88.23 -39.67 -8.54
C GLU B 201 87.66 -39.63 -9.94
N GLY B 202 88.39 -39.05 -10.87
CA GLY B 202 87.90 -38.95 -12.24
C GLY B 202 88.86 -38.29 -13.22
N HIS B 203 89.92 -37.71 -12.70
CA HIS B 203 90.92 -37.07 -13.55
C HIS B 203 92.16 -37.94 -13.53
N SER B 204 92.98 -37.82 -14.56
CA SER B 204 94.19 -38.64 -14.63
C SER B 204 95.43 -37.76 -14.66
N ASP B 205 95.24 -36.49 -14.31
CA ASP B 205 96.32 -35.53 -14.25
C ASP B 205 95.84 -34.39 -13.37
N TRP B 206 96.76 -33.55 -12.91
CA TRP B 206 96.44 -32.44 -12.03
C TRP B 206 95.11 -31.75 -12.30
N VAL B 207 94.44 -31.38 -11.20
CA VAL B 207 93.18 -30.67 -11.26
C VAL B 207 93.59 -29.23 -11.08
N ARG B 208 93.26 -28.39 -12.05
CA ARG B 208 93.66 -26.97 -12.01
C ARG B 208 92.68 -26.06 -11.30
N ASP B 209 91.39 -26.33 -11.46
CA ASP B 209 90.37 -25.51 -10.84
C ASP B 209 89.15 -26.36 -10.47
N VAL B 210 88.39 -25.86 -9.51
CA VAL B 210 87.16 -26.51 -9.06
C VAL B 210 86.22 -25.37 -8.73
N ALA B 211 84.97 -25.48 -9.16
CA ALA B 211 84.01 -24.42 -8.88
C ALA B 211 82.68 -24.99 -8.45
N TRP B 212 82.21 -24.59 -7.27
CA TRP B 212 80.92 -25.05 -6.77
C TRP B 212 79.84 -24.08 -7.21
N SER B 213 78.89 -24.53 -7.99
CA SER B 213 77.83 -23.65 -8.47
C SER B 213 76.99 -23.09 -7.33
N PRO B 214 76.63 -21.79 -7.43
CA PRO B 214 75.83 -21.09 -6.43
C PRO B 214 74.34 -21.44 -6.49
N THR B 215 73.91 -22.05 -7.60
CA THR B 215 72.52 -22.45 -7.78
C THR B 215 71.94 -22.93 -6.45
N VAL B 216 70.72 -22.52 -6.15
CA VAL B 216 70.07 -22.90 -4.90
C VAL B 216 69.13 -24.10 -5.08
N LEU B 217 68.98 -24.57 -6.32
CA LEU B 217 68.12 -25.71 -6.62
C LEU B 217 68.54 -26.97 -5.86
N LEU B 218 67.59 -27.89 -5.74
CA LEU B 218 67.80 -29.17 -5.04
C LEU B 218 69.18 -29.79 -5.29
N ARG B 219 69.45 -30.05 -6.57
CA ARG B 219 70.71 -30.66 -6.99
C ARG B 219 71.92 -29.73 -6.88
N SER B 220 73.01 -30.25 -6.33
CA SER B 220 74.24 -29.52 -6.19
C SER B 220 75.08 -29.77 -7.44
N TYR B 221 75.80 -28.74 -7.88
CA TYR B 221 76.67 -28.83 -9.06
C TYR B 221 78.06 -28.28 -8.74
N MSE B 222 79.09 -28.99 -9.19
CA MSE B 222 80.46 -28.55 -9.03
C MSE B 222 81.16 -28.90 -10.33
O MSE B 222 80.76 -29.85 -11.03
CB MSE B 222 81.18 -29.27 -7.89
CG MSE B 222 80.58 -29.09 -6.53
SE MSE B 222 81.74 -29.94 -5.24
CE MSE B 222 82.18 -31.53 -6.28
N ALA B 223 82.17 -28.14 -10.70
CA ALA B 223 82.91 -28.40 -11.91
C ALA B 223 84.37 -28.45 -11.57
N SER B 224 85.06 -29.47 -12.07
CA SER B 224 86.48 -29.57 -11.83
C SER B 224 87.11 -29.55 -13.22
N VAL B 225 88.25 -28.87 -13.31
CA VAL B 225 88.96 -28.72 -14.56
C VAL B 225 90.35 -29.31 -14.39
N SER B 226 90.86 -29.96 -15.43
CA SER B 226 92.15 -30.61 -15.31
C SER B 226 93.18 -30.50 -16.43
N GLN B 227 94.42 -30.82 -16.05
CA GLN B 227 95.59 -30.83 -16.90
C GLN B 227 95.42 -31.98 -17.91
N ASP B 228 94.45 -32.87 -17.66
CA ASP B 228 94.21 -33.98 -18.56
C ASP B 228 93.32 -33.61 -19.72
N ARG B 229 92.97 -32.33 -19.80
CA ARG B 229 92.14 -31.82 -20.89
C ARG B 229 90.64 -32.17 -20.82
N THR B 230 90.14 -32.45 -19.63
CA THR B 230 88.72 -32.75 -19.49
C THR B 230 88.09 -31.90 -18.41
N CYS B 231 86.79 -31.74 -18.49
CA CYS B 231 86.03 -31.01 -17.49
C CYS B 231 84.98 -32.01 -17.01
N ILE B 232 84.82 -32.12 -15.70
CA ILE B 232 83.81 -33.01 -15.14
C ILE B 232 82.82 -32.20 -14.34
N ILE B 233 81.53 -32.47 -14.56
CA ILE B 233 80.51 -31.80 -13.78
C ILE B 233 80.07 -32.82 -12.75
N TRP B 234 80.26 -32.49 -11.48
CA TRP B 234 79.87 -33.38 -10.42
C TRP B 234 78.51 -32.92 -9.92
N THR B 235 77.55 -33.84 -9.81
CA THR B 235 76.24 -33.49 -9.30
C THR B 235 75.80 -34.40 -8.16
N GLN B 236 74.97 -33.87 -7.27
CA GLN B 236 74.46 -34.64 -6.14
C GLN B 236 73.01 -34.27 -5.88
N ASP B 237 72.11 -35.22 -6.17
CA ASP B 237 70.68 -35.03 -6.00
C ASP B 237 70.24 -34.65 -4.59
N ASN B 238 70.87 -35.25 -3.59
CA ASN B 238 70.53 -34.96 -2.20
C ASN B 238 71.56 -35.60 -1.31
N GLU B 239 71.40 -35.36 0.00
CA GLU B 239 72.33 -35.89 1.00
C GLU B 239 72.56 -37.38 0.90
N GLN B 240 71.56 -38.10 0.38
CA GLN B 240 71.66 -39.54 0.24
C GLN B 240 72.31 -40.01 -1.06
N GLY B 241 72.39 -39.12 -2.05
CA GLY B 241 72.98 -39.48 -3.32
C GLY B 241 74.48 -39.32 -3.36
N PRO B 242 75.18 -40.10 -4.20
CA PRO B 242 76.64 -40.00 -4.32
C PRO B 242 76.96 -38.85 -5.32
N TRP B 243 78.22 -38.47 -5.43
CA TRP B 243 78.60 -37.44 -6.38
C TRP B 243 78.81 -38.14 -7.72
N LYS B 244 77.92 -37.88 -8.66
CA LYS B 244 77.98 -38.50 -9.97
C LYS B 244 78.84 -37.71 -10.95
N LYS B 245 79.69 -38.43 -11.69
CA LYS B 245 80.61 -37.86 -12.67
C LYS B 245 80.01 -37.78 -14.07
N THR B 246 80.06 -36.61 -14.67
CA THR B 246 79.54 -36.41 -16.02
C THR B 246 80.50 -35.54 -16.84
N LEU B 247 81.22 -36.14 -17.79
CA LEU B 247 82.15 -35.39 -18.64
C LEU B 247 81.43 -34.26 -19.36
N LEU B 248 82.02 -33.06 -19.37
CA LEU B 248 81.38 -31.94 -20.04
C LEU B 248 81.11 -32.31 -21.49
N LYS B 249 82.04 -33.04 -22.09
CA LYS B 249 81.86 -33.51 -23.46
C LYS B 249 82.65 -34.80 -23.59
N GLU B 250 82.21 -35.66 -24.50
CA GLU B 250 82.84 -36.96 -24.69
C GLU B 250 84.29 -36.97 -25.16
N GLU B 251 84.68 -35.98 -25.94
CA GLU B 251 86.05 -35.91 -26.45
C GLU B 251 86.89 -34.95 -25.62
N LYS B 252 88.19 -35.22 -25.52
CA LYS B 252 89.08 -34.35 -24.76
C LYS B 252 89.15 -33.00 -25.46
N PHE B 253 89.57 -31.97 -24.75
CA PHE B 253 89.67 -30.64 -25.33
C PHE B 253 91.04 -30.51 -25.98
N PRO B 254 91.22 -29.49 -26.84
CA PRO B 254 92.50 -29.29 -27.52
C PRO B 254 93.67 -29.06 -26.57
N ASP B 255 93.46 -28.23 -25.56
CA ASP B 255 94.52 -27.94 -24.59
C ASP B 255 94.02 -28.10 -23.15
N VAL B 256 94.92 -27.88 -22.20
CA VAL B 256 94.64 -27.97 -20.77
C VAL B 256 93.53 -27.01 -20.38
N LEU B 257 92.64 -27.44 -19.48
CA LEU B 257 91.56 -26.57 -19.00
C LEU B 257 92.11 -25.94 -17.73
N TRP B 258 91.87 -24.64 -17.55
CA TRP B 258 92.45 -23.92 -16.41
C TRP B 258 91.49 -23.33 -15.40
N ARG B 259 90.29 -22.99 -15.84
CA ARG B 259 89.32 -22.38 -14.95
C ARG B 259 87.91 -22.74 -15.36
N ALA B 260 87.00 -22.64 -14.39
CA ALA B 260 85.59 -22.91 -14.62
C ALA B 260 84.91 -21.83 -13.81
N SER B 261 83.78 -21.32 -14.30
CA SER B 261 83.06 -20.28 -13.57
C SER B 261 81.56 -20.39 -13.82
N TRP B 262 80.79 -20.34 -12.74
CA TRP B 262 79.34 -20.45 -12.85
C TRP B 262 78.69 -19.07 -12.80
N SER B 263 77.66 -18.88 -13.61
CA SER B 263 76.94 -17.63 -13.62
C SER B 263 76.10 -17.57 -12.35
N LEU B 264 75.61 -16.38 -11.99
CA LEU B 264 74.82 -16.24 -10.77
C LEU B 264 73.41 -16.79 -10.89
N SER B 265 72.96 -16.96 -12.13
CA SER B 265 71.63 -17.47 -12.38
C SER B 265 71.61 -18.25 -13.70
N GLY B 266 70.89 -19.36 -13.71
CA GLY B 266 70.81 -20.18 -14.91
C GLY B 266 71.80 -21.32 -14.90
N ASN B 267 72.71 -21.31 -13.93
CA ASN B 267 73.70 -22.35 -13.81
C ASN B 267 74.38 -22.53 -15.17
N VAL B 268 75.02 -21.47 -15.64
CA VAL B 268 75.73 -21.48 -16.91
C VAL B 268 77.22 -21.50 -16.59
N LEU B 269 77.94 -22.41 -17.23
CA LEU B 269 79.37 -22.57 -16.97
C LEU B 269 80.28 -21.93 -18.02
N ALA B 270 81.29 -21.21 -17.54
CA ALA B 270 82.27 -20.54 -18.39
C ALA B 270 83.59 -21.28 -18.27
N LEU B 271 83.97 -22.00 -19.32
CA LEU B 271 85.22 -22.77 -19.31
C LEU B 271 86.36 -22.03 -19.98
N SER B 272 87.54 -22.05 -19.34
CA SER B 272 88.74 -21.38 -19.87
C SER B 272 89.81 -22.40 -20.30
N GLY B 273 90.12 -22.42 -21.60
CA GLY B 273 91.11 -23.36 -22.09
C GLY B 273 92.51 -22.81 -22.33
N GLY B 274 93.43 -23.71 -22.65
CA GLY B 274 94.81 -23.31 -22.90
C GLY B 274 94.91 -22.67 -24.27
N ASP B 275 94.09 -23.16 -25.19
CA ASP B 275 94.05 -22.63 -26.56
C ASP B 275 93.52 -21.20 -26.47
N ASN B 276 93.53 -20.67 -25.25
CA ASN B 276 93.07 -19.33 -24.96
C ASN B 276 91.61 -19.15 -25.38
N LYS B 277 90.90 -20.25 -25.54
CA LYS B 277 89.50 -20.20 -25.94
C LYS B 277 88.55 -20.34 -24.76
N VAL B 278 87.42 -19.66 -24.86
CA VAL B 278 86.38 -19.70 -23.84
C VAL B 278 85.07 -20.22 -24.44
N THR B 279 84.59 -21.32 -23.87
CA THR B 279 83.35 -21.94 -24.33
C THR B 279 82.34 -21.89 -23.19
N LEU B 280 81.08 -21.59 -23.52
CA LEU B 280 80.04 -21.51 -22.52
C LEU B 280 79.11 -22.70 -22.60
N TRP B 281 78.73 -23.25 -21.45
CA TRP B 281 77.87 -24.41 -21.45
C TRP B 281 76.65 -24.36 -20.55
N LYS B 282 75.61 -25.09 -20.94
CA LYS B 282 74.38 -25.19 -20.18
C LYS B 282 73.88 -26.63 -20.21
N GLU B 283 73.11 -27.01 -19.21
CA GLU B 283 72.58 -28.36 -19.10
C GLU B 283 71.25 -28.49 -19.84
N ASN B 284 70.98 -29.67 -20.42
CA ASN B 284 69.72 -29.86 -21.13
C ASN B 284 68.85 -30.96 -20.51
N LEU B 285 67.65 -31.14 -21.07
CA LEU B 285 66.71 -32.16 -20.57
C LEU B 285 67.36 -33.48 -20.18
N GLU B 286 68.33 -33.91 -20.97
CA GLU B 286 69.02 -35.18 -20.74
C GLU B 286 70.00 -35.17 -19.58
N GLY B 287 70.34 -33.99 -19.09
CA GLY B 287 71.29 -33.94 -17.99
C GLY B 287 72.70 -33.84 -18.53
N LYS B 288 72.80 -33.70 -19.85
CA LYS B 288 74.10 -33.56 -20.51
C LYS B 288 74.30 -32.10 -20.90
N TRP B 289 75.54 -31.71 -21.16
CA TRP B 289 75.83 -30.33 -21.49
C TRP B 289 75.99 -30.02 -22.97
N GLU B 290 75.73 -28.77 -23.31
CA GLU B 290 75.80 -28.29 -24.68
C GLU B 290 76.06 -26.80 -24.65
N PRO B 291 76.53 -26.23 -25.78
CA PRO B 291 76.83 -24.79 -25.94
C PRO B 291 75.68 -23.87 -25.55
N ALA B 292 75.97 -22.90 -24.68
CA ALA B 292 74.96 -21.96 -24.21
C ALA B 292 74.81 -20.73 -25.12
N ALA C 9 -108.16 19.72 17.79
CA ALA C 9 -108.23 19.55 16.30
C ALA C 9 -106.97 20.13 15.64
N PRO C 10 -106.62 19.60 14.45
CA PRO C 10 -105.43 20.09 13.74
C PRO C 10 -105.63 21.53 13.23
N THR C 11 -104.56 22.29 13.19
CA THR C 11 -104.65 23.66 12.67
C THR C 11 -103.50 23.90 11.72
N TRP C 12 -103.78 24.64 10.65
CA TRP C 12 -102.76 24.95 9.66
C TRP C 12 -101.58 25.76 10.17
N TYR C 13 -101.85 26.84 10.91
CA TYR C 13 -100.75 27.70 11.37
C TYR C 13 -100.63 28.15 12.82
N GLY C 14 -99.41 28.61 13.15
CA GLY C 14 -99.11 29.16 14.45
C GLY C 14 -98.93 28.28 15.68
N GLU C 15 -98.83 26.98 15.50
CA GLU C 15 -98.67 26.10 16.64
C GLU C 15 -97.26 26.23 17.23
N PRO C 16 -97.14 26.13 18.57
CA PRO C 16 -95.82 26.25 19.18
C PRO C 16 -94.93 25.11 18.72
N SER C 17 -93.63 25.36 18.71
CA SER C 17 -92.67 24.36 18.28
C SER C 17 -91.27 24.82 18.61
N PRO C 18 -90.39 23.87 18.97
CA PRO C 18 -89.00 24.14 19.32
C PRO C 18 -88.19 24.57 18.08
N ALA C 19 -88.70 24.23 16.90
CA ALA C 19 -88.05 24.54 15.62
C ALA C 19 -86.54 24.42 15.70
N ALA C 20 -86.03 23.36 16.31
CA ALA C 20 -84.60 23.19 16.46
C ALA C 20 -83.81 23.05 15.15
N HIS C 21 -82.56 23.50 15.18
CA HIS C 21 -81.66 23.46 14.03
C HIS C 21 -80.26 23.25 14.57
N TRP C 22 -79.44 22.54 13.81
CA TRP C 22 -78.06 22.33 14.18
C TRP C 22 -77.33 23.50 13.56
N ALA C 23 -76.25 23.94 14.21
CA ALA C 23 -75.47 25.04 13.69
C ALA C 23 -74.02 24.67 13.81
N PHE C 24 -73.17 25.37 13.06
CA PHE C 24 -71.74 25.11 13.06
C PHE C 24 -71.10 25.09 14.44
N GLY C 25 -70.14 24.19 14.63
CA GLY C 25 -69.48 24.08 15.91
C GLY C 25 -70.15 23.13 16.88
N GLY C 26 -71.17 22.42 16.43
CA GLY C 26 -71.87 21.49 17.31
C GLY C 26 -72.93 22.16 18.15
N LYS C 27 -73.44 23.29 17.68
CA LYS C 27 -74.45 24.04 18.41
C LYS C 27 -75.86 23.64 17.99
N LEU C 28 -76.76 23.65 18.97
CA LEU C 28 -78.15 23.31 18.75
C LEU C 28 -78.94 24.54 19.14
N VAL C 29 -79.75 25.02 18.21
CA VAL C 29 -80.56 26.19 18.43
C VAL C 29 -82.02 25.79 18.49
N GLN C 30 -82.77 26.45 19.36
CA GLN C 30 -84.19 26.15 19.50
C GLN C 30 -84.90 27.29 20.20
N ILE C 31 -86.22 27.33 20.04
CA ILE C 31 -87.04 28.36 20.64
C ILE C 31 -87.34 27.93 22.07
N THR C 32 -87.36 28.88 23.01
CA THR C 32 -87.62 28.55 24.41
C THR C 32 -89.07 28.17 24.66
N PRO C 33 -89.32 27.40 25.73
CA PRO C 33 -90.67 26.96 26.08
C PRO C 33 -91.75 28.04 25.98
N ASP C 34 -91.47 29.23 26.53
CA ASP C 34 -92.42 30.34 26.47
C ASP C 34 -92.65 30.80 25.03
N GLY C 35 -91.76 30.37 24.14
CA GLY C 35 -91.88 30.72 22.73
C GLY C 35 -91.54 32.14 22.33
N LYS C 36 -90.81 32.85 23.19
CA LYS C 36 -90.45 34.23 22.89
C LYS C 36 -88.94 34.45 23.00
N GLY C 37 -88.24 33.38 23.34
CA GLY C 37 -86.80 33.45 23.48
C GLY C 37 -86.14 32.39 22.62
N VAL C 38 -84.82 32.35 22.65
CA VAL C 38 -84.08 31.40 21.86
C VAL C 38 -82.98 30.81 22.71
N SER C 39 -82.70 29.53 22.52
CA SER C 39 -81.66 28.85 23.26
C SER C 39 -80.61 28.28 22.32
N ILE C 40 -79.35 28.46 22.68
CA ILE C 40 -78.25 27.95 21.86
C ILE C 40 -77.32 27.14 22.75
N THR C 41 -77.41 25.83 22.67
CA THR C 41 -76.58 24.97 23.49
C THR C 41 -75.63 24.12 22.68
N ASN C 42 -74.79 23.34 23.36
CA ASN C 42 -73.84 22.44 22.70
C ASN C 42 -74.06 21.04 23.25
N PRO C 43 -75.13 20.38 22.79
CA PRO C 43 -75.59 19.04 23.14
C PRO C 43 -74.52 17.98 23.36
N LYS C 44 -74.85 17.06 24.26
CA LYS C 44 -74.00 15.93 24.61
C LYS C 44 -74.35 14.77 23.69
N ILE C 45 -73.35 14.30 22.94
CA ILE C 45 -73.56 13.18 22.04
C ILE C 45 -72.62 12.10 22.57
N SER C 46 -73.20 11.02 23.09
CA SER C 46 -72.42 9.92 23.64
C SER C 46 -71.35 9.47 22.65
N GLY C 47 -70.10 9.46 23.11
CA GLY C 47 -69.00 9.04 22.26
C GLY C 47 -68.40 10.21 21.51
N LEU C 48 -69.10 11.34 21.54
CA LEU C 48 -68.60 12.52 20.85
C LEU C 48 -68.11 13.52 21.90
N GLU C 49 -66.86 13.36 22.31
CA GLU C 49 -66.26 14.25 23.31
C GLU C 49 -65.19 15.12 22.68
N SER C 50 -64.85 16.23 23.32
CA SER C 50 -63.82 17.13 22.82
C SER C 50 -62.48 16.52 23.23
N ASN C 51 -61.53 16.48 22.31
CA ASN C 51 -60.24 15.88 22.62
C ASN C 51 -59.36 16.84 23.41
N THR C 52 -59.46 16.76 24.72
CA THR C 52 -58.69 17.65 25.58
C THR C 52 -57.27 17.18 25.81
N THR C 53 -57.06 15.87 25.80
CA THR C 53 -55.73 15.31 25.99
C THR C 53 -54.79 15.72 24.86
N LEU C 54 -55.31 15.77 23.64
CA LEU C 54 -54.51 16.16 22.48
C LEU C 54 -54.26 17.65 22.51
N SER C 55 -55.27 18.42 22.91
CA SER C 55 -55.15 19.86 23.01
C SER C 55 -54.06 20.15 24.05
N GLU C 56 -54.12 19.41 25.15
CA GLU C 56 -53.15 19.56 26.22
C GLU C 56 -51.76 19.21 25.70
N ALA C 57 -51.64 18.01 25.15
CA ALA C 57 -50.37 17.53 24.61
C ALA C 57 -49.78 18.56 23.67
N LEU C 58 -50.55 18.94 22.66
CA LEU C 58 -50.11 19.91 21.66
C LEU C 58 -49.62 21.23 22.23
N LYS C 59 -50.19 21.65 23.36
CA LYS C 59 -49.79 22.92 23.98
C LYS C 59 -48.60 22.75 24.92
N THR C 60 -48.65 21.72 25.76
CA THR C 60 -47.58 21.46 26.71
C THR C 60 -46.39 20.82 26.02
N LYS C 61 -46.68 20.00 25.02
CA LYS C 61 -45.67 19.27 24.27
C LYS C 61 -45.29 18.06 25.10
N ASP C 62 -46.20 17.68 25.99
CA ASP C 62 -46.02 16.52 26.86
C ASP C 62 -47.02 15.48 26.36
N PHE C 63 -46.52 14.42 25.74
CA PHE C 63 -47.43 13.41 25.22
C PHE C 63 -47.58 12.15 26.07
N LYS C 64 -46.96 12.16 27.25
CA LYS C 64 -47.03 11.02 28.17
C LYS C 64 -48.47 10.53 28.40
N PRO C 65 -49.36 11.41 28.89
CA PRO C 65 -50.75 11.01 29.13
C PRO C 65 -51.39 10.43 27.88
N LEU C 66 -51.23 11.14 26.76
CA LEU C 66 -51.81 10.72 25.48
C LEU C 66 -51.24 9.36 25.06
N ILE C 67 -49.94 9.21 25.18
CA ILE C 67 -49.27 7.96 24.81
C ILE C 67 -49.84 6.82 25.67
N ASN C 68 -49.86 7.03 26.99
CA ASN C 68 -50.37 6.04 27.93
C ASN C 68 -51.83 5.68 27.69
N GLN C 69 -52.66 6.68 27.42
CA GLN C 69 -54.07 6.43 27.17
C GLN C 69 -54.25 5.49 25.99
N ARG C 70 -53.51 5.74 24.90
CA ARG C 70 -53.58 4.88 23.73
C ARG C 70 -52.98 3.52 24.02
N LEU C 71 -51.91 3.51 24.79
CA LEU C 71 -51.22 2.28 25.14
C LEU C 71 -52.09 1.27 25.91
N VAL C 72 -53.13 1.78 26.58
CA VAL C 72 -54.01 0.92 27.36
C VAL C 72 -55.03 0.15 26.54
N LYS C 73 -55.87 0.89 25.80
CA LYS C 73 -56.90 0.25 24.99
C LYS C 73 -56.52 0.24 23.51
N VAL C 74 -55.29 -0.18 23.24
CA VAL C 74 -54.77 -0.25 21.87
C VAL C 74 -55.48 -1.36 21.06
N ILE C 75 -55.44 -1.23 19.74
CA ILE C 75 -56.09 -2.20 18.84
C ILE C 75 -55.25 -3.43 18.47
N ASP C 76 -54.85 -3.54 17.20
CA ASP C 76 -54.06 -4.70 16.76
C ASP C 76 -52.64 -4.69 17.30
N ASP C 77 -51.90 -5.77 17.05
CA ASP C 77 -50.54 -5.91 17.51
C ASP C 77 -49.53 -4.92 16.91
N VAL C 78 -49.67 -4.65 15.62
CA VAL C 78 -48.77 -3.71 14.96
C VAL C 78 -48.92 -2.34 15.61
N ASN C 79 -50.16 -1.95 15.85
CA ASN C 79 -50.47 -0.67 16.48
C ASN C 79 -49.88 -0.61 17.89
N GLU C 80 -49.87 -1.75 18.57
CA GLU C 80 -49.31 -1.80 19.92
C GLU C 80 -47.82 -1.55 19.78
N GLU C 81 -47.20 -2.24 18.82
CA GLU C 81 -45.78 -2.08 18.56
C GLU C 81 -45.47 -0.62 18.31
N ASP C 82 -46.32 0.02 17.52
CA ASP C 82 -46.12 1.43 17.22
C ASP C 82 -46.17 2.29 18.46
N TRP C 83 -47.26 2.20 19.21
CA TRP C 83 -47.37 3.02 20.42
C TRP C 83 -46.26 2.73 21.42
N ASN C 84 -45.90 1.46 21.60
CA ASN C 84 -44.83 1.14 22.50
C ASN C 84 -43.61 1.92 22.03
N MSE C 85 -43.39 1.92 20.72
CA MSE C 85 -42.26 2.63 20.15
C MSE C 85 -42.28 4.08 20.65
O MSE C 85 -41.31 4.57 21.21
CB MSE C 85 -42.33 2.60 18.62
CG MSE C 85 -41.01 2.87 17.92
SE MSE C 85 -41.19 3.98 16.36
CE MSE C 85 -40.89 5.67 17.26
N LEU C 86 -43.43 4.73 20.46
CA LEU C 86 -43.61 6.13 20.86
C LEU C 86 -43.41 6.31 22.37
N GLU C 87 -43.78 5.31 23.15
CA GLU C 87 -43.60 5.38 24.59
C GLU C 87 -42.11 5.54 24.89
N LYS C 88 -41.32 4.57 24.43
CA LYS C 88 -39.87 4.60 24.63
C LYS C 88 -39.28 5.90 24.08
N LEU C 89 -39.60 6.19 22.82
CA LEU C 89 -39.11 7.40 22.18
C LEU C 89 -39.35 8.63 23.07
N SER C 90 -40.54 8.70 23.64
CA SER C 90 -40.92 9.81 24.51
C SER C 90 -40.09 9.83 25.80
N MSE C 91 -39.62 8.66 26.22
CA MSE C 91 -38.83 8.59 27.45
C MSE C 91 -37.36 8.89 27.21
O MSE C 91 -36.86 9.92 27.64
CB MSE C 91 -38.96 7.20 28.07
CG MSE C 91 -40.40 6.76 28.32
SE MSE C 91 -40.52 5.24 29.50
CE MSE C 91 -39.47 3.96 28.49
N ASP C 92 -36.69 8.00 26.49
CA ASP C 92 -35.27 8.15 26.22
C ASP C 92 -34.94 9.37 25.35
N GLY C 93 -35.87 9.73 24.46
CA GLY C 93 -35.63 10.86 23.57
C GLY C 93 -35.22 10.38 22.20
N THR C 94 -35.43 11.21 21.18
CA THR C 94 -35.08 10.84 19.82
C THR C 94 -33.65 10.34 19.68
N GLU C 95 -32.66 11.08 20.18
CA GLU C 95 -31.28 10.66 20.05
C GLU C 95 -30.96 9.33 20.73
N GLU C 96 -31.30 9.21 22.01
CA GLU C 96 -31.04 7.99 22.74
C GLU C 96 -31.75 6.77 22.16
N PHE C 97 -32.96 6.98 21.62
CA PHE C 97 -33.72 5.88 21.03
C PHE C 97 -32.96 5.32 19.83
N LEU C 98 -32.40 6.22 19.03
CA LEU C 98 -31.65 5.82 17.84
C LEU C 98 -30.34 5.13 18.17
N LYS C 99 -29.63 5.62 19.17
CA LYS C 99 -28.36 5.01 19.56
C LYS C 99 -28.59 3.55 19.94
N GLU C 100 -29.61 3.29 20.74
CA GLU C 100 -29.92 1.96 21.21
C GLU C 100 -30.53 1.04 20.14
N ALA C 101 -31.27 1.62 19.20
CA ALA C 101 -31.90 0.82 18.16
C ALA C 101 -30.96 0.44 17.03
N LEU C 102 -29.82 1.12 16.94
CA LEU C 102 -28.85 0.85 15.89
C LEU C 102 -27.57 0.19 16.42
N ALA C 103 -27.43 0.15 17.74
CA ALA C 103 -26.26 -0.46 18.37
C ALA C 103 -26.16 -1.97 18.12
N PHE C 104 -24.97 -2.52 18.32
CA PHE C 104 -24.75 -3.94 18.11
C PHE C 104 -25.06 -4.75 19.37
N ASP C 105 -25.01 -6.07 19.22
CA ASP C 105 -25.30 -6.99 20.33
C ASP C 105 -24.43 -6.70 21.55
N GLN C 129 1.80 -9.35 20.40
CA GLN C 129 0.68 -9.50 19.48
C GLN C 129 0.53 -10.96 19.03
N ILE C 130 0.74 -11.21 17.74
CA ILE C 130 0.62 -12.57 17.20
C ILE C 130 2.00 -13.18 17.01
N GLU C 131 2.04 -14.41 16.49
CA GLU C 131 3.29 -15.13 16.26
C GLU C 131 4.17 -14.50 15.18
N THR C 132 5.39 -14.10 15.59
CA THR C 132 6.34 -13.49 14.66
C THR C 132 7.76 -13.97 14.96
N ASN C 133 8.25 -14.89 14.16
CA ASN C 133 9.59 -15.43 14.33
C ASN C 133 10.08 -16.21 13.11
N PHE C 134 10.79 -15.52 12.22
CA PHE C 134 11.34 -16.17 11.03
C PHE C 134 12.86 -16.12 11.06
N GLN C 135 13.48 -17.29 10.98
CA GLN C 135 14.93 -17.40 10.99
C GLN C 135 15.43 -18.15 9.77
N PRO C 136 16.06 -17.44 8.83
CA PRO C 136 16.58 -18.07 7.61
C PRO C 136 17.49 -19.23 7.99
N GLU C 137 17.24 -20.41 7.41
CA GLU C 137 18.03 -21.59 7.72
C GLU C 137 18.55 -22.32 6.50
N GLY C 138 19.75 -22.88 6.64
CA GLY C 138 20.37 -23.64 5.58
C GLY C 138 20.48 -22.97 4.23
N ASP C 139 20.84 -23.77 3.22
CA ASP C 139 21.00 -23.32 1.85
C ASP C 139 19.68 -23.46 1.10
N PHE C 140 19.56 -22.70 0.01
CA PHE C 140 18.36 -22.73 -0.80
C PHE C 140 18.66 -22.13 -2.17
N SER C 141 17.72 -22.29 -3.10
CA SER C 141 17.91 -21.77 -4.44
C SER C 141 16.62 -21.34 -5.09
N LEU C 142 16.74 -20.46 -6.08
CA LEU C 142 15.58 -19.99 -6.80
C LEU C 142 15.28 -20.99 -7.91
N SER C 143 14.06 -21.50 -7.93
CA SER C 143 13.68 -22.45 -8.96
C SER C 143 12.50 -21.90 -9.75
N GLY C 144 12.55 -22.08 -11.06
CA GLY C 144 11.49 -21.57 -11.91
C GLY C 144 11.82 -20.20 -12.43
N ASN C 145 11.41 -19.91 -13.66
CA ASN C 145 11.69 -18.63 -14.28
C ASN C 145 10.99 -17.51 -13.53
N ILE C 146 9.91 -17.86 -12.83
CA ILE C 146 9.15 -16.88 -12.07
C ILE C 146 9.90 -16.41 -10.84
N GLU C 147 10.10 -17.30 -9.87
CA GLU C 147 10.83 -16.95 -8.66
C GLU C 147 12.15 -16.25 -9.00
N GLN C 148 12.66 -16.48 -10.21
CA GLN C 148 13.92 -15.89 -10.65
C GLN C 148 13.80 -14.49 -11.22
N THR C 149 12.85 -14.29 -12.13
CA THR C 149 12.68 -12.98 -12.74
C THR C 149 12.26 -11.94 -11.70
N ILE C 150 11.38 -12.34 -10.79
CA ILE C 150 10.91 -11.42 -9.76
C ILE C 150 12.09 -11.03 -8.87
N SER C 151 12.86 -12.02 -8.43
CA SER C 151 14.01 -11.73 -7.59
C SER C 151 14.84 -10.70 -8.34
N LYS C 152 15.05 -10.91 -9.62
CA LYS C 152 15.82 -9.97 -10.42
C LYS C 152 15.20 -8.58 -10.29
N ASN C 153 13.95 -8.46 -10.69
CA ASN C 153 13.24 -7.18 -10.60
C ASN C 153 13.51 -6.45 -9.28
N LEU C 154 13.43 -7.19 -8.19
CA LEU C 154 13.64 -6.63 -6.86
C LEU C 154 15.02 -5.99 -6.71
N VAL C 155 16.06 -6.80 -6.56
CA VAL C 155 17.42 -6.28 -6.40
C VAL C 155 17.78 -5.30 -7.50
N SER C 156 17.20 -5.50 -8.68
CA SER C 156 17.44 -4.60 -9.80
C SER C 156 16.74 -3.27 -9.52
N GLY C 157 16.29 -3.10 -8.29
CA GLY C 157 15.60 -1.89 -7.91
C GLY C 157 14.53 -1.52 -8.91
N ASN C 158 13.70 -2.50 -9.26
CA ASN C 158 12.63 -2.29 -10.23
C ASN C 158 11.32 -2.86 -9.68
N ILE C 159 10.95 -2.40 -8.49
CA ILE C 159 9.73 -2.85 -7.81
C ILE C 159 8.46 -2.82 -8.66
N LYS C 160 8.40 -1.89 -9.62
CA LYS C 160 7.21 -1.81 -10.47
C LYS C 160 6.92 -3.14 -11.16
N SER C 161 7.74 -3.50 -12.13
CA SER C 161 7.55 -4.75 -12.88
C SER C 161 7.49 -6.00 -12.01
N ALA C 162 8.18 -5.97 -10.88
CA ALA C 162 8.17 -7.12 -9.96
C ALA C 162 6.72 -7.42 -9.51
N VAL C 163 5.97 -6.36 -9.28
CA VAL C 163 4.58 -6.49 -8.85
C VAL C 163 3.78 -7.13 -9.97
N LYS C 164 3.97 -6.60 -11.17
CA LYS C 164 3.26 -7.09 -12.36
C LYS C 164 3.45 -8.59 -12.52
N ASN C 165 4.70 -9.01 -12.67
CA ASN C 165 5.03 -10.42 -12.85
C ASN C 165 4.50 -11.28 -11.70
N SER C 166 4.40 -10.71 -10.50
CA SER C 166 3.87 -11.45 -9.37
C SER C 166 2.37 -11.68 -9.55
N LEU C 167 1.71 -10.67 -10.09
CA LEU C 167 0.27 -10.71 -10.34
C LEU C 167 -0.18 -11.50 -11.57
N GLU C 168 0.50 -11.33 -12.70
CA GLU C 168 0.13 -12.08 -13.90
C GLU C 168 0.27 -13.56 -13.58
N ASN C 169 1.11 -13.82 -12.58
CA ASN C 169 1.30 -15.17 -12.08
C ASN C 169 0.36 -15.14 -10.88
N ASP C 170 0.03 -16.28 -10.28
CA ASP C 170 -0.86 -16.22 -9.13
C ASP C 170 -0.12 -16.09 -7.81
N LEU C 171 0.74 -15.08 -7.73
CA LEU C 171 1.54 -14.82 -6.54
C LEU C 171 1.08 -13.51 -5.90
N MSE C 172 -0.18 -13.45 -5.51
CA MSE C 172 -0.73 -12.22 -4.94
C MSE C 172 -0.13 -11.75 -3.61
O MSE C 172 0.22 -10.58 -3.49
CB MSE C 172 -2.24 -12.34 -4.83
CG MSE C 172 -2.89 -11.01 -4.64
SE MSE C 172 -4.63 -11.05 -5.37
CE MSE C 172 -4.27 -10.17 -7.05
N MSE C 173 -0.03 -12.63 -2.62
CA MSE C 173 0.56 -12.22 -1.34
C MSE C 173 1.92 -11.60 -1.62
O MSE C 173 2.32 -10.63 -0.96
CB MSE C 173 0.75 -13.41 -0.40
CG MSE C 173 -0.54 -13.93 0.20
SE MSE C 173 -0.20 -15.12 1.67
CE MSE C 173 0.41 -16.66 0.65
N GLU C 174 2.62 -12.17 -2.58
CA GLU C 174 3.95 -11.69 -2.96
C GLU C 174 3.83 -10.25 -3.42
N ALA C 175 2.92 -10.00 -4.36
CA ALA C 175 2.70 -8.66 -4.89
C ALA C 175 2.35 -7.70 -3.77
N MSE C 176 1.52 -8.17 -2.84
CA MSE C 176 1.10 -7.35 -1.71
C MSE C 176 2.28 -7.02 -0.81
O MSE C 176 2.62 -5.85 -0.64
CB MSE C 176 0.00 -8.06 -0.92
CG MSE C 176 -1.37 -8.01 -1.58
SE MSE C 176 -2.66 -9.16 -0.72
CE MSE C 176 -4.08 -9.06 -2.02
N VAL C 177 2.90 -8.05 -0.24
CA VAL C 177 4.04 -7.86 0.64
C VAL C 177 5.03 -6.86 0.05
N ILE C 178 5.15 -6.87 -1.28
CA ILE C 178 6.07 -5.95 -1.95
C ILE C 178 5.50 -4.53 -1.96
N ALA C 179 4.32 -4.36 -2.54
CA ALA C 179 3.68 -3.04 -2.62
C ALA C 179 3.45 -2.49 -1.21
N LEU C 180 3.26 -3.39 -0.26
CA LEU C 180 3.03 -3.04 1.13
C LEU C 180 4.35 -2.54 1.73
N ASP C 181 5.38 -2.46 0.90
CA ASP C 181 6.70 -2.01 1.34
C ASP C 181 7.14 -0.79 0.56
N SER C 182 6.34 -0.39 -0.43
CA SER C 182 6.67 0.78 -1.22
C SER C 182 5.76 1.92 -0.82
N ASN C 183 6.13 3.13 -1.19
CA ASN C 183 5.32 4.28 -0.86
C ASN C 183 4.63 4.86 -2.08
N ASN C 184 4.55 4.06 -3.13
CA ASN C 184 3.88 4.49 -4.36
C ASN C 184 2.39 4.25 -4.13
N GLU C 185 1.53 4.96 -4.85
CA GLU C 185 0.10 4.78 -4.68
C GLU C 185 -0.53 4.05 -5.85
N ARG C 186 -0.39 4.60 -7.05
CA ARG C 186 -0.96 3.99 -8.25
C ARG C 186 -0.63 2.50 -8.30
N LEU C 187 0.59 2.16 -7.89
CA LEU C 187 1.01 0.77 -7.87
C LEU C 187 0.40 0.13 -6.64
N LYS C 188 0.66 0.75 -5.49
CA LYS C 188 0.16 0.28 -4.21
C LYS C 188 -1.35 0.02 -4.25
N GLU C 189 -2.02 0.51 -5.29
CA GLU C 189 -3.46 0.31 -5.41
C GLU C 189 -3.81 -0.58 -6.60
N SER C 190 -2.84 -0.79 -7.48
CA SER C 190 -3.04 -1.67 -8.62
C SER C 190 -3.19 -3.06 -8.04
N VAL C 191 -2.48 -3.29 -6.95
CA VAL C 191 -2.51 -4.56 -6.25
C VAL C 191 -3.86 -4.78 -5.60
N LYS C 192 -4.40 -3.72 -5.01
CA LYS C 192 -5.70 -3.80 -4.35
C LYS C 192 -6.81 -4.12 -5.33
N ASN C 193 -6.76 -3.49 -6.50
CA ASN C 193 -7.77 -3.74 -7.53
C ASN C 193 -7.65 -5.16 -8.06
N ALA C 194 -6.41 -5.65 -8.14
CA ALA C 194 -6.16 -7.00 -8.61
C ALA C 194 -6.83 -7.97 -7.63
N TYR C 195 -6.66 -7.70 -6.34
CA TYR C 195 -7.23 -8.53 -5.30
C TYR C 195 -8.76 -8.60 -5.42
N PHE C 196 -9.39 -7.43 -5.48
CA PHE C 196 -10.83 -7.34 -5.60
C PHE C 196 -11.30 -8.01 -6.89
N ALA C 197 -10.57 -7.76 -7.96
CA ALA C 197 -10.90 -8.30 -9.28
C ALA C 197 -11.16 -9.80 -9.32
N LYS C 198 -10.48 -10.59 -8.49
CA LYS C 198 -10.71 -12.02 -8.55
C LYS C 198 -11.27 -12.64 -7.28
N TYR C 199 -11.16 -11.94 -6.16
CA TYR C 199 -11.68 -12.49 -4.93
C TYR C 199 -13.00 -11.86 -4.54
N GLY C 200 -13.24 -10.65 -5.04
CA GLY C 200 -14.46 -9.95 -4.72
C GLY C 200 -15.74 -10.76 -4.73
N SER C 201 -15.93 -11.56 -5.78
CA SER C 201 -17.13 -12.38 -5.94
C SER C 201 -17.05 -13.72 -5.22
N LYS C 202 -15.88 -14.05 -4.70
CA LYS C 202 -15.71 -15.31 -4.02
C LYS C 202 -15.71 -15.22 -2.50
N SER C 203 -15.84 -14.00 -1.98
CA SER C 203 -15.83 -13.81 -0.52
C SER C 203 -16.64 -12.58 -0.14
N SER C 204 -17.48 -12.72 0.87
CA SER C 204 -18.30 -11.60 1.33
C SER C 204 -17.43 -10.57 2.03
N LEU C 205 -16.46 -11.04 2.80
CA LEU C 205 -15.55 -10.14 3.50
C LEU C 205 -14.77 -9.36 2.46
N SER C 206 -14.38 -10.06 1.40
CA SER C 206 -13.63 -9.45 0.30
C SER C 206 -14.48 -8.36 -0.37
N ARG C 207 -15.74 -8.68 -0.63
CA ARG C 207 -16.65 -7.75 -1.26
C ARG C 207 -16.88 -6.50 -0.37
N ILE C 208 -16.92 -6.71 0.94
CA ILE C 208 -17.12 -5.62 1.87
C ILE C 208 -15.89 -4.73 1.90
N LEU C 209 -14.72 -5.36 1.96
CA LEU C 209 -13.45 -4.63 1.97
C LEU C 209 -13.41 -3.71 0.74
N TYR C 210 -13.94 -4.21 -0.37
CA TYR C 210 -13.97 -3.46 -1.59
C TYR C 210 -14.61 -2.09 -1.40
N SER C 211 -15.87 -2.09 -0.95
CA SER C 211 -16.60 -0.85 -0.76
C SER C 211 -15.88 0.07 0.21
N ILE C 212 -15.31 -0.49 1.25
CA ILE C 212 -14.59 0.31 2.22
C ILE C 212 -13.37 0.93 1.55
N SER C 213 -12.61 0.11 0.84
CA SER C 213 -11.41 0.56 0.17
C SER C 213 -11.76 1.64 -0.86
N LYS C 214 -12.93 1.53 -1.47
CA LYS C 214 -13.37 2.48 -2.48
C LYS C 214 -14.23 3.58 -1.84
N ARG C 215 -14.38 3.50 -0.53
CA ARG C 215 -15.17 4.47 0.23
C ARG C 215 -16.58 4.67 -0.33
N GLU C 216 -17.33 3.57 -0.47
CA GLU C 216 -18.70 3.63 -0.96
C GLU C 216 -19.53 2.67 -0.13
N VAL C 217 -20.85 2.82 -0.18
CA VAL C 217 -21.73 1.94 0.56
C VAL C 217 -22.89 1.50 -0.32
N ASP C 218 -22.94 2.04 -1.53
CA ASP C 218 -23.99 1.71 -2.47
C ASP C 218 -24.24 0.20 -2.59
N ASP C 219 -23.16 -0.56 -2.70
CA ASP C 219 -23.26 -1.99 -2.82
C ASP C 219 -23.84 -2.61 -1.55
N LEU C 220 -23.41 -2.12 -0.38
CA LEU C 220 -23.91 -2.63 0.89
C LEU C 220 -25.37 -2.30 1.13
N VAL C 221 -25.76 -1.09 0.76
CA VAL C 221 -27.12 -0.64 0.97
C VAL C 221 -28.11 -1.37 0.07
N GLU C 222 -27.64 -1.75 -1.09
CA GLU C 222 -28.52 -2.39 -2.06
C GLU C 222 -28.49 -3.92 -2.08
N ASN C 223 -27.36 -4.52 -1.73
CA ASN C 223 -27.23 -5.97 -1.78
C ASN C 223 -26.89 -6.77 -0.52
N LEU C 224 -26.23 -6.18 0.46
CA LEU C 224 -25.91 -6.96 1.65
C LEU C 224 -27.20 -7.40 2.33
N ASP C 225 -27.19 -8.63 2.83
CA ASP C 225 -28.35 -9.20 3.52
C ASP C 225 -29.01 -8.20 4.46
N VAL C 226 -30.32 -8.04 4.29
CA VAL C 226 -31.14 -7.14 5.09
C VAL C 226 -31.07 -7.46 6.58
N SER C 227 -30.45 -8.59 6.90
CA SER C 227 -30.31 -9.03 8.27
C SER C 227 -29.15 -8.33 8.92
N GLN C 228 -28.19 -7.93 8.10
CA GLN C 228 -27.01 -7.24 8.60
C GLN C 228 -27.21 -5.72 8.46
N TRP C 229 -28.47 -5.30 8.41
CA TRP C 229 -28.80 -3.89 8.25
C TRP C 229 -28.10 -2.94 9.22
N LYS C 230 -27.90 -3.36 10.47
CA LYS C 230 -27.24 -2.49 11.43
C LYS C 230 -25.79 -2.22 11.02
N PHE C 231 -25.23 -3.13 10.24
CA PHE C 231 -23.86 -2.96 9.77
C PHE C 231 -23.85 -1.93 8.66
N ILE C 232 -24.82 -2.05 7.77
CA ILE C 232 -25.00 -1.14 6.64
C ILE C 232 -25.14 0.26 7.23
N SER C 233 -26.10 0.40 8.14
CA SER C 233 -26.38 1.67 8.80
C SER C 233 -25.11 2.28 9.34
N LYS C 234 -24.44 1.56 10.23
CA LYS C 234 -23.20 2.03 10.82
C LYS C 234 -22.19 2.40 9.72
N ALA C 235 -22.22 1.67 8.62
CA ALA C 235 -21.31 1.96 7.53
C ALA C 235 -21.66 3.32 6.94
N ILE C 236 -22.96 3.52 6.69
CA ILE C 236 -23.46 4.77 6.15
C ILE C 236 -23.04 5.93 7.05
N GLN C 237 -23.15 5.73 8.36
CA GLN C 237 -22.80 6.76 9.33
C GLN C 237 -21.32 7.11 9.32
N ASN C 238 -20.47 6.09 9.23
CA ASN C 238 -19.03 6.32 9.24
C ASN C 238 -18.40 6.72 7.91
N LEU C 239 -19.21 6.89 6.88
CA LEU C 239 -18.70 7.30 5.57
C LEU C 239 -19.12 8.73 5.27
N TYR C 240 -20.24 9.14 5.86
CA TYR C 240 -20.81 10.48 5.64
C TYR C 240 -21.08 11.22 6.95
N PRO C 241 -20.04 11.42 7.78
CA PRO C 241 -20.25 12.13 9.05
C PRO C 241 -20.48 13.64 8.89
N ASN C 242 -19.99 14.20 7.78
CA ASN C 242 -20.14 15.62 7.51
C ASN C 242 -21.11 15.89 6.36
N ASP C 243 -21.85 14.85 5.95
CA ASP C 243 -22.78 14.98 4.83
C ASP C 243 -24.13 14.38 5.18
N ILE C 244 -24.94 15.14 5.90
CA ILE C 244 -26.25 14.69 6.35
C ILE C 244 -27.22 14.38 5.21
N ALA C 245 -27.09 15.07 4.09
CA ALA C 245 -27.99 14.85 2.97
C ALA C 245 -27.75 13.47 2.37
N GLN C 246 -26.50 13.18 2.03
CA GLN C 246 -26.14 11.90 1.43
C GLN C 246 -26.51 10.81 2.44
N ARG C 247 -26.10 11.01 3.69
CA ARG C 247 -26.39 10.05 4.74
C ARG C 247 -27.88 9.76 4.83
N ASN C 248 -28.70 10.80 4.92
CA ASN C 248 -30.14 10.60 5.00
C ASN C 248 -30.66 9.88 3.77
N GLU C 249 -30.14 10.22 2.60
CA GLU C 249 -30.58 9.59 1.38
C GLU C 249 -30.31 8.09 1.44
N MSE C 250 -29.10 7.70 1.85
CA MSE C 250 -28.76 6.29 1.95
C MSE C 250 -29.61 5.60 3.00
O MSE C 250 -30.21 4.55 2.77
CB MSE C 250 -27.27 6.14 2.30
CG MSE C 250 -26.33 6.55 1.17
SE MSE C 250 -26.82 5.82 -0.57
CE MSE C 250 -25.97 4.12 -0.43
N MSE C 251 -29.65 6.21 4.19
CA MSE C 251 -30.41 5.71 5.31
C MSE C 251 -31.86 5.45 4.87
O MSE C 251 -32.52 4.53 5.36
CB MSE C 251 -30.38 6.77 6.42
CG MSE C 251 -30.32 6.26 7.83
SE MSE C 251 -28.74 5.27 8.25
CE MSE C 251 -29.42 4.45 9.82
N ILE C 252 -32.36 6.26 3.93
CA ILE C 252 -33.72 6.11 3.42
C ILE C 252 -33.79 4.98 2.42
N LYS C 253 -32.70 4.81 1.66
CA LYS C 253 -32.63 3.77 0.65
C LYS C 253 -32.74 2.45 1.40
N LEU C 254 -31.96 2.34 2.47
CA LEU C 254 -31.93 1.14 3.28
C LEU C 254 -33.29 0.89 3.90
N GLY C 255 -33.94 1.98 4.33
CA GLY C 255 -35.26 1.87 4.93
C GLY C 255 -36.29 1.38 3.94
N ASP C 256 -36.26 1.93 2.72
CA ASP C 256 -37.22 1.50 1.70
C ASP C 256 -37.07 -0.01 1.53
N ARG C 257 -35.82 -0.43 1.43
CA ARG C 257 -35.52 -1.83 1.25
C ARG C 257 -36.04 -2.70 2.40
N MSE C 258 -35.78 -2.29 3.64
CA MSE C 258 -36.25 -3.04 4.80
C MSE C 258 -37.74 -3.28 4.73
O MSE C 258 -38.22 -4.39 4.94
CB MSE C 258 -35.93 -2.28 6.08
CG MSE C 258 -34.46 -2.02 6.26
SE MSE C 258 -33.50 -3.65 6.07
CE MSE C 258 -33.83 -4.34 7.85
N LYS C 259 -38.47 -2.20 4.45
CA LYS C 259 -39.91 -2.24 4.35
C LYS C 259 -40.33 -3.25 3.29
N GLU C 260 -39.73 -3.14 2.12
CA GLU C 260 -40.07 -4.02 1.00
C GLU C 260 -39.75 -5.49 1.29
N ASN C 261 -39.01 -5.73 2.37
CA ASN C 261 -38.62 -7.08 2.76
C ASN C 261 -39.30 -7.53 4.04
N GLY C 262 -40.41 -6.88 4.39
CA GLY C 262 -41.13 -7.26 5.59
C GLY C 262 -40.58 -6.82 6.93
N HIS C 263 -39.52 -6.01 6.94
CA HIS C 263 -38.97 -5.53 8.20
C HIS C 263 -39.55 -4.14 8.48
N ARG C 264 -40.84 -4.14 8.77
CA ARG C 264 -41.61 -2.93 9.04
C ARG C 264 -41.05 -2.04 10.16
N GLN C 265 -40.83 -2.62 11.32
CA GLN C 265 -40.33 -1.84 12.45
C GLN C 265 -38.95 -1.22 12.24
N ASP C 266 -38.04 -1.97 11.62
CA ASP C 266 -36.70 -1.45 11.41
C ASP C 266 -36.69 -0.37 10.33
N SER C 267 -37.76 -0.29 9.54
CA SER C 267 -37.83 0.71 8.51
C SER C 267 -38.20 2.03 9.13
N LEU C 268 -39.05 2.01 10.15
CA LEU C 268 -39.45 3.25 10.81
C LEU C 268 -38.24 3.83 11.56
N THR C 269 -37.41 2.95 12.10
CA THR C 269 -36.21 3.36 12.82
C THR C 269 -35.23 4.05 11.88
N LEU C 270 -35.01 3.46 10.70
CA LEU C 270 -34.11 4.07 9.73
C LEU C 270 -34.68 5.40 9.26
N TYR C 271 -36.00 5.41 9.00
CA TYR C 271 -36.69 6.61 8.55
C TYR C 271 -36.59 7.70 9.62
N LEU C 272 -36.79 7.32 10.87
CA LEU C 272 -36.71 8.27 11.97
C LEU C 272 -35.33 8.89 11.96
N ALA C 273 -34.31 8.04 11.99
CA ALA C 273 -32.93 8.50 12.00
C ALA C 273 -32.61 9.44 10.84
N ALA C 274 -33.41 9.38 9.77
CA ALA C 274 -33.16 10.22 8.61
C ALA C 274 -34.08 11.44 8.58
N GLY C 275 -34.94 11.54 9.59
CA GLY C 275 -35.87 12.65 9.67
C GLY C 275 -36.85 12.68 8.50
N SER C 276 -37.23 11.50 8.02
CA SER C 276 -38.18 11.41 6.91
C SER C 276 -39.59 11.12 7.42
N LEU C 277 -40.32 12.19 7.74
CA LEU C 277 -41.68 12.05 8.22
C LEU C 277 -42.58 11.63 7.05
N ASP C 278 -42.17 11.94 5.81
CA ASP C 278 -42.96 11.55 4.64
C ASP C 278 -43.09 10.04 4.54
N LYS C 279 -41.94 9.38 4.53
CA LYS C 279 -41.87 7.93 4.44
C LYS C 279 -42.78 7.29 5.50
N VAL C 280 -42.61 7.71 6.76
CA VAL C 280 -43.44 7.14 7.81
C VAL C 280 -44.91 7.44 7.55
N ALA C 281 -45.19 8.70 7.19
CA ALA C 281 -46.56 9.10 6.92
C ALA C 281 -47.20 8.21 5.85
N SER C 282 -46.48 7.99 4.76
CA SER C 282 -47.00 7.14 3.68
C SER C 282 -47.34 5.74 4.20
N ILE C 283 -46.39 5.12 4.89
CA ILE C 283 -46.59 3.79 5.44
C ILE C 283 -47.89 3.78 6.26
N TRP C 284 -48.02 4.71 7.19
CA TRP C 284 -49.21 4.76 8.03
C TRP C 284 -50.47 5.08 7.25
N LEU C 285 -50.35 5.80 6.15
CA LEU C 285 -51.53 6.11 5.35
C LEU C 285 -52.00 4.87 4.59
N SER C 286 -51.06 4.13 4.03
CA SER C 286 -51.43 2.95 3.27
C SER C 286 -52.12 1.92 4.14
N GLU C 287 -51.78 1.91 5.42
CA GLU C 287 -52.38 0.97 6.37
C GLU C 287 -53.71 1.43 6.96
N PHE C 288 -54.13 2.64 6.63
CA PHE C 288 -55.36 3.20 7.18
C PHE C 288 -56.64 2.42 6.87
N PRO C 289 -56.88 2.11 5.58
CA PRO C 289 -58.06 1.37 5.17
C PRO C 289 -58.28 0.07 5.93
N ASP C 290 -57.24 -0.74 6.04
CA ASP C 290 -57.34 -2.01 6.77
C ASP C 290 -57.68 -1.78 8.23
N LEU C 291 -57.01 -0.79 8.82
CA LEU C 291 -57.22 -0.43 10.22
C LEU C 291 -58.68 -0.05 10.45
N GLU C 292 -59.20 0.77 9.54
CA GLU C 292 -60.58 1.22 9.64
C GLU C 292 -61.55 0.07 9.47
N ASP C 293 -61.09 -1.02 8.85
CA ASP C 293 -61.93 -2.20 8.64
C ASP C 293 -62.00 -3.10 9.85
N LYS C 294 -60.91 -3.17 10.60
CA LYS C 294 -60.86 -3.99 11.81
C LYS C 294 -61.77 -3.38 12.86
N LEU C 295 -61.85 -2.06 12.87
CA LEU C 295 -62.70 -1.36 13.83
C LEU C 295 -64.14 -1.60 13.44
N LYS C 296 -64.39 -1.62 12.14
CA LYS C 296 -65.73 -1.86 11.61
C LYS C 296 -66.25 -3.23 12.04
N LYS C 297 -65.39 -4.23 12.01
CA LYS C 297 -65.78 -5.58 12.42
C LYS C 297 -66.03 -5.64 13.93
N ASP C 298 -65.36 -4.77 14.67
CA ASP C 298 -65.52 -4.73 16.13
C ASP C 298 -66.93 -4.20 16.45
N ASN C 299 -67.88 -4.49 15.57
CA ASN C 299 -69.26 -4.07 15.75
C ASN C 299 -69.43 -2.55 15.92
N LYS C 300 -68.76 -1.79 15.07
CA LYS C 300 -68.85 -0.33 15.11
C LYS C 300 -69.59 0.15 13.86
N THR C 301 -70.29 1.27 14.00
CA THR C 301 -71.01 1.83 12.85
C THR C 301 -69.98 2.55 11.99
N ILE C 302 -70.39 2.94 10.80
CA ILE C 302 -69.50 3.65 9.91
C ILE C 302 -68.90 4.85 10.64
N TYR C 303 -69.75 5.63 11.29
CA TYR C 303 -69.26 6.80 12.02
C TYR C 303 -68.25 6.43 13.10
N GLU C 304 -68.63 5.51 13.98
CA GLU C 304 -67.75 5.08 15.07
C GLU C 304 -66.39 4.63 14.53
N ALA C 305 -66.43 3.80 13.49
CA ALA C 305 -65.23 3.28 12.86
C ALA C 305 -64.34 4.39 12.29
N HIS C 306 -64.95 5.26 11.49
CA HIS C 306 -64.24 6.37 10.88
C HIS C 306 -63.62 7.27 11.95
N SER C 307 -64.45 7.70 12.89
CA SER C 307 -64.02 8.58 13.96
C SER C 307 -62.86 8.05 14.79
N GLU C 308 -62.98 6.83 15.31
CA GLU C 308 -61.93 6.25 16.13
C GLU C 308 -60.66 6.04 15.31
N CYS C 309 -60.83 5.58 14.08
CA CYS C 309 -59.68 5.34 13.23
C CYS C 309 -58.93 6.65 12.96
N MSE C 310 -59.66 7.67 12.56
CA MSE C 310 -59.07 8.97 12.26
C MSE C 310 -58.32 9.53 13.48
O MSE C 310 -57.13 9.80 13.42
CB MSE C 310 -60.18 9.92 11.80
CG MSE C 310 -59.69 11.26 11.25
SE MSE C 310 -58.32 11.16 9.90
CE MSE C 310 -59.41 10.99 8.32
N THR C 311 -59.02 9.68 14.61
CA THR C 311 -58.40 10.20 15.83
C THR C 311 -57.11 9.48 16.20
N GLU C 312 -57.16 8.15 16.24
CA GLU C 312 -55.97 7.38 16.57
C GLU C 312 -54.87 7.66 15.55
N PHE C 313 -55.24 7.77 14.28
CA PHE C 313 -54.24 8.06 13.24
C PHE C 313 -53.58 9.41 13.48
N ILE C 314 -54.38 10.44 13.73
CA ILE C 314 -53.86 11.79 13.96
C ILE C 314 -53.01 11.90 15.23
N GLU C 315 -53.45 11.25 16.29
CA GLU C 315 -52.69 11.33 17.52
C GLU C 315 -51.35 10.65 17.30
N ARG C 316 -51.38 9.48 16.66
CA ARG C 316 -50.14 8.76 16.41
C ARG C 316 -49.19 9.61 15.59
N PHE C 317 -49.73 10.27 14.57
CA PHE C 317 -48.91 11.11 13.69
C PHE C 317 -48.33 12.32 14.42
N THR C 318 -49.20 13.06 15.10
CA THR C 318 -48.78 14.25 15.82
C THR C 318 -47.67 13.94 16.81
N VAL C 319 -47.81 12.86 17.57
CA VAL C 319 -46.78 12.48 18.53
C VAL C 319 -45.45 12.21 17.86
N PHE C 320 -45.48 11.33 16.86
CA PHE C 320 -44.29 11.00 16.12
C PHE C 320 -43.72 12.22 15.42
N SER C 321 -44.58 13.03 14.85
CA SER C 321 -44.16 14.23 14.15
C SER C 321 -43.37 15.15 15.07
N ASN C 322 -43.57 14.95 16.37
CA ASN C 322 -42.91 15.74 17.39
C ASN C 322 -41.45 15.34 17.65
N PHE C 323 -41.09 14.09 17.37
CA PHE C 323 -39.71 13.65 17.59
C PHE C 323 -38.85 13.54 16.34
N ILE C 324 -39.40 13.88 15.19
CA ILE C 324 -38.66 13.78 13.95
C ILE C 324 -38.14 15.16 13.52
N ASN C 325 -37.63 15.26 12.30
CA ASN C 325 -37.10 16.51 11.78
C ASN C 325 -37.79 16.91 10.47
N GLY C 326 -39.07 17.24 10.52
CA GLY C 326 -39.80 17.62 9.32
C GLY C 326 -39.90 19.13 9.15
N ILE C 330 -46.62 19.97 5.75
CA ILE C 330 -47.48 18.93 5.21
C ILE C 330 -47.64 19.12 3.69
N ASN C 331 -47.02 18.25 2.92
CA ASN C 331 -47.08 18.33 1.45
C ASN C 331 -47.88 17.18 0.82
N ASN C 332 -47.95 16.05 1.51
CA ASN C 332 -48.68 14.87 1.04
C ASN C 332 -50.13 15.24 0.72
N GLU C 333 -50.61 14.79 -0.42
CA GLU C 333 -51.96 15.10 -0.86
C GLU C 333 -53.04 14.39 -0.04
N GLN C 334 -52.88 13.09 0.15
CA GLN C 334 -53.86 12.34 0.92
C GLN C 334 -53.84 12.77 2.38
N LEU C 335 -52.64 13.02 2.91
CA LEU C 335 -52.50 13.42 4.31
C LEU C 335 -53.27 14.70 4.62
N ILE C 336 -53.25 15.67 3.71
CA ILE C 336 -53.96 16.92 3.93
C ILE C 336 -55.47 16.70 3.99
N ALA C 337 -55.98 15.86 3.09
CA ALA C 337 -57.40 15.56 3.06
C ALA C 337 -57.84 14.97 4.41
N LYS C 338 -57.00 14.15 5.02
CA LYS C 338 -57.36 13.55 6.31
C LYS C 338 -57.27 14.55 7.46
N PHE C 339 -56.33 15.47 7.39
CA PHE C 339 -56.23 16.47 8.44
C PHE C 339 -57.53 17.28 8.34
N LEU C 340 -57.99 17.50 7.11
CA LEU C 340 -59.21 18.26 6.86
C LEU C 340 -60.43 17.47 7.33
N GLU C 341 -60.32 16.14 7.37
CA GLU C 341 -61.41 15.32 7.88
C GLU C 341 -61.35 15.41 9.42
N PHE C 342 -60.15 15.40 9.97
CA PHE C 342 -60.02 15.48 11.41
C PHE C 342 -60.57 16.83 11.88
N ILE C 343 -60.33 17.86 11.07
CA ILE C 343 -60.77 19.21 11.40
C ILE C 343 -62.28 19.26 11.58
N ASN C 344 -63.04 18.70 10.65
CA ASN C 344 -64.49 18.71 10.73
C ASN C 344 -65.04 17.96 11.95
N LEU C 345 -64.43 16.83 12.29
CA LEU C 345 -64.86 16.07 13.45
C LEU C 345 -64.54 16.90 14.71
N THR C 346 -63.51 17.72 14.61
CA THR C 346 -63.10 18.56 15.72
C THR C 346 -64.04 19.73 15.93
N THR C 347 -64.28 20.50 14.87
CA THR C 347 -65.17 21.65 14.99
C THR C 347 -66.57 21.24 15.44
N SER C 348 -66.97 20.00 15.16
CA SER C 348 -68.29 19.54 15.59
C SER C 348 -68.31 19.22 17.10
N THR C 349 -67.15 19.30 17.73
CA THR C 349 -67.07 19.07 19.17
C THR C 349 -66.98 20.48 19.79
N GLY C 350 -67.02 21.49 18.92
CA GLY C 350 -66.94 22.86 19.35
C GLY C 350 -65.54 23.40 19.59
N ASN C 351 -64.58 22.50 19.70
CA ASN C 351 -63.17 22.86 19.96
C ASN C 351 -62.47 23.56 18.79
N PHE C 352 -62.79 24.83 18.57
CA PHE C 352 -62.17 25.59 17.48
C PHE C 352 -60.68 25.86 17.72
N GLU C 353 -60.23 25.64 18.96
CA GLU C 353 -58.84 25.89 19.30
C GLU C 353 -57.95 24.80 18.73
N LEU C 354 -58.43 23.58 18.75
CA LEU C 354 -57.67 22.46 18.22
C LEU C 354 -57.73 22.53 16.69
N ALA C 355 -58.92 22.80 16.18
CA ALA C 355 -59.13 22.89 14.74
C ALA C 355 -58.20 23.94 14.15
N THR C 356 -58.04 25.05 14.86
CA THR C 356 -57.18 26.12 14.40
C THR C 356 -55.75 25.63 14.35
N GLU C 357 -55.34 24.96 15.42
CA GLU C 357 -53.99 24.42 15.51
C GLU C 357 -53.65 23.60 14.27
N PHE C 358 -54.49 22.64 13.92
CA PHE C 358 -54.24 21.79 12.76
C PHE C 358 -54.34 22.54 11.43
N LEU C 359 -55.29 23.45 11.32
CA LEU C 359 -55.44 24.21 10.09
C LEU C 359 -54.15 24.98 9.78
N ASN C 360 -53.56 25.58 10.82
CA ASN C 360 -52.33 26.35 10.65
C ASN C 360 -51.13 25.52 10.19
N SER C 361 -51.23 24.20 10.32
CA SER C 361 -50.13 23.32 9.91
C SER C 361 -50.27 22.89 8.45
N LEU C 362 -51.33 23.34 7.81
CA LEU C 362 -51.60 23.01 6.41
C LEU C 362 -51.25 24.16 5.48
N PRO C 363 -50.98 23.87 4.19
CA PRO C 363 -50.63 24.95 3.26
C PRO C 363 -51.79 25.91 3.01
N SER C 364 -51.56 27.19 3.35
CA SER C 364 -52.58 28.21 3.16
C SER C 364 -52.85 28.43 1.68
N ASP C 365 -52.01 27.83 0.85
CA ASP C 365 -52.14 27.94 -0.60
C ASP C 365 -53.33 27.12 -1.07
N ASN C 366 -53.87 26.29 -0.17
CA ASN C 366 -55.01 25.43 -0.48
C ASN C 366 -56.30 26.18 -0.13
N GLU C 367 -57.09 26.54 -1.14
CA GLU C 367 -58.31 27.29 -0.88
C GLU C 367 -59.32 26.52 -0.04
N GLU C 368 -59.08 25.22 0.16
CA GLU C 368 -59.96 24.43 1.01
C GLU C 368 -59.53 24.81 2.43
N VAL C 369 -58.23 24.72 2.66
CA VAL C 369 -57.65 25.06 3.95
C VAL C 369 -57.91 26.53 4.21
N LYS C 370 -57.92 27.31 3.12
CA LYS C 370 -58.14 28.75 3.20
C LYS C 370 -59.57 29.03 3.67
N THR C 371 -60.53 28.38 3.01
CA THR C 371 -61.93 28.56 3.37
C THR C 371 -62.18 28.12 4.80
N GLU C 372 -61.63 26.95 5.16
CA GLU C 372 -61.80 26.39 6.49
C GLU C 372 -61.29 27.36 7.55
N LYS C 373 -60.04 27.80 7.41
CA LYS C 373 -59.45 28.73 8.36
C LYS C 373 -60.40 29.89 8.62
N ALA C 374 -60.88 30.50 7.55
CA ALA C 374 -61.80 31.63 7.63
C ALA C 374 -63.05 31.33 8.43
N ARG C 375 -63.69 30.19 8.15
CA ARG C 375 -64.90 29.80 8.86
C ARG C 375 -64.63 29.70 10.35
N VAL C 376 -63.60 28.93 10.71
CA VAL C 376 -63.24 28.74 12.12
C VAL C 376 -62.91 30.09 12.74
N LEU C 377 -62.03 30.84 12.07
CA LEU C 377 -61.63 32.15 12.56
C LEU C 377 -62.84 32.95 13.03
N ILE C 378 -63.76 33.20 12.11
CA ILE C 378 -64.97 33.95 12.37
C ILE C 378 -65.85 33.30 13.44
N ALA C 379 -65.87 31.96 13.46
CA ALA C 379 -66.69 31.21 14.40
C ALA C 379 -66.21 31.28 15.85
N SER C 380 -64.91 31.17 16.06
CA SER C 380 -64.34 31.21 17.40
C SER C 380 -63.99 32.61 17.87
N GLY C 381 -63.60 33.48 16.93
CA GLY C 381 -63.22 34.83 17.27
C GLY C 381 -64.34 35.70 17.83
N VAL D 2 -76.68 28.97 26.11
CA VAL D 2 -76.98 30.44 26.17
C VAL D 2 -78.44 30.69 25.86
N VAL D 3 -78.98 31.78 26.42
CA VAL D 3 -80.38 32.12 26.19
C VAL D 3 -80.55 33.58 25.82
N ILE D 4 -81.49 33.85 24.94
CA ILE D 4 -81.80 35.20 24.51
C ILE D 4 -83.28 35.31 24.79
N ALA D 5 -83.58 35.83 25.97
CA ALA D 5 -84.96 35.97 26.42
C ALA D 5 -85.70 37.10 25.75
N ASN D 6 -87.01 36.94 25.66
CA ASN D 6 -87.89 37.93 25.08
C ASN D 6 -87.35 38.58 23.80
N ALA D 7 -86.96 37.75 22.83
CA ALA D 7 -86.45 38.28 21.57
C ALA D 7 -87.58 39.02 20.89
N HIS D 8 -88.79 38.51 21.06
CA HIS D 8 -89.99 39.10 20.47
C HIS D 8 -91.13 39.10 21.50
N ASN D 9 -92.23 39.77 21.16
CA ASN D 9 -93.38 39.81 22.05
C ASN D 9 -94.37 38.74 21.65
N GLU D 10 -94.51 38.53 20.35
CA GLU D 10 -95.39 37.49 19.83
C GLU D 10 -94.55 36.23 19.74
N MSE D 11 -95.17 35.11 19.40
CA MSE D 11 -94.47 33.85 19.30
C MSE D 11 -93.43 33.86 18.16
O MSE D 11 -93.66 34.44 17.09
CB MSE D 11 -95.47 32.71 19.05
CG MSE D 11 -94.95 31.30 19.31
SE MSE D 11 -96.15 29.97 18.55
CE MSE D 11 -97.83 30.65 19.17
N ILE D 12 -92.28 33.25 18.42
CA ILE D 12 -91.19 33.12 17.45
C ILE D 12 -91.44 31.78 16.71
N HIS D 13 -91.26 31.75 15.40
CA HIS D 13 -91.51 30.51 14.67
C HIS D 13 -90.27 29.83 14.09
N ASP D 14 -89.15 30.56 14.05
CA ASP D 14 -87.91 30.01 13.50
C ASP D 14 -86.73 30.84 13.99
N ALA D 15 -85.62 30.17 14.23
CA ALA D 15 -84.40 30.83 14.68
C ALA D 15 -83.28 30.07 14.00
N VAL D 16 -82.57 30.75 13.11
CA VAL D 16 -81.50 30.11 12.36
C VAL D 16 -80.20 30.88 12.42
N MSE D 17 -79.13 30.18 12.77
CA MSE D 17 -77.82 30.78 12.84
C MSE D 17 -77.22 30.80 11.45
O MSE D 17 -77.67 30.07 10.56
CB MSE D 17 -76.92 30.01 13.79
CG MSE D 17 -77.46 30.02 15.21
SE MSE D 17 -76.07 29.95 16.47
CE MSE D 17 -75.49 31.77 16.35
N ASP D 18 -76.20 31.63 11.24
CA ASP D 18 -75.58 31.73 9.94
C ASP D 18 -74.51 30.68 9.72
N TYR D 19 -73.94 30.69 8.52
CA TYR D 19 -72.89 29.76 8.14
C TYR D 19 -71.76 29.66 9.19
N TYR D 20 -71.63 30.67 10.05
CA TYR D 20 -70.55 30.64 11.05
C TYR D 20 -71.01 30.30 12.46
N GLY D 21 -72.33 30.22 12.65
CA GLY D 21 -72.86 29.92 13.96
C GLY D 21 -72.58 31.09 14.89
N LYS D 22 -72.49 32.28 14.30
CA LYS D 22 -72.21 33.48 15.08
C LYS D 22 -73.39 34.45 15.04
N ARG D 23 -74.00 34.60 13.87
CA ARG D 23 -75.13 35.49 13.68
C ARG D 23 -76.43 34.67 13.66
N MSE D 24 -77.54 35.29 14.08
CA MSE D 24 -78.81 34.59 14.12
C MSE D 24 -80.05 35.41 13.79
O MSE D 24 -80.18 36.56 14.21
CB MSE D 24 -79.03 33.98 15.51
CG MSE D 24 -80.35 33.28 15.63
SE MSE D 24 -80.63 32.71 17.43
CE MSE D 24 -81.44 34.32 18.12
N ALA D 25 -80.96 34.80 13.05
CA ALA D 25 -82.21 35.45 12.66
C ALA D 25 -83.40 34.72 13.28
N THR D 26 -84.40 35.50 13.66
CA THR D 26 -85.62 35.01 14.27
C THR D 26 -86.79 35.72 13.62
N CYS D 27 -87.89 35.00 13.39
CA CYS D 27 -89.09 35.59 12.81
C CYS D 27 -90.27 35.24 13.69
N SER D 28 -91.29 36.09 13.70
CA SER D 28 -92.42 35.84 14.56
C SER D 28 -93.73 36.24 13.95
N SER D 29 -94.78 36.07 14.76
CA SER D 29 -96.13 36.44 14.35
C SER D 29 -96.25 37.96 14.42
N ASP D 30 -95.27 38.62 15.03
CA ASP D 30 -95.34 40.08 15.09
C ASP D 30 -95.00 40.62 13.71
N LYS D 31 -94.66 39.72 12.80
CA LYS D 31 -94.35 40.06 11.40
C LYS D 31 -92.98 40.60 11.12
N THR D 32 -92.05 40.41 12.04
CA THR D 32 -90.73 40.94 11.81
C THR D 32 -89.68 39.85 11.89
N ILE D 33 -88.48 40.22 11.48
CA ILE D 33 -87.34 39.34 11.52
C ILE D 33 -86.34 40.15 12.34
N LYS D 34 -85.77 39.55 13.39
CA LYS D 34 -84.79 40.29 14.16
C LYS D 34 -83.46 39.60 13.97
N ILE D 35 -82.41 40.38 13.70
CA ILE D 35 -81.07 39.83 13.53
C ILE D 35 -80.25 40.08 14.78
N PHE D 36 -79.59 39.04 15.28
CA PHE D 36 -78.75 39.15 16.46
C PHE D 36 -77.37 38.68 16.12
N GLU D 37 -76.42 39.13 16.93
CA GLU D 37 -75.03 38.72 16.80
C GLU D 37 -74.82 38.04 18.14
N VAL D 38 -74.45 36.77 18.11
CA VAL D 38 -74.23 36.01 19.32
C VAL D 38 -72.75 35.67 19.48
N GLU D 39 -72.18 36.02 20.63
CA GLU D 39 -70.79 35.74 20.87
C GLU D 39 -70.69 34.54 21.77
N GLY D 40 -70.20 34.74 22.98
CA GLY D 40 -70.10 33.63 23.91
C GLY D 40 -71.47 33.49 24.52
N GLU D 41 -71.62 33.95 25.74
CA GLU D 41 -72.90 33.90 26.41
C GLU D 41 -73.47 35.30 26.34
N THR D 42 -73.09 36.02 25.30
CA THR D 42 -73.54 37.38 25.07
C THR D 42 -74.11 37.54 23.67
N HIS D 43 -75.08 38.43 23.53
CA HIS D 43 -75.70 38.70 22.25
C HIS D 43 -76.01 40.19 22.15
N LYS D 44 -76.39 40.61 20.94
CA LYS D 44 -76.70 42.00 20.68
C LYS D 44 -77.64 42.08 19.49
N LEU D 45 -78.79 42.72 19.70
CA LEU D 45 -79.76 42.91 18.64
C LEU D 45 -79.18 43.90 17.66
N ILE D 46 -79.14 43.51 16.39
CA ILE D 46 -78.60 44.37 15.35
C ILE D 46 -79.71 45.18 14.71
N ASP D 47 -80.75 44.50 14.23
CA ASP D 47 -81.86 45.21 13.60
C ASP D 47 -83.15 44.39 13.53
N THR D 48 -84.23 45.05 13.16
CA THR D 48 -85.54 44.43 13.02
C THR D 48 -85.95 44.68 11.58
N LEU D 49 -86.34 43.62 10.88
CA LEU D 49 -86.74 43.71 9.49
C LEU D 49 -88.26 43.77 9.38
N THR D 50 -88.74 44.81 8.72
CA THR D 50 -90.17 45.05 8.54
C THR D 50 -90.48 44.99 7.05
N GLY D 51 -91.74 44.72 6.74
CA GLY D 51 -92.14 44.60 5.35
C GLY D 51 -93.26 43.57 5.17
N HIS D 52 -93.11 42.39 5.78
CA HIS D 52 -94.13 41.36 5.66
C HIS D 52 -95.45 41.82 6.26
N GLU D 53 -96.54 41.34 5.70
CA GLU D 53 -97.86 41.74 6.17
C GLU D 53 -98.59 40.71 7.04
N GLY D 54 -97.87 39.66 7.45
CA GLY D 54 -98.49 38.65 8.28
C GLY D 54 -97.42 37.87 8.99
N PRO D 55 -97.78 36.84 9.76
CA PRO D 55 -96.75 36.08 10.45
C PRO D 55 -95.63 35.61 9.53
N VAL D 56 -94.42 35.60 10.06
CA VAL D 56 -93.26 35.14 9.30
C VAL D 56 -92.97 33.73 9.83
N TRP D 57 -93.06 32.74 8.94
CA TRP D 57 -92.89 31.32 9.28
C TRP D 57 -91.47 30.80 9.36
N ARG D 58 -90.65 31.08 8.35
CA ARG D 58 -89.27 30.63 8.37
C ARG D 58 -88.28 31.63 7.76
N VAL D 59 -86.99 31.37 7.98
CA VAL D 59 -85.92 32.18 7.43
C VAL D 59 -84.71 31.28 7.18
N ASP D 60 -83.85 31.70 6.26
CA ASP D 60 -82.64 30.93 5.94
C ASP D 60 -81.53 31.89 5.52
N TRP D 61 -80.29 31.48 5.77
CA TRP D 61 -79.12 32.28 5.44
C TRP D 61 -78.43 31.83 4.16
N ALA D 62 -78.07 32.77 3.31
CA ALA D 62 -77.37 32.44 2.07
C ALA D 62 -75.91 32.14 2.41
N HIS D 63 -75.23 31.40 1.55
CA HIS D 63 -73.82 31.09 1.80
C HIS D 63 -73.06 32.44 1.87
N PRO D 64 -72.04 32.54 2.73
CA PRO D 64 -71.23 33.75 2.90
C PRO D 64 -70.61 34.34 1.63
N LYS D 65 -70.33 33.50 0.63
CA LYS D 65 -69.71 33.99 -0.58
C LYS D 65 -70.60 34.91 -1.40
N PHE D 66 -71.86 35.04 -1.00
CA PHE D 66 -72.78 35.92 -1.72
C PHE D 66 -73.01 37.18 -0.86
N GLY D 67 -72.37 37.22 0.30
CA GLY D 67 -72.52 38.35 1.18
C GLY D 67 -73.36 37.92 2.36
N THR D 68 -73.80 38.88 3.16
CA THR D 68 -74.66 38.59 4.30
C THR D 68 -76.10 38.80 3.84
N ILE D 69 -76.73 37.71 3.43
CA ILE D 69 -78.10 37.72 2.93
C ILE D 69 -79.02 36.73 3.65
N LEU D 70 -80.28 37.12 3.83
CA LEU D 70 -81.25 36.25 4.49
C LEU D 70 -82.54 36.25 3.72
N ALA D 71 -83.23 35.11 3.74
CA ALA D 71 -84.51 35.00 3.07
C ALA D 71 -85.58 34.70 4.11
N SER D 72 -86.77 35.23 3.90
CA SER D 72 -87.84 34.97 4.83
C SER D 72 -89.09 34.61 4.04
N CYS D 73 -90.02 33.89 4.66
CA CYS D 73 -91.30 33.57 4.02
C CYS D 73 -92.39 33.81 5.04
N SER D 74 -93.60 34.10 4.60
CA SER D 74 -94.64 34.35 5.56
C SER D 74 -96.04 34.04 5.09
N TYR D 75 -96.97 34.15 6.03
CA TYR D 75 -98.37 33.93 5.78
C TYR D 75 -98.86 34.83 4.65
N ASP D 76 -98.23 35.98 4.47
CA ASP D 76 -98.69 36.90 3.40
C ASP D 76 -98.50 36.40 1.97
N GLY D 77 -97.77 35.30 1.79
CA GLY D 77 -97.59 34.74 0.46
C GLY D 77 -96.38 35.25 -0.29
N LYS D 78 -95.49 35.94 0.42
CA LYS D 78 -94.29 36.50 -0.19
C LYS D 78 -93.02 36.00 0.45
N VAL D 79 -91.96 36.06 -0.34
CA VAL D 79 -90.65 35.69 0.15
C VAL D 79 -89.91 37.00 0.01
N MSE D 80 -89.19 37.40 1.05
CA MSE D 80 -88.44 38.63 0.99
C MSE D 80 -86.98 38.36 1.20
O MSE D 80 -86.61 37.52 2.00
CB MSE D 80 -88.97 39.62 2.04
CG MSE D 80 -90.31 40.22 1.65
SE MSE D 80 -90.98 41.37 2.99
CE MSE D 80 -92.66 41.72 2.16
N ILE D 81 -86.14 39.07 0.45
CA ILE D 81 -84.69 38.91 0.55
C ILE D 81 -84.07 40.15 1.23
N TRP D 82 -83.26 39.92 2.27
CA TRP D 82 -82.64 41.01 3.00
C TRP D 82 -81.13 40.91 2.89
N LYS D 83 -80.45 42.04 3.06
CA LYS D 83 -78.99 42.08 2.97
C LYS D 83 -78.39 43.06 3.99
N GLU D 84 -77.20 42.74 4.48
CA GLU D 84 -76.51 43.60 5.42
C GLU D 84 -75.28 44.22 4.72
N GLU D 85 -75.33 45.53 4.49
CA GLU D 85 -74.21 46.22 3.87
C GLU D 85 -73.77 47.31 4.83
N ASN D 86 -72.64 47.10 5.48
CA ASN D 86 -72.11 48.05 6.44
C ASN D 86 -73.00 48.13 7.66
N GLY D 87 -73.03 47.05 8.44
CA GLY D 87 -73.83 46.99 9.65
C GLY D 87 -75.30 47.36 9.54
N ARG D 88 -75.77 47.67 8.33
CA ARG D 88 -77.18 48.03 8.13
C ARG D 88 -77.91 47.10 7.17
N TRP D 89 -79.16 46.76 7.51
CA TRP D 89 -79.97 45.86 6.70
C TRP D 89 -81.04 46.57 5.87
N SER D 90 -81.39 45.96 4.74
CA SER D 90 -82.42 46.50 3.85
C SER D 90 -83.01 45.44 2.91
N GLN D 91 -84.30 45.53 2.65
CA GLN D 91 -84.93 44.59 1.75
C GLN D 91 -84.29 44.85 0.39
N ILE D 92 -83.82 43.79 -0.28
CA ILE D 92 -83.20 43.94 -1.58
C ILE D 92 -83.96 43.24 -2.70
N ALA D 93 -85.01 42.52 -2.35
CA ALA D 93 -85.83 41.80 -3.34
C ALA D 93 -87.07 41.23 -2.71
N VAL D 94 -88.01 40.81 -3.56
CA VAL D 94 -89.28 40.23 -3.14
C VAL D 94 -89.74 39.24 -4.18
N HIS D 95 -90.19 38.07 -3.72
CA HIS D 95 -90.69 37.01 -4.59
C HIS D 95 -92.14 36.77 -4.15
N ALA D 96 -93.08 36.98 -5.07
CA ALA D 96 -94.49 36.85 -4.74
C ALA D 96 -95.34 36.23 -5.85
N VAL D 97 -95.17 34.94 -6.08
CA VAL D 97 -95.92 34.25 -7.12
C VAL D 97 -96.97 33.28 -6.56
N HIS D 98 -97.14 33.28 -5.24
CA HIS D 98 -98.05 32.35 -4.60
C HIS D 98 -99.38 32.94 -4.12
N SER D 99 -100.46 32.19 -4.34
CA SER D 99 -101.79 32.62 -3.94
C SER D 99 -102.16 32.26 -2.50
N ALA D 100 -101.18 31.78 -1.75
CA ALA D 100 -101.42 31.42 -0.37
C ALA D 100 -100.12 31.50 0.40
N SER D 101 -100.20 31.14 1.67
CA SER D 101 -99.08 31.18 2.60
C SER D 101 -97.88 30.45 2.08
N VAL D 102 -96.69 30.99 2.38
CA VAL D 102 -95.44 30.37 2.00
C VAL D 102 -94.86 29.84 3.28
N ASN D 103 -94.62 28.53 3.31
CA ASN D 103 -94.18 27.87 4.50
C ASN D 103 -92.72 27.61 4.68
N SER D 104 -91.98 27.48 3.59
CA SER D 104 -90.54 27.31 3.72
C SER D 104 -89.78 27.96 2.58
N VAL D 105 -88.50 28.24 2.85
CA VAL D 105 -87.59 28.84 1.89
C VAL D 105 -86.23 28.30 2.27
N GLN D 106 -85.48 27.79 1.30
CA GLN D 106 -84.17 27.29 1.59
C GLN D 106 -83.20 27.64 0.46
N TRP D 107 -82.04 28.17 0.82
CA TRP D 107 -81.03 28.51 -0.15
C TRP D 107 -80.45 27.20 -0.60
N ALA D 108 -80.16 27.14 -1.90
CA ALA D 108 -79.63 25.96 -2.53
C ALA D 108 -78.17 25.80 -2.20
N PRO D 109 -77.60 24.62 -2.48
CA PRO D 109 -76.19 24.37 -2.23
C PRO D 109 -75.49 25.52 -2.98
N HIS D 110 -74.39 26.05 -2.44
CA HIS D 110 -73.76 27.18 -3.10
C HIS D 110 -73.25 26.97 -4.54
N GLU D 111 -72.73 25.78 -4.86
CA GLU D 111 -72.25 25.53 -6.22
C GLU D 111 -73.27 26.00 -7.25
N TYR D 112 -74.55 25.94 -6.90
CA TYR D 112 -75.63 26.33 -7.81
C TYR D 112 -75.84 27.84 -7.98
N GLY D 113 -75.08 28.63 -7.25
CA GLY D 113 -75.29 30.07 -7.31
C GLY D 113 -76.33 30.38 -6.25
N PRO D 114 -76.74 31.65 -6.09
CA PRO D 114 -77.74 31.94 -5.05
C PRO D 114 -79.17 31.60 -5.46
N MSE D 115 -79.61 30.38 -5.14
CA MSE D 115 -80.96 29.93 -5.49
C MSE D 115 -81.89 29.69 -4.31
O MSE D 115 -81.49 29.20 -3.26
CB MSE D 115 -80.90 28.67 -6.32
CG MSE D 115 -81.42 28.84 -7.71
SE MSE D 115 -81.33 27.16 -8.59
CE MSE D 115 -79.53 26.78 -8.24
N LEU D 116 -83.16 29.95 -4.53
CA LEU D 116 -84.16 29.80 -3.49
C LEU D 116 -85.23 28.77 -3.81
N LEU D 117 -85.44 27.83 -2.89
CA LEU D 117 -86.47 26.79 -3.03
C LEU D 117 -87.63 27.28 -2.14
N VAL D 118 -88.81 27.40 -2.72
CA VAL D 118 -89.98 27.92 -1.99
C VAL D 118 -91.17 26.99 -2.00
N ALA D 119 -91.79 26.80 -0.82
CA ALA D 119 -92.98 25.94 -0.67
C ALA D 119 -94.19 26.71 -0.17
N SER D 120 -95.31 26.54 -0.86
CA SER D 120 -96.51 27.26 -0.47
C SER D 120 -97.73 26.37 -0.28
N SER D 121 -98.69 26.88 0.49
CA SER D 121 -99.93 26.19 0.75
C SER D 121 -100.83 26.23 -0.49
N ASP D 122 -100.36 26.86 -1.55
CA ASP D 122 -101.20 26.90 -2.76
C ASP D 122 -101.02 25.58 -3.49
N GLY D 123 -100.04 24.80 -3.05
CA GLY D 123 -99.80 23.51 -3.65
C GLY D 123 -98.58 23.53 -4.54
N LYS D 124 -97.99 24.71 -4.71
CA LYS D 124 -96.85 24.83 -5.58
C LYS D 124 -95.55 25.11 -4.89
N VAL D 125 -94.50 24.79 -5.62
CA VAL D 125 -93.14 25.05 -5.21
C VAL D 125 -92.56 25.99 -6.29
N SER D 126 -91.67 26.89 -5.89
CA SER D 126 -91.07 27.79 -6.87
C SER D 126 -89.57 27.81 -6.63
N VAL D 127 -88.80 27.77 -7.71
CA VAL D 127 -87.34 27.82 -7.63
C VAL D 127 -86.97 29.21 -8.18
N VAL D 128 -86.17 29.95 -7.42
CA VAL D 128 -85.82 31.31 -7.82
C VAL D 128 -84.35 31.65 -7.76
N GLU D 129 -83.84 32.24 -8.83
CA GLU D 129 -82.45 32.69 -8.86
C GLU D 129 -82.49 34.17 -9.14
N PHE D 130 -81.35 34.84 -9.03
CA PHE D 130 -81.32 36.28 -9.26
C PHE D 130 -80.53 36.69 -10.50
N LYS D 131 -81.18 37.45 -11.37
CA LYS D 131 -80.57 37.93 -12.60
C LYS D 131 -79.41 38.87 -12.28
N GLU D 132 -78.62 39.18 -13.30
CA GLU D 132 -77.47 40.08 -13.13
C GLU D 132 -77.98 41.43 -12.64
N ASN D 133 -79.03 41.91 -13.29
CA ASN D 133 -79.65 43.19 -12.95
C ASN D 133 -80.18 43.29 -11.52
N GLY D 134 -80.70 42.18 -11.00
CA GLY D 134 -81.22 42.20 -9.65
C GLY D 134 -82.52 41.43 -9.46
N THR D 135 -83.47 41.66 -10.36
CA THR D 135 -84.77 40.99 -10.29
C THR D 135 -84.62 39.46 -10.28
N THR D 136 -85.72 38.74 -10.40
CA THR D 136 -85.68 37.28 -10.37
C THR D 136 -86.56 36.57 -11.41
N SER D 137 -86.09 35.42 -11.87
CA SER D 137 -86.84 34.60 -12.84
C SER D 137 -87.14 33.27 -12.13
N PRO D 138 -88.40 33.03 -11.79
CA PRO D 138 -88.79 31.81 -11.10
C PRO D 138 -89.42 30.66 -11.89
N ILE D 139 -89.21 29.45 -11.37
CA ILE D 139 -89.76 28.22 -11.91
C ILE D 139 -90.90 27.85 -10.95
N ILE D 140 -92.05 27.53 -11.50
CA ILE D 140 -93.22 27.20 -10.71
C ILE D 140 -93.74 25.82 -11.10
N ILE D 141 -93.98 24.96 -10.12
CA ILE D 141 -94.51 23.64 -10.41
C ILE D 141 -95.61 23.26 -9.43
N ASP D 142 -96.64 22.58 -9.93
CA ASP D 142 -97.72 22.09 -9.07
C ASP D 142 -97.09 20.84 -8.47
N ALA D 143 -96.92 20.84 -7.14
CA ALA D 143 -96.27 19.72 -6.48
C ALA D 143 -97.13 18.81 -5.57
N HIS D 144 -98.18 19.36 -4.98
CA HIS D 144 -99.00 18.59 -4.04
C HIS D 144 -100.42 19.10 -4.01
N ALA D 145 -101.39 18.20 -3.81
CA ALA D 145 -102.76 18.65 -3.66
C ALA D 145 -102.80 19.26 -2.24
N ILE D 146 -103.80 20.09 -1.96
CA ILE D 146 -103.99 20.70 -0.64
C ILE D 146 -102.95 21.68 -0.10
N GLY D 147 -101.66 21.39 -0.30
CA GLY D 147 -100.67 22.32 0.17
C GLY D 147 -99.28 21.73 0.26
N VAL D 148 -98.26 22.60 0.33
CA VAL D 148 -96.88 22.14 0.47
C VAL D 148 -96.44 22.80 1.74
N ASN D 149 -95.68 22.09 2.57
CA ASN D 149 -95.29 22.64 3.85
C ASN D 149 -93.82 22.75 4.00
N SER D 150 -93.12 22.05 3.14
CA SER D 150 -91.69 22.04 3.25
C SER D 150 -91.02 21.56 1.97
N ALA D 151 -89.77 21.97 1.78
CA ALA D 151 -89.02 21.56 0.62
C ALA D 151 -87.60 21.78 1.03
N SER D 152 -86.80 20.75 0.89
CA SER D 152 -85.40 20.78 1.28
C SER D 152 -84.57 20.28 0.09
N TRP D 153 -83.38 20.86 -0.10
CA TRP D 153 -82.46 20.52 -1.19
C TRP D 153 -81.60 19.32 -0.85
N ALA D 154 -81.26 18.53 -1.86
CA ALA D 154 -80.37 17.40 -1.69
C ALA D 154 -78.98 18.00 -1.84
N PRO D 155 -77.94 17.34 -1.29
CA PRO D 155 -76.59 17.89 -1.43
C PRO D 155 -76.22 17.90 -2.90
N ALA D 156 -75.24 18.73 -3.24
CA ALA D 156 -74.74 18.83 -4.59
C ALA D 156 -73.98 17.55 -4.88
N THR D 157 -74.25 16.94 -6.02
CA THR D 157 -73.59 15.70 -6.42
C THR D 157 -72.07 15.80 -6.32
N ILE D 158 -71.42 14.71 -5.92
CA ILE D 158 -69.97 14.67 -5.79
C ILE D 158 -69.41 13.33 -6.24
N GLY D 166 -70.71 20.26 -12.16
CA GLY D 166 -71.55 21.43 -12.33
C GLY D 166 -72.79 21.19 -13.18
N THR D 167 -73.04 19.92 -13.50
CA THR D 167 -74.20 19.55 -14.31
C THR D 167 -75.53 19.84 -13.59
N LYS D 168 -76.44 20.53 -14.28
CA LYS D 168 -77.72 20.91 -13.71
C LYS D 168 -78.76 19.79 -13.55
N GLU D 169 -78.67 18.77 -14.40
CA GLU D 169 -79.63 17.67 -14.34
C GLU D 169 -79.56 16.88 -13.02
N SER D 170 -78.44 16.96 -12.32
CA SER D 170 -78.25 16.23 -11.06
C SER D 170 -78.82 16.93 -9.82
N ARG D 171 -79.57 18.00 -10.03
CA ARG D 171 -80.13 18.74 -8.92
C ARG D 171 -81.48 18.17 -8.49
N LYS D 172 -81.57 17.82 -7.22
CA LYS D 172 -82.80 17.25 -6.67
C LYS D 172 -83.19 17.97 -5.39
N PHE D 173 -84.46 17.88 -5.04
CA PHE D 173 -84.94 18.41 -3.78
C PHE D 173 -86.22 17.67 -3.40
N VAL D 174 -86.51 17.61 -2.10
CA VAL D 174 -87.70 16.90 -1.64
C VAL D 174 -88.71 17.84 -1.03
N THR D 175 -89.98 17.56 -1.27
CA THR D 175 -91.08 18.33 -0.76
C THR D 175 -91.97 17.43 0.15
N GLY D 176 -92.86 18.06 0.92
CA GLY D 176 -93.76 17.34 1.80
C GLY D 176 -95.02 18.16 1.82
N GLY D 177 -96.16 17.52 1.63
CA GLY D 177 -97.40 18.28 1.63
C GLY D 177 -98.53 17.77 2.51
N ALA D 178 -99.63 18.51 2.49
CA ALA D 178 -100.83 18.19 3.26
C ALA D 178 -101.65 17.11 2.58
N ASP D 179 -101.06 16.39 1.63
CA ASP D 179 -101.75 15.31 0.95
C ASP D 179 -101.12 14.03 1.46
N ASN D 180 -100.22 14.18 2.44
CA ASN D 180 -99.51 13.10 3.12
C ASN D 180 -98.31 12.54 2.38
N LEU D 181 -98.06 13.02 1.17
CA LEU D 181 -96.96 12.47 0.43
C LEU D 181 -95.65 13.20 0.58
N VAL D 182 -94.57 12.48 0.33
CA VAL D 182 -93.23 13.01 0.32
C VAL D 182 -92.83 12.81 -1.15
N LYS D 183 -92.35 13.86 -1.80
CA LYS D 183 -91.98 13.73 -3.22
C LYS D 183 -90.55 14.16 -3.53
N ILE D 184 -90.00 13.56 -4.58
CA ILE D 184 -88.63 13.86 -4.99
C ILE D 184 -88.62 14.40 -6.43
N TRP D 185 -88.01 15.56 -6.58
CA TRP D 185 -87.96 16.22 -7.88
C TRP D 185 -86.54 16.39 -8.40
N LYS D 186 -86.38 16.20 -9.71
CA LYS D 186 -85.06 16.35 -10.35
C LYS D 186 -85.17 17.27 -11.55
N TYR D 187 -84.16 18.11 -11.74
CA TYR D 187 -84.16 19.03 -12.86
C TYR D 187 -83.93 18.25 -14.15
N ASN D 188 -84.71 18.58 -15.17
CA ASN D 188 -84.60 17.96 -16.48
C ASN D 188 -84.39 19.05 -17.55
N SER D 189 -83.27 18.99 -18.28
CA SER D 189 -82.95 19.96 -19.33
C SER D 189 -84.06 20.19 -20.35
N ASP D 190 -84.48 19.12 -21.02
CA ASP D 190 -85.53 19.20 -22.01
C ASP D 190 -86.80 19.90 -21.52
N ALA D 191 -87.31 19.48 -20.36
CA ALA D 191 -88.51 20.05 -19.79
C ALA D 191 -88.27 21.46 -19.27
N GLN D 192 -87.01 21.81 -19.06
CA GLN D 192 -86.66 23.13 -18.58
C GLN D 192 -87.20 23.37 -17.19
N THR D 193 -87.27 22.32 -16.37
CA THR D 193 -87.80 22.47 -15.02
C THR D 193 -87.58 21.23 -14.15
N TYR D 194 -88.16 21.24 -12.95
CA TYR D 194 -88.02 20.10 -12.06
C TYR D 194 -89.15 19.11 -12.27
N VAL D 195 -88.78 17.84 -12.39
CA VAL D 195 -89.80 16.83 -12.61
C VAL D 195 -89.80 15.76 -11.52
N LEU D 196 -90.97 15.18 -11.34
CA LEU D 196 -91.23 14.14 -10.36
C LEU D 196 -90.36 12.90 -10.57
N GLU D 197 -89.55 12.56 -9.56
CA GLU D 197 -88.69 11.37 -9.57
C GLU D 197 -89.38 10.24 -8.80
N SER D 198 -89.92 10.55 -7.63
CA SER D 198 -90.58 9.54 -6.82
C SER D 198 -91.64 10.12 -5.91
N THR D 199 -92.56 9.25 -5.48
CA THR D 199 -93.60 9.62 -4.55
C THR D 199 -93.40 8.60 -3.42
N LEU D 200 -93.26 9.09 -2.19
CA LEU D 200 -93.04 8.23 -1.03
C LEU D 200 -94.23 8.21 -0.09
N GLU D 201 -94.96 7.10 -0.07
CA GLU D 201 -96.12 6.98 0.80
C GLU D 201 -95.69 6.32 2.11
N GLY D 202 -96.25 6.79 3.22
CA GLY D 202 -95.86 6.24 4.50
C GLY D 202 -96.39 7.07 5.66
N HIS D 203 -97.14 8.11 5.35
CA HIS D 203 -97.71 8.96 6.37
C HIS D 203 -99.20 8.91 6.19
N SER D 204 -99.94 9.08 7.28
CA SER D 204 -101.41 9.03 7.22
C SER D 204 -102.00 10.40 7.38
N ASP D 205 -101.14 11.37 7.70
CA ASP D 205 -101.60 12.75 7.86
C ASP D 205 -100.51 13.70 7.31
N TRP D 206 -100.82 14.98 7.22
CA TRP D 206 -99.89 16.00 6.70
C TRP D 206 -98.41 15.88 7.06
N VAL D 207 -97.54 15.96 6.07
CA VAL D 207 -96.09 15.92 6.32
C VAL D 207 -95.82 17.39 6.65
N ARG D 208 -95.15 17.67 7.77
CA ARG D 208 -94.92 19.05 8.18
C ARG D 208 -93.55 19.58 7.81
N ASP D 209 -92.61 18.68 7.64
CA ASP D 209 -91.25 19.04 7.31
C ASP D 209 -90.58 17.84 6.64
N VAL D 210 -89.55 18.11 5.83
CA VAL D 210 -88.77 17.08 5.19
C VAL D 210 -87.40 17.70 5.22
N ALA D 211 -86.38 16.88 5.42
CA ALA D 211 -85.03 17.41 5.46
C ALA D 211 -84.18 16.32 4.80
N TRP D 212 -83.27 16.73 3.92
CA TRP D 212 -82.40 15.77 3.25
C TRP D 212 -81.10 15.85 4.00
N SER D 213 -80.51 14.71 4.32
CA SER D 213 -79.24 14.73 5.05
C SER D 213 -78.08 15.17 4.14
N PRO D 214 -77.14 15.95 4.68
CA PRO D 214 -76.00 16.41 3.87
C PRO D 214 -74.89 15.38 3.89
N THR D 215 -75.06 14.35 4.72
CA THR D 215 -74.09 13.28 4.87
C THR D 215 -73.48 12.84 3.54
N VAL D 216 -72.16 12.70 3.52
CA VAL D 216 -71.42 12.31 2.33
C VAL D 216 -70.88 10.89 2.45
N LEU D 217 -71.76 9.90 2.39
CA LEU D 217 -71.35 8.50 2.50
C LEU D 217 -72.39 7.57 1.91
N LEU D 218 -71.98 6.79 0.90
CA LEU D 218 -72.86 5.84 0.23
C LEU D 218 -74.34 6.22 0.27
N ARG D 219 -75.07 5.70 1.26
CA ARG D 219 -76.50 5.97 1.42
C ARG D 219 -76.92 7.43 1.53
N SER D 220 -78.11 7.71 1.02
CA SER D 220 -78.70 9.03 1.08
C SER D 220 -79.76 8.87 2.15
N TYR D 221 -79.98 9.93 2.93
CA TYR D 221 -80.95 9.92 4.00
C TYR D 221 -81.83 11.14 3.96
N MSE D 222 -83.12 10.94 4.14
CA MSE D 222 -84.07 12.03 4.18
C MSE D 222 -85.01 11.71 5.35
O MSE D 222 -85.21 10.55 5.67
CB MSE D 222 -84.90 12.12 2.89
CG MSE D 222 -84.07 12.31 1.65
SE MSE D 222 -85.25 12.60 0.17
CE MSE D 222 -86.69 11.36 0.67
N ALA D 223 -85.57 12.74 5.95
CA ALA D 223 -86.48 12.52 7.06
C ALA D 223 -87.74 13.28 6.80
N SER D 224 -88.88 12.61 6.98
CA SER D 224 -90.15 13.28 6.83
C SER D 224 -90.69 13.25 8.25
N VAL D 225 -91.46 14.26 8.60
CA VAL D 225 -91.99 14.39 9.94
C VAL D 225 -93.44 14.71 9.69
N SER D 226 -94.34 14.08 10.45
CA SER D 226 -95.77 14.31 10.22
C SER D 226 -96.69 14.63 11.39
N GLN D 227 -97.89 15.06 11.01
CA GLN D 227 -98.96 15.35 11.93
C GLN D 227 -99.46 14.00 12.50
N ASP D 228 -99.17 12.91 11.77
CA ASP D 228 -99.59 11.59 12.21
C ASP D 228 -98.65 11.11 13.30
N ARG D 229 -97.87 12.05 13.83
CA ARG D 229 -96.93 11.80 14.92
C ARG D 229 -95.77 10.83 14.63
N THR D 230 -95.43 10.67 13.36
CA THR D 230 -94.31 9.80 13.02
C THR D 230 -93.19 10.52 12.29
N CYS D 231 -92.02 9.91 12.31
CA CYS D 231 -90.88 10.39 11.59
C CYS D 231 -90.42 9.20 10.80
N ILE D 232 -90.31 9.37 9.49
CA ILE D 232 -89.83 8.30 8.64
C ILE D 232 -88.46 8.73 8.17
N ILE D 233 -87.56 7.77 8.06
CA ILE D 233 -86.21 8.01 7.59
C ILE D 233 -86.15 7.25 6.27
N TRP D 234 -86.03 7.98 5.16
CA TRP D 234 -85.95 7.33 3.86
C TRP D 234 -84.50 7.14 3.50
N THR D 235 -84.19 6.01 2.90
CA THR D 235 -82.82 5.75 2.48
C THR D 235 -82.78 5.22 1.06
N GLN D 236 -81.68 5.51 0.38
CA GLN D 236 -81.51 5.08 -0.98
C GLN D 236 -80.05 4.73 -1.19
N ASP D 237 -79.80 3.58 -1.83
CA ASP D 237 -78.44 3.15 -2.10
C ASP D 237 -78.11 3.31 -3.59
N ASN D 238 -79.14 3.24 -4.43
CA ASN D 238 -78.97 3.36 -5.89
C ASN D 238 -79.62 4.62 -6.43
N GLU D 239 -78.87 5.36 -7.24
CA GLU D 239 -79.36 6.61 -7.84
C GLU D 239 -80.81 6.53 -8.34
N GLN D 240 -81.09 5.56 -9.21
CA GLN D 240 -82.44 5.40 -9.78
C GLN D 240 -83.27 4.39 -8.99
N GLY D 241 -82.67 3.79 -7.95
CA GLY D 241 -83.36 2.80 -7.15
C GLY D 241 -84.46 3.34 -6.25
N PRO D 242 -85.21 2.45 -5.59
CA PRO D 242 -86.31 2.79 -4.69
C PRO D 242 -85.79 3.30 -3.34
N TRP D 243 -86.62 4.03 -2.62
CA TRP D 243 -86.27 4.54 -1.29
C TRP D 243 -86.89 3.63 -0.23
N LYS D 244 -86.11 3.23 0.76
CA LYS D 244 -86.62 2.37 1.83
C LYS D 244 -87.25 3.16 2.98
N LYS D 245 -88.42 2.72 3.40
CA LYS D 245 -89.14 3.35 4.51
C LYS D 245 -88.70 2.73 5.85
N THR D 246 -88.26 3.55 6.79
CA THR D 246 -87.85 3.07 8.11
C THR D 246 -88.34 4.00 9.21
N LEU D 247 -89.34 3.56 9.97
CA LEU D 247 -89.86 4.35 11.08
C LEU D 247 -88.76 4.67 12.08
N LEU D 248 -88.69 5.93 12.51
CA LEU D 248 -87.66 6.32 13.47
C LEU D 248 -87.77 5.43 14.72
N LYS D 249 -89.00 5.12 15.10
CA LYS D 249 -89.25 4.23 16.23
C LYS D 249 -90.65 3.67 16.00
N GLU D 250 -90.88 2.44 16.45
CA GLU D 250 -92.15 1.75 16.25
C GLU D 250 -93.44 2.35 16.77
N GLU D 251 -93.37 3.16 17.83
CA GLU D 251 -94.58 3.77 18.39
C GLU D 251 -94.73 5.27 18.08
N LYS D 252 -95.98 5.71 17.99
CA LYS D 252 -96.24 7.12 17.74
C LYS D 252 -95.66 7.99 18.84
N PHE D 253 -95.29 9.21 18.48
CA PHE D 253 -94.74 10.15 19.43
C PHE D 253 -95.89 10.75 20.20
N PRO D 254 -95.61 11.34 21.38
CA PRO D 254 -96.70 11.94 22.15
C PRO D 254 -97.51 12.95 21.35
N ASP D 255 -96.85 13.82 20.60
CA ASP D 255 -97.56 14.81 19.82
C ASP D 255 -97.01 14.90 18.41
N VAL D 256 -97.57 15.83 17.65
CA VAL D 256 -97.17 16.14 16.29
C VAL D 256 -95.68 16.48 16.21
N LEU D 257 -95.05 16.16 15.08
CA LEU D 257 -93.63 16.50 14.87
C LEU D 257 -93.66 17.64 13.85
N TRP D 258 -92.85 18.68 14.07
CA TRP D 258 -92.86 19.85 13.18
C TRP D 258 -91.62 20.05 12.32
N ARG D 259 -90.47 19.70 12.85
CA ARG D 259 -89.24 19.88 12.11
C ARG D 259 -88.28 18.75 12.39
N ALA D 260 -87.36 18.54 11.45
CA ALA D 260 -86.31 17.54 11.62
C ALA D 260 -85.08 18.30 11.09
N SER D 261 -83.91 18.03 11.65
CA SER D 261 -82.72 18.73 11.20
C SER D 261 -81.49 17.87 11.37
N TRP D 262 -80.65 17.79 10.34
CA TRP D 262 -79.44 16.97 10.39
C TRP D 262 -78.22 17.74 10.82
N SER D 263 -77.26 17.07 11.44
CA SER D 263 -76.04 17.72 11.85
C SER D 263 -75.12 17.75 10.64
N LEU D 264 -74.17 18.66 10.63
CA LEU D 264 -73.26 18.78 9.49
C LEU D 264 -72.44 17.50 9.33
N SER D 265 -72.17 16.83 10.44
CA SER D 265 -71.40 15.59 10.43
C SER D 265 -71.88 14.64 11.51
N GLY D 266 -71.78 13.34 11.23
CA GLY D 266 -72.21 12.33 12.19
C GLY D 266 -73.59 11.80 11.84
N ASN D 267 -74.28 12.57 11.00
CA ASN D 267 -75.61 12.21 10.55
C ASN D 267 -76.55 12.05 11.75
N VAL D 268 -76.56 13.06 12.60
CA VAL D 268 -77.43 13.05 13.78
C VAL D 268 -78.69 13.85 13.53
N LEU D 269 -79.84 13.23 13.77
CA LEU D 269 -81.10 13.91 13.56
C LEU D 269 -81.61 14.57 14.84
N ALA D 270 -82.22 15.73 14.70
CA ALA D 270 -82.77 16.47 15.82
C ALA D 270 -84.23 16.73 15.50
N LEU D 271 -85.10 16.08 16.26
CA LEU D 271 -86.54 16.16 16.07
C LEU D 271 -87.19 17.18 16.99
N SER D 272 -88.25 17.79 16.51
CA SER D 272 -88.98 18.79 17.27
C SER D 272 -90.46 18.46 17.25
N GLY D 273 -91.04 18.26 18.43
CA GLY D 273 -92.44 17.89 18.52
C GLY D 273 -93.37 18.88 19.22
N GLY D 274 -94.64 18.51 19.34
CA GLY D 274 -95.62 19.37 19.97
C GLY D 274 -95.43 19.55 21.47
N ASP D 275 -94.93 18.52 22.15
CA ASP D 275 -94.71 18.59 23.58
C ASP D 275 -93.52 19.53 23.84
N ASN D 276 -93.22 20.33 22.82
CA ASN D 276 -92.12 21.27 22.88
C ASN D 276 -90.81 20.57 23.22
N LYS D 277 -90.67 19.32 22.79
CA LYS D 277 -89.44 18.60 23.08
C LYS D 277 -88.58 18.37 21.85
N VAL D 278 -87.29 18.22 22.09
CA VAL D 278 -86.32 18.00 21.04
C VAL D 278 -85.53 16.74 21.36
N THR D 279 -85.63 15.75 20.47
CA THR D 279 -84.91 14.49 20.64
C THR D 279 -83.81 14.34 19.60
N LEU D 280 -82.70 13.72 20.01
CA LEU D 280 -81.57 13.52 19.13
C LEU D 280 -81.47 12.04 18.80
N TRP D 281 -81.19 11.71 17.55
CA TRP D 281 -81.11 10.33 17.14
C TRP D 281 -79.95 9.99 16.24
N LYS D 282 -79.48 8.76 16.36
CA LYS D 282 -78.38 8.28 15.53
C LYS D 282 -78.68 6.85 15.08
N GLU D 283 -78.02 6.43 14.02
CA GLU D 283 -78.23 5.10 13.45
C GLU D 283 -77.22 4.07 13.96
N ASN D 284 -77.71 2.89 14.35
CA ASN D 284 -76.82 1.83 14.84
C ASN D 284 -76.57 0.79 13.76
N LEU D 285 -75.77 -0.21 14.10
CA LEU D 285 -75.41 -1.29 13.19
C LEU D 285 -76.65 -1.96 12.59
N GLU D 286 -77.60 -2.27 13.46
CA GLU D 286 -78.84 -2.91 13.02
C GLU D 286 -79.58 -2.02 12.04
N GLY D 287 -78.95 -0.91 11.63
CA GLY D 287 -79.58 0.01 10.71
C GLY D 287 -80.80 0.68 11.29
N LYS D 288 -80.96 0.63 12.60
CA LYS D 288 -82.10 1.26 13.24
C LYS D 288 -81.67 2.52 13.99
N TRP D 289 -82.65 3.26 14.47
CA TRP D 289 -82.38 4.51 15.16
C TRP D 289 -82.58 4.52 16.67
N GLU D 290 -81.65 5.16 17.36
CA GLU D 290 -81.68 5.25 18.81
C GLU D 290 -81.19 6.61 19.29
N PRO D 291 -81.51 6.98 20.54
CA PRO D 291 -81.07 8.27 21.08
C PRO D 291 -79.57 8.49 20.93
N ALA D 292 -79.19 9.71 20.56
CA ALA D 292 -77.79 10.07 20.35
C ALA D 292 -77.13 10.72 21.57
N GLY D 293 -77.92 11.04 22.58
CA GLY D 293 -77.36 11.64 23.77
C GLY D 293 -78.34 11.57 24.93
N GLU D 294 -77.91 10.99 26.04
CA GLU D 294 -78.72 10.85 27.26
C GLU D 294 -80.22 11.11 27.05
N VAL D 295 -80.99 10.05 26.87
CA VAL D 295 -82.42 10.16 26.66
C VAL D 295 -83.08 10.81 27.88
N HIS D 296 -84.35 11.19 27.75
CA HIS D 296 -85.08 11.80 28.84
C HIS D 296 -86.47 11.19 29.00
#